data_8FOI
#
_entry.id   8FOI
#
_cell.length_a   1.00
_cell.length_b   1.00
_cell.length_c   1.00
_cell.angle_alpha   90.00
_cell.angle_beta   90.00
_cell.angle_gamma   90.00
#
_symmetry.space_group_name_H-M   'P 1'
#
loop_
_entity.id
_entity.type
_entity.pdbx_description
1 polymer 'Gamma-aminobutyric acid receptor subunit alpha-1'
2 polymer 'Gamma-aminobutyric acid receptor subunit beta-2'
3 polymer 'Gamma-aminobutyric acid receptor subunit gamma-2'
4 polymer 'Heavy Chain of 8E3 Fab'
5 polymer 'Light Chain of 8E3-Fab'
6 branched alpha-D-mannopyranose-(1-2)-alpha-D-mannopyranose-(1-3)-[alpha-D-mannopyranose-(1-3)-alpha-D-mannopyranose-(1-6)]beta-D-mannopyranose-(1-4)-2-acetamido-2-deoxy-beta-D-glucopyranose-(1-4)-2-acetamido-2-deoxy-beta-D-glucopyranose
7 branched alpha-D-mannopyranose-(1-3)-[alpha-D-mannopyranose-(1-6)]beta-D-mannopyranose-(1-4)-2-acetamido-2-deoxy-beta-D-glucopyranose-(1-4)-2-acetamido-2-deoxy-beta-D-glucopyranose
8 branched beta-D-mannopyranose-(1-4)-2-acetamido-2-deoxy-beta-D-glucopyranose-(1-4)-2-acetamido-2-deoxy-beta-D-glucopyranose
9 non-polymer '[(2R)-2-octanoyloxy-3-[oxidanyl-[(1R,2R,3S,4R,5R,6S)-2,3,6-tris(oxidanyl)-4,5-diphosphonooxy-cyclohexyl]oxy-phosphoryl]oxy-propyl] octanoate'
10 non-polymer DODECANE
11 non-polymer N-OCTANE
12 non-polymer '(2S)-3-(hexadecanoyloxy)-2-[(9Z)-octadec-9-enoyloxy]propyl 2-(trimethylammonio)ethyl phosphate'
13 non-polymer 'GAMMA-AMINO-BUTANOIC ACID'
14 non-polymer allopregnanolone
15 non-polymer 2-acetamido-2-deoxy-beta-D-glucopyranose
#
loop_
_entity_poly.entity_id
_entity_poly.type
_entity_poly.pdbx_seq_one_letter_code
_entity_poly.pdbx_strand_id
1 'polypeptide(L)'
;MKKSRGLSDYLWAWTLILSTLSGRSYGQPSQDELKDNTTVFTRILDRLLDGYDNRLRPGLGERVTEVKTDIFVTSFGPVS
DHDMEYTIDVFFRQSWKDERLKFKGPMTVLRLNNLMASKIWTPDTFFHNGKKSVAHNMTMPNKLLRITEDGTLLYTMRLT
VRAECPMHLEDFPMDAHACPLKFGSYAYTRAEVVYEWTREPARSVVVAEDGSRLNQYDLLGQTVDSGIVQSSTGEYVVMT
THFHLKRKIGYFVIQTYLPCIMTVILSQVSFWLNRESVPARTVFGVTTVLTMTTLSISARNSLPKVAYATAMDWFIAVCY
AFVFSALIEFATVNYFTKRGYAWDGKSVVPEKPKKVKDPLIKKNNTYAPTATSYTPNLARGDPGLATIAKSATIEPKEVK
PETKPPEPKKTFNSVSKIDRLSRIAFPLLFGIFNLVYWATYLNREPQLKAPTPHQ
;
A,C
2 'polypeptide(L)'
;MWRVRKRGYFGIWSFPLIIAAVCAQSVNDPSNMSLVKETVDRLLKGYDIRLRPDFGGPPVAVGMNIDIASIDMVSEVNMD
YTLTMYFQQAWRDKRLSYNVIPLNLTLDNRVADQLWVPDTYFLNDKKSFVHGVTVKNRMIRLHPDGTVLYGLRITTTAAC
MMDLRRYPLDEQNCTLEIESYGYTTDDIEFYWRGDDNAVTGVTKIELPQFSIVDYKLITKKVVFSTGSYPRLSLSFKLKR
NIGYFILQTYMPSILITILSWVSFWINYDASAARVALGITTVLTMTTINTHLRETLPKIPYVKAIDMYLMGCFVFVFMAL
LEYALVNYIFFGRGPQRQKKAAEKAANANNEKMRLDVNKMFYKDIKQNGTQYRSLWDPTGDLSPTRRTTNYDFSLYTMDP
HENILLSTLEIKNEMATSEAVMGLGDPRSTMLAYDASSIQYRKAGLPRHSFGRNALERHVAQKKSRLRRRASQLKITIPD
LTDVNAIDRWSRIFFPVVFSFFNIVYWLYYVN
;
B,E
3 'polypeptide(L)'
;MSSPNTWSIGSSVYSPVFSQKMTLWILLLLSLYPGFTSQKSDDDYEDYASNKTWVLTPKVPEGDVTVILNNLLEGYDNKL
RPDIGVKPTLIHTDMYVNSIGPVNAINMEYTIDIFFAQTWYDRRLKFNSTIKVLRLNSNMVGKIWIPDTFFRNSKKADAH
WITTPNRMLRIWNDGRVLYTLRLTIDAECQLQLHNFPMDEHSCPLEFSSYGYPREEIVYQWKRSSVEVGDTRSWRLYQFS
FVGLRNTTEVVKTTSGDYVVMSVYFDLSRRMGYFTIQTYIPCTLIVVLSWVSFWINKDAVPARTSLGITTVLTMTTLSTI
ARKSLPKVSYVTAMDLFVSVCFIFVFSALVEYGTLHYFVSNRKPSKDKDKKKKNPLLRMFSFKAPTIDIRPRSATIQMNN
ATHLQERDEEYGYECLDGKDCASFFCCFEDCRTGAWRHGRIHIRIAKMDSYARIFFPTAFCLFNLVYWVSYLYL
;
D
4 'polypeptide(L)'
;EIQLQQSGPELVKPGTSVKVSCKASGYSFTDYNMYWVKQSHGKSLEWIGYIDPYNADTTYNREFKGKATLTVDKSSSTAF
MHLNSLTSEDSAVYYCARKRNNFYFDYWGQGTPLTVSSAKTTPPSVYPLAPGCGDTTGSSVTLGCLVKGYFPESVTVTWN
SGSLSSSVHTFPALLQSGLYTMSSSVTVPSSTWPSQTVTCSVAHPASSTTVDKKSAALEVLFQ
;
H,J
5 'polypeptide(L)'
;YIVMTQSPKSMSMSLGERVTLSCRASEYVGSYVSWYQQKPEQSPKLLIYGASNRYTGVPDRFAGSGSATDFTLTITSVQA
EDLADYHCGQTYNYPTFGGGTKLEIKRADAAPTVSIFPPSSEQLTSGGASVVCFLNNFYPKDINVKWKIDGSERQNGVLN
SWTDQDSKDSTYSMSSTLTLTKDEYERHNSYTCEATHKTSTSPIVKSFNRNEC
;
K,L
#
# COMPACT_ATOMS: atom_id res chain seq x y z
N ASP A 36 -18.55 10.01 46.52
CA ASP A 36 -19.98 10.11 46.75
C ASP A 36 -20.57 11.29 45.99
N ASN A 37 -19.74 12.32 45.75
CA ASN A 37 -20.21 13.47 44.98
C ASN A 37 -20.58 13.07 43.56
N THR A 38 -19.79 12.19 42.96
CA THR A 38 -20.08 11.72 41.61
C THR A 38 -21.19 10.68 41.57
N THR A 39 -21.51 10.05 42.71
CA THR A 39 -22.53 9.01 42.73
C THR A 39 -23.88 9.55 42.28
N VAL A 40 -24.13 10.85 42.48
CA VAL A 40 -25.36 11.45 41.96
C VAL A 40 -25.40 11.37 40.45
N PHE A 41 -24.28 11.67 39.80
CA PHE A 41 -24.22 11.63 38.34
C PHE A 41 -24.15 10.21 37.81
N THR A 42 -23.53 9.29 38.54
CA THR A 42 -23.50 7.90 38.12
C THR A 42 -24.91 7.32 38.05
N ARG A 43 -25.74 7.63 39.05
CA ARG A 43 -27.11 7.13 39.04
C ARG A 43 -27.92 7.70 37.89
N ILE A 44 -27.57 8.89 37.42
CA ILE A 44 -28.27 9.45 36.26
C ILE A 44 -27.95 8.66 35.00
N LEU A 45 -26.67 8.39 34.76
CA LEU A 45 -26.28 7.67 33.55
C LEU A 45 -26.82 6.25 33.56
N ASP A 46 -26.84 5.60 34.74
CA ASP A 46 -27.44 4.28 34.84
C ASP A 46 -28.92 4.32 34.48
N ARG A 47 -29.61 5.37 34.91
CA ARG A 47 -31.03 5.48 34.60
C ARG A 47 -31.25 5.66 33.10
N LEU A 48 -30.41 6.48 32.45
CA LEU A 48 -30.59 6.73 31.02
C LEU A 48 -30.46 5.45 30.21
N LEU A 49 -29.43 4.65 30.49
CA LEU A 49 -29.16 3.44 29.74
C LEU A 49 -29.97 2.25 30.22
N ASP A 50 -30.76 2.40 31.28
CA ASP A 50 -31.59 1.30 31.75
C ASP A 50 -32.75 1.09 30.78
N GLY A 51 -32.82 -0.11 30.20
CA GLY A 51 -33.85 -0.38 29.21
C GLY A 51 -33.69 0.46 27.95
N TYR A 52 -32.46 0.76 27.56
CA TYR A 52 -32.16 1.52 26.36
C TYR A 52 -31.68 0.56 25.28
N ASP A 53 -32.26 0.67 24.09
CA ASP A 53 -31.93 -0.18 22.95
C ASP A 53 -31.22 0.69 21.92
N ASN A 54 -29.90 0.57 21.85
CA ASN A 54 -29.12 1.34 20.90
C ASN A 54 -29.22 0.83 19.48
N ARG A 55 -29.99 -0.23 19.23
CA ARG A 55 -30.23 -0.73 17.89
C ARG A 55 -31.35 -0.01 17.17
N LEU A 56 -32.14 0.81 17.87
CA LEU A 56 -33.33 1.45 17.33
C LEU A 56 -33.12 2.96 17.31
N ARG A 57 -33.33 3.57 16.15
CA ARG A 57 -33.16 5.01 16.03
C ARG A 57 -34.24 5.74 16.83
N PRO A 58 -34.00 6.99 17.21
CA PRO A 58 -35.06 7.76 17.88
C PRO A 58 -36.29 7.88 17.00
N GLY A 59 -37.46 7.77 17.63
CA GLY A 59 -38.71 7.87 16.90
C GLY A 59 -38.87 6.82 15.83
N LEU A 60 -38.44 5.58 16.10
CA LEU A 60 -38.58 4.51 15.13
C LEU A 60 -40.05 4.17 14.94
N GLY A 61 -40.50 4.17 13.69
CA GLY A 61 -41.89 3.89 13.38
C GLY A 61 -42.85 4.99 13.73
N GLU A 62 -42.37 6.13 14.25
CA GLU A 62 -43.21 7.24 14.66
C GLU A 62 -42.84 8.55 13.99
N ARG A 63 -41.57 8.78 13.72
CA ARG A 63 -41.10 10.09 13.27
C ARG A 63 -39.78 9.90 12.54
N VAL A 64 -39.50 10.85 11.65
CA VAL A 64 -38.19 10.88 10.99
C VAL A 64 -37.17 11.44 11.97
N THR A 65 -35.94 10.95 11.88
CA THR A 65 -34.85 11.40 12.74
C THR A 65 -34.12 12.54 12.04
N GLU A 66 -34.31 13.76 12.52
CA GLU A 66 -33.62 14.92 11.98
C GLU A 66 -32.22 14.99 12.58
N VAL A 67 -31.20 14.95 11.73
CA VAL A 67 -29.81 15.07 12.14
C VAL A 67 -29.29 16.39 11.60
N LYS A 68 -29.00 17.32 12.50
CA LYS A 68 -28.37 18.58 12.14
C LYS A 68 -26.86 18.40 12.18
N THR A 69 -26.19 18.72 11.08
CA THR A 69 -24.77 18.46 10.93
C THR A 69 -24.05 19.71 10.43
N ASP A 70 -22.83 19.90 10.91
CA ASP A 70 -21.93 20.92 10.39
C ASP A 70 -20.51 20.39 10.43
N ILE A 71 -19.65 21.00 9.63
CA ILE A 71 -18.26 20.58 9.48
C ILE A 71 -17.37 21.76 9.80
N PHE A 72 -16.34 21.52 10.61
CA PHE A 72 -15.26 22.47 10.83
C PHE A 72 -13.99 21.85 10.27
N VAL A 73 -13.49 22.42 9.17
CA VAL A 73 -12.34 21.88 8.48
C VAL A 73 -11.09 22.44 9.14
N THR A 74 -10.43 21.63 9.97
CA THR A 74 -9.21 22.06 10.63
C THR A 74 -8.05 22.20 9.66
N SER A 75 -8.11 21.52 8.52
CA SER A 75 -7.10 21.66 7.48
C SER A 75 -7.60 20.97 6.23
N PHE A 76 -7.43 21.62 5.08
CA PHE A 76 -7.81 21.05 3.79
C PHE A 76 -6.56 20.39 3.21
N GLY A 77 -6.52 19.07 3.31
CA GLY A 77 -5.33 18.31 2.97
C GLY A 77 -4.89 18.49 1.54
N PRO A 78 -3.75 17.89 1.18
CA PRO A 78 -3.26 18.02 -0.19
C PRO A 78 -4.16 17.32 -1.18
N VAL A 79 -4.13 17.82 -2.42
CA VAL A 79 -4.88 17.24 -3.53
C VAL A 79 -3.93 16.36 -4.33
N SER A 80 -4.35 15.12 -4.57
CA SER A 80 -3.58 14.16 -5.34
C SER A 80 -4.28 13.99 -6.69
N ASP A 81 -3.91 14.86 -7.64
CA ASP A 81 -4.48 14.77 -8.98
C ASP A 81 -4.13 13.46 -9.67
N HIS A 82 -3.04 12.81 -9.26
CA HIS A 82 -2.70 11.51 -9.86
C HIS A 82 -3.76 10.47 -9.55
N ASP A 83 -4.26 10.46 -8.32
CA ASP A 83 -5.30 9.54 -7.90
C ASP A 83 -6.70 10.14 -7.95
N MET A 84 -6.83 11.39 -8.38
CA MET A 84 -8.11 12.10 -8.42
C MET A 84 -8.79 12.05 -7.05
N GLU A 85 -8.09 12.57 -6.05
CA GLU A 85 -8.57 12.54 -4.68
C GLU A 85 -7.97 13.70 -3.91
N TYR A 86 -8.57 13.99 -2.76
CA TYR A 86 -8.05 14.99 -1.84
C TYR A 86 -8.26 14.51 -0.42
N THR A 87 -7.44 15.03 0.48
CA THR A 87 -7.55 14.75 1.90
C THR A 87 -8.12 15.96 2.62
N ILE A 88 -8.86 15.70 3.69
CA ILE A 88 -9.49 16.77 4.47
C ILE A 88 -9.63 16.28 5.90
N ASP A 89 -9.20 17.11 6.85
CA ASP A 89 -9.34 16.83 8.27
C ASP A 89 -10.43 17.75 8.83
N VAL A 90 -11.40 17.15 9.52
CA VAL A 90 -12.60 17.87 9.95
C VAL A 90 -12.97 17.46 11.36
N PHE A 91 -13.68 18.37 12.04
CA PHE A 91 -14.49 18.04 13.21
C PHE A 91 -15.91 17.84 12.70
N PHE A 92 -16.30 16.60 12.44
CA PHE A 92 -17.60 16.30 11.87
C PHE A 92 -18.62 16.31 12.99
N ARG A 93 -19.33 17.42 13.14
CA ARG A 93 -20.35 17.57 14.18
C ARG A 93 -21.70 17.16 13.62
N GLN A 94 -22.47 16.42 14.42
CA GLN A 94 -23.84 16.10 14.08
C GLN A 94 -24.65 15.99 15.37
N SER A 95 -25.85 16.56 15.34
CA SER A 95 -26.70 16.64 16.51
C SER A 95 -28.11 16.18 16.16
N TRP A 96 -28.76 15.53 17.13
CA TRP A 96 -30.12 15.02 16.93
C TRP A 96 -30.80 14.92 18.29
N LYS A 97 -32.12 14.84 18.26
CA LYS A 97 -32.94 14.75 19.47
C LYS A 97 -33.24 13.28 19.75
N ASP A 98 -33.00 12.86 20.99
CA ASP A 98 -33.31 11.51 21.45
C ASP A 98 -34.07 11.65 22.76
N GLU A 99 -35.39 11.46 22.72
CA GLU A 99 -36.21 11.65 23.90
C GLU A 99 -35.90 10.64 25.00
N ARG A 100 -35.27 9.52 24.65
CA ARG A 100 -34.91 8.52 25.65
C ARG A 100 -33.83 9.02 26.61
N LEU A 101 -33.12 10.09 26.26
CA LEU A 101 -31.99 10.59 27.03
C LEU A 101 -32.29 11.90 27.74
N LYS A 102 -33.55 12.13 28.09
CA LYS A 102 -33.90 13.27 28.92
C LYS A 102 -33.54 12.98 30.37
N PHE A 103 -33.16 14.03 31.09
CA PHE A 103 -32.80 13.87 32.50
C PHE A 103 -33.00 15.21 33.20
N LYS A 104 -33.00 15.15 34.54
CA LYS A 104 -33.03 16.32 35.39
C LYS A 104 -31.98 16.14 36.49
N GLY A 105 -31.15 17.16 36.69
CA GLY A 105 -30.10 17.10 37.67
C GLY A 105 -29.44 18.43 37.89
N PRO A 106 -28.36 18.46 38.68
CA PRO A 106 -27.68 19.74 38.93
C PRO A 106 -27.12 20.38 37.68
N MET A 107 -26.68 19.60 36.71
CA MET A 107 -26.11 20.12 35.47
C MET A 107 -27.13 20.00 34.34
N THR A 108 -27.11 21.00 33.45
CA THR A 108 -27.97 20.99 32.27
C THR A 108 -27.33 20.29 31.08
N VAL A 109 -26.03 20.02 31.12
CA VAL A 109 -25.33 19.32 30.05
C VAL A 109 -24.39 18.31 30.69
N LEU A 110 -24.42 17.07 30.19
CA LEU A 110 -23.50 16.03 30.63
C LEU A 110 -22.38 15.93 29.60
N ARG A 111 -21.21 16.45 29.94
CA ARG A 111 -20.06 16.45 29.05
C ARG A 111 -19.29 15.15 29.27
N LEU A 112 -19.42 14.23 28.31
CA LEU A 112 -18.97 12.85 28.45
C LEU A 112 -17.89 12.55 27.42
N ASN A 113 -17.41 11.30 27.44
CA ASN A 113 -16.31 10.83 26.60
C ASN A 113 -16.84 9.80 25.60
N ASN A 114 -15.92 9.20 24.85
CA ASN A 114 -16.31 8.32 23.75
C ASN A 114 -17.08 7.09 24.22
N LEU A 115 -16.88 6.68 25.48
CA LEU A 115 -17.49 5.43 25.95
C LEU A 115 -19.01 5.48 25.83
N MET A 116 -19.62 6.60 26.21
CA MET A 116 -21.06 6.74 26.09
C MET A 116 -21.53 6.77 24.64
N ALA A 117 -20.65 7.14 23.71
CA ALA A 117 -21.05 7.15 22.31
C ALA A 117 -21.42 5.76 21.82
N SER A 118 -20.65 4.76 22.22
CA SER A 118 -20.94 3.39 21.82
C SER A 118 -22.13 2.80 22.56
N LYS A 119 -22.52 3.37 23.69
CA LYS A 119 -23.65 2.85 24.45
C LYS A 119 -24.99 3.29 23.90
N ILE A 120 -25.03 4.38 23.14
CA ILE A 120 -26.28 4.95 22.66
C ILE A 120 -26.34 4.80 21.13
N TRP A 121 -27.53 5.04 20.58
CA TRP A 121 -27.70 5.07 19.14
C TRP A 121 -27.09 6.35 18.59
N THR A 122 -26.28 6.21 17.53
CA THR A 122 -25.74 7.34 16.80
C THR A 122 -25.93 7.10 15.31
N PRO A 123 -26.08 8.15 14.51
CA PRO A 123 -26.35 7.94 13.09
C PRO A 123 -25.18 7.25 12.40
N ASP A 124 -25.52 6.44 11.40
CA ASP A 124 -24.52 5.70 10.62
C ASP A 124 -24.10 6.49 9.38
N THR A 125 -23.67 7.73 9.59
CA THR A 125 -23.27 8.58 8.47
C THR A 125 -22.05 7.98 7.77
N PHE A 126 -21.96 8.23 6.48
CA PHE A 126 -20.80 7.80 5.70
C PHE A 126 -20.68 8.73 4.51
N PHE A 127 -19.50 8.71 3.89
CA PHE A 127 -19.18 9.61 2.80
C PHE A 127 -19.28 8.85 1.48
N HIS A 128 -20.16 9.31 0.60
CA HIS A 128 -20.44 8.57 -0.63
C HIS A 128 -19.20 8.43 -1.49
N ASN A 129 -18.41 9.49 -1.60
CA ASN A 129 -17.19 9.48 -2.40
C ASN A 129 -15.94 9.29 -1.56
N GLY A 130 -16.09 8.92 -0.29
CA GLY A 130 -14.92 8.62 0.52
C GLY A 130 -14.21 7.38 0.03
N LYS A 131 -12.88 7.43 0.06
CA LYS A 131 -12.04 6.32 -0.41
C LYS A 131 -11.50 5.49 0.74
N LYS A 132 -10.77 6.12 1.66
CA LYS A 132 -10.36 5.43 2.89
C LYS A 132 -10.09 6.50 3.93
N SER A 133 -11.04 6.67 4.85
CA SER A 133 -10.97 7.68 5.88
C SER A 133 -10.46 7.09 7.18
N VAL A 134 -10.02 7.98 8.07
CA VAL A 134 -9.45 7.60 9.37
C VAL A 134 -10.26 8.30 10.45
N ALA A 135 -10.69 7.52 11.44
CA ALA A 135 -11.30 8.06 12.66
C ALA A 135 -10.22 8.04 13.73
N HIS A 136 -9.56 9.18 13.92
CA HIS A 136 -8.41 9.25 14.80
C HIS A 136 -8.78 8.85 16.23
N ASN A 137 -7.93 8.05 16.85
CA ASN A 137 -8.15 7.62 18.22
C ASN A 137 -6.85 7.64 19.02
N MET A 138 -6.07 8.69 18.84
CA MET A 138 -4.85 8.92 19.61
C MET A 138 -4.99 10.24 20.36
N THR A 139 -4.79 10.23 21.69
CA THR A 139 -4.47 9.14 22.61
C THR A 139 -5.68 8.23 22.84
N MET A 140 -6.86 8.83 22.88
CA MET A 140 -8.12 8.13 23.03
C MET A 140 -8.98 8.43 21.81
N PRO A 141 -10.09 7.70 21.59
CA PRO A 141 -10.99 8.04 20.49
C PRO A 141 -11.37 9.51 20.46
N ASN A 142 -10.97 10.21 19.39
CA ASN A 142 -11.20 11.66 19.28
C ASN A 142 -12.67 11.89 18.99
N LYS A 143 -13.47 11.80 20.05
CA LYS A 143 -14.91 11.99 19.97
C LYS A 143 -15.37 12.65 21.26
N LEU A 144 -16.45 13.43 21.15
CA LEU A 144 -17.11 14.02 22.30
C LEU A 144 -18.60 13.75 22.20
N LEU A 145 -19.23 13.61 23.36
CA LEU A 145 -20.66 13.33 23.43
C LEU A 145 -21.25 14.14 24.56
N ARG A 146 -22.16 15.05 24.23
CA ARG A 146 -22.79 15.94 25.19
C ARG A 146 -24.30 15.74 25.12
N ILE A 147 -24.91 15.49 26.27
CA ILE A 147 -26.34 15.21 26.37
C ILE A 147 -26.97 16.37 27.13
N THR A 148 -27.69 17.23 26.42
CA THR A 148 -28.43 18.30 27.06
C THR A 148 -29.65 17.73 27.76
N GLU A 149 -30.12 18.44 28.78
CA GLU A 149 -31.17 17.90 29.64
C GLU A 149 -32.47 17.66 28.89
N ASP A 150 -32.67 18.29 27.74
CA ASP A 150 -33.87 18.09 26.94
C ASP A 150 -33.77 16.90 26.00
N GLY A 151 -32.66 16.14 26.06
CA GLY A 151 -32.46 14.99 25.21
C GLY A 151 -31.65 15.26 23.96
N THR A 152 -31.35 16.52 23.67
CA THR A 152 -30.53 16.83 22.51
C THR A 152 -29.13 16.27 22.69
N LEU A 153 -28.54 15.80 21.59
CA LEU A 153 -27.19 15.23 21.59
C LEU A 153 -26.31 16.04 20.65
N LEU A 154 -25.09 16.30 21.09
CA LEU A 154 -24.02 16.80 20.22
C LEU A 154 -22.93 15.73 20.20
N TYR A 155 -22.59 15.27 19.00
CA TYR A 155 -21.66 14.15 18.82
C TYR A 155 -20.71 14.51 17.69
N THR A 156 -19.58 15.12 18.04
CA THR A 156 -18.55 15.47 17.08
C THR A 156 -17.43 14.44 17.13
N MET A 157 -16.67 14.38 16.04
CA MET A 157 -15.57 13.42 15.94
C MET A 157 -14.57 13.94 14.93
N ARG A 158 -13.29 13.68 15.21
CA ARG A 158 -12.20 14.11 14.34
C ARG A 158 -11.94 13.03 13.30
N LEU A 159 -11.99 13.42 12.02
CA LEU A 159 -11.85 12.50 10.91
C LEU A 159 -10.82 13.02 9.93
N THR A 160 -10.24 12.11 9.17
CA THR A 160 -9.37 12.44 8.04
C THR A 160 -9.96 11.71 6.83
N VAL A 161 -10.81 12.41 6.11
CA VAL A 161 -11.51 11.83 4.96
C VAL A 161 -10.66 11.98 3.73
N ARG A 162 -10.42 10.87 3.03
CA ARG A 162 -9.77 10.86 1.72
C ARG A 162 -10.85 10.58 0.69
N ALA A 163 -11.26 11.63 -0.02
CA ALA A 163 -12.43 11.57 -0.89
C ALA A 163 -12.03 11.60 -2.36
N GLU A 164 -12.93 11.08 -3.19
CA GLU A 164 -12.72 11.01 -4.63
C GLU A 164 -13.20 12.32 -5.26
N CYS A 165 -12.30 12.98 -5.99
CA CYS A 165 -12.62 14.23 -6.69
C CYS A 165 -12.39 14.02 -8.18
N PRO A 166 -13.42 13.70 -8.96
CA PRO A 166 -13.20 13.51 -10.40
C PRO A 166 -12.81 14.83 -11.07
N MET A 167 -11.64 14.83 -11.72
CA MET A 167 -11.09 16.01 -12.35
C MET A 167 -11.13 15.86 -13.87
N HIS A 168 -11.56 16.91 -14.55
CA HIS A 168 -11.50 16.99 -16.00
C HIS A 168 -10.31 17.89 -16.34
N LEU A 169 -9.19 17.27 -16.70
CA LEU A 169 -7.94 17.99 -16.91
C LEU A 169 -7.79 18.43 -18.37
N GLU A 170 -8.79 19.12 -18.90
CA GLU A 170 -8.71 19.63 -20.27
C GLU A 170 -7.90 20.92 -20.35
N ASP A 171 -7.97 21.76 -19.31
CA ASP A 171 -7.25 23.02 -19.27
C ASP A 171 -6.02 22.96 -18.35
N PHE A 172 -5.56 21.76 -18.01
CA PHE A 172 -4.42 21.63 -17.12
C PHE A 172 -3.21 22.32 -17.73
N PRO A 173 -2.40 23.07 -16.94
CA PRO A 173 -2.48 23.34 -15.50
C PRO A 173 -3.33 24.56 -15.13
N MET A 174 -3.96 25.23 -16.11
CA MET A 174 -4.79 26.41 -15.84
C MET A 174 -6.25 26.01 -15.69
N ASP A 175 -6.51 25.12 -14.72
CA ASP A 175 -7.81 24.52 -14.52
C ASP A 175 -8.26 24.67 -13.08
N ALA A 176 -9.57 24.63 -12.89
CA ALA A 176 -10.19 24.73 -11.57
C ALA A 176 -11.21 23.60 -11.42
N HIS A 177 -11.37 23.14 -10.18
CA HIS A 177 -12.26 22.03 -9.87
C HIS A 177 -13.12 22.36 -8.67
N ALA A 178 -14.29 21.73 -8.62
CA ALA A 178 -15.20 21.80 -7.48
C ALA A 178 -15.25 20.40 -6.89
N CYS A 179 -14.34 20.11 -5.97
CA CYS A 179 -14.24 18.76 -5.43
C CYS A 179 -15.38 18.50 -4.45
N PRO A 180 -16.21 17.48 -4.67
CA PRO A 180 -17.37 17.28 -3.79
C PRO A 180 -17.01 16.50 -2.53
N LEU A 181 -17.86 16.68 -1.51
CA LEU A 181 -17.78 15.93 -0.26
C LEU A 181 -19.22 15.59 0.12
N LYS A 182 -19.68 14.44 -0.35
CA LYS A 182 -21.05 13.99 -0.13
C LYS A 182 -21.09 13.03 1.06
N PHE A 183 -22.17 13.11 1.84
CA PHE A 183 -22.35 12.19 2.95
C PHE A 183 -23.83 12.01 3.23
N GLY A 184 -24.12 10.94 3.96
CA GLY A 184 -25.49 10.62 4.31
C GLY A 184 -25.53 9.32 5.07
N SER A 185 -26.73 8.89 5.43
CA SER A 185 -26.91 7.64 6.14
C SER A 185 -26.68 6.46 5.20
N TYR A 186 -26.00 5.43 5.70
CA TYR A 186 -25.74 4.25 4.89
C TYR A 186 -26.96 3.36 4.76
N ALA A 187 -27.75 3.23 5.82
CA ALA A 187 -28.83 2.25 5.88
C ALA A 187 -30.22 2.88 5.89
N TYR A 188 -30.37 4.07 6.44
CA TYR A 188 -31.68 4.67 6.65
C TYR A 188 -32.08 5.53 5.47
N THR A 189 -33.27 5.27 4.92
CA THR A 189 -33.77 6.00 3.77
C THR A 189 -34.30 7.36 4.22
N ARG A 190 -34.78 8.16 3.25
CA ARG A 190 -35.26 9.49 3.56
C ARG A 190 -36.43 9.46 4.55
N ALA A 191 -37.20 8.37 4.55
CA ALA A 191 -38.32 8.23 5.47
C ALA A 191 -37.89 7.84 6.86
N GLU A 192 -36.60 7.57 7.09
CA GLU A 192 -36.10 7.10 8.37
C GLU A 192 -35.22 8.14 9.05
N VAL A 193 -34.18 8.62 8.39
CA VAL A 193 -33.36 9.72 8.89
C VAL A 193 -33.16 10.72 7.77
N VAL A 194 -33.30 12.00 8.10
CA VAL A 194 -33.09 13.10 7.17
C VAL A 194 -32.05 14.03 7.76
N TYR A 195 -31.10 14.45 6.92
CA TYR A 195 -30.02 15.31 7.36
C TYR A 195 -30.34 16.77 7.08
N GLU A 196 -29.59 17.65 7.74
CA GLU A 196 -29.89 19.07 7.74
C GLU A 196 -28.64 19.80 8.22
N TRP A 197 -28.49 21.05 7.79
CA TRP A 197 -27.41 21.89 8.26
C TRP A 197 -27.85 22.63 9.53
N THR A 198 -26.96 22.65 10.54
CA THR A 198 -27.34 23.17 11.84
C THR A 198 -27.55 24.68 11.81
N ARG A 199 -26.84 25.38 10.94
CA ARG A 199 -26.97 26.82 10.74
C ARG A 199 -27.44 27.04 9.30
N GLU A 200 -27.40 28.28 8.84
CA GLU A 200 -27.64 28.55 7.43
C GLU A 200 -26.69 27.69 6.60
N PRO A 201 -27.13 27.13 5.47
CA PRO A 201 -26.22 26.29 4.68
C PRO A 201 -24.94 27.00 4.29
N ALA A 202 -24.98 28.32 4.09
CA ALA A 202 -23.75 29.06 3.81
C ALA A 202 -22.81 29.06 5.02
N ARG A 203 -23.36 28.98 6.22
CA ARG A 203 -22.59 29.16 7.45
C ARG A 203 -22.27 27.84 8.15
N SER A 204 -22.51 26.70 7.51
CA SER A 204 -22.43 25.41 8.18
C SER A 204 -21.17 24.63 7.88
N VAL A 205 -20.44 24.96 6.83
CA VAL A 205 -19.12 24.40 6.56
C VAL A 205 -18.11 25.52 6.74
N VAL A 206 -17.35 25.45 7.82
CA VAL A 206 -16.40 26.50 8.20
C VAL A 206 -15.00 25.93 8.09
N VAL A 207 -14.11 26.67 7.44
CA VAL A 207 -12.73 26.25 7.24
C VAL A 207 -11.85 27.05 8.20
N ALA A 208 -10.97 26.35 8.91
CA ALA A 208 -10.06 27.02 9.83
C ALA A 208 -9.21 28.02 9.08
N GLU A 209 -9.00 29.18 9.71
CA GLU A 209 -8.32 30.27 9.03
C GLU A 209 -6.88 29.89 8.68
N ASP A 210 -6.17 29.24 9.59
CA ASP A 210 -4.80 28.82 9.36
C ASP A 210 -4.69 27.39 8.83
N GLY A 211 -5.81 26.71 8.63
CA GLY A 211 -5.78 25.33 8.19
C GLY A 211 -5.83 25.19 6.68
N SER A 212 -4.68 24.99 6.06
CA SER A 212 -4.61 24.76 4.62
C SER A 212 -3.30 24.07 4.31
N ARG A 213 -3.37 22.80 3.90
CA ARG A 213 -2.20 22.03 3.51
C ARG A 213 -2.07 21.92 2.00
N LEU A 214 -2.82 22.71 1.25
CA LEU A 214 -2.68 22.72 -0.19
C LEU A 214 -1.35 23.34 -0.59
N ASN A 215 -0.70 22.73 -1.60
CA ASN A 215 0.54 23.25 -2.15
C ASN A 215 0.33 23.97 -3.47
N GLN A 216 -0.30 23.30 -4.44
CA GLN A 216 -0.51 23.84 -5.77
C GLN A 216 -1.98 24.09 -6.06
N TYR A 217 -2.71 24.54 -5.05
CA TYR A 217 -4.12 24.88 -5.22
C TYR A 217 -4.49 25.98 -4.25
N ASP A 218 -5.57 26.70 -4.57
CA ASP A 218 -6.15 27.70 -3.71
C ASP A 218 -7.61 27.35 -3.44
N LEU A 219 -8.01 27.44 -2.18
CA LEU A 219 -9.39 27.16 -1.78
C LEU A 219 -10.18 28.45 -1.93
N LEU A 220 -10.80 28.62 -3.10
CA LEU A 220 -11.57 29.84 -3.36
C LEU A 220 -12.75 29.95 -2.39
N GLY A 221 -13.41 28.83 -2.11
CA GLY A 221 -14.54 28.84 -1.22
C GLY A 221 -15.25 27.49 -1.29
N GLN A 222 -16.40 27.42 -0.62
CA GLN A 222 -17.21 26.21 -0.66
C GLN A 222 -18.68 26.59 -0.83
N THR A 223 -19.43 25.66 -1.41
CA THR A 223 -20.87 25.74 -1.51
C THR A 223 -21.46 24.40 -1.12
N VAL A 224 -22.69 24.43 -0.59
CA VAL A 224 -23.34 23.23 -0.08
C VAL A 224 -24.72 23.09 -0.73
N ASP A 225 -25.24 21.88 -0.68
CA ASP A 225 -26.57 21.59 -1.19
C ASP A 225 -27.06 20.30 -0.56
N SER A 226 -28.35 20.03 -0.72
CA SER A 226 -28.97 18.82 -0.21
C SER A 226 -29.92 18.28 -1.27
N GLY A 227 -29.96 16.95 -1.40
CA GLY A 227 -30.80 16.33 -2.40
C GLY A 227 -31.10 14.90 -2.03
N ILE A 228 -31.84 14.23 -2.92
CA ILE A 228 -32.24 12.85 -2.76
C ILE A 228 -31.58 12.02 -3.85
N VAL A 229 -31.07 10.85 -3.48
CA VAL A 229 -30.42 9.93 -4.41
C VAL A 229 -31.18 8.62 -4.39
N GLN A 230 -31.51 8.12 -5.58
CA GLN A 230 -32.09 6.79 -5.73
C GLN A 230 -31.01 5.74 -5.69
N SER A 231 -31.37 4.55 -5.22
CA SER A 231 -30.44 3.43 -5.17
C SER A 231 -31.24 2.13 -5.14
N SER A 232 -30.52 1.02 -5.09
CA SER A 232 -31.18 -0.29 -5.05
C SER A 232 -32.01 -0.45 -3.79
N THR A 233 -31.62 0.21 -2.70
CA THR A 233 -32.24 0.03 -1.40
C THR A 233 -33.32 1.06 -1.10
N GLY A 234 -33.34 2.19 -1.81
CA GLY A 234 -34.35 3.20 -1.60
C GLY A 234 -33.81 4.61 -1.78
N GLU A 235 -34.64 5.60 -1.50
CA GLU A 235 -34.24 6.99 -1.62
C GLU A 235 -33.50 7.42 -0.35
N TYR A 236 -32.37 8.10 -0.52
CA TYR A 236 -31.55 8.55 0.59
C TYR A 236 -31.24 10.03 0.43
N VAL A 237 -31.15 10.71 1.57
CA VAL A 237 -30.76 12.13 1.59
C VAL A 237 -29.24 12.21 1.50
N VAL A 238 -28.75 13.05 0.59
CA VAL A 238 -27.32 13.26 0.40
C VAL A 238 -27.02 14.73 0.67
N MET A 239 -26.07 14.98 1.56
CA MET A 239 -25.62 16.34 1.88
C MET A 239 -24.32 16.58 1.13
N THR A 240 -24.35 17.50 0.18
CA THR A 240 -23.24 17.75 -0.72
C THR A 240 -22.53 19.04 -0.34
N THR A 241 -21.20 18.98 -0.30
CA THR A 241 -20.35 20.16 -0.16
C THR A 241 -19.36 20.16 -1.32
N HIS A 242 -19.25 21.28 -2.01
CA HIS A 242 -18.32 21.45 -3.12
C HIS A 242 -17.25 22.45 -2.72
N PHE A 243 -16.02 21.99 -2.58
CA PHE A 243 -14.89 22.86 -2.32
C PHE A 243 -14.31 23.31 -3.65
N HIS A 244 -14.34 24.61 -3.89
CA HIS A 244 -13.95 25.16 -5.19
C HIS A 244 -12.46 25.47 -5.18
N LEU A 245 -11.69 24.64 -5.86
CA LEU A 245 -10.24 24.76 -5.92
C LEU A 245 -9.82 25.42 -7.24
N LYS A 246 -8.57 25.89 -7.25
CA LYS A 246 -7.98 26.47 -8.46
C LYS A 246 -6.48 26.22 -8.41
N ARG A 247 -5.96 25.50 -9.40
CA ARG A 247 -4.55 25.19 -9.41
C ARG A 247 -3.72 26.46 -9.53
N LYS A 248 -2.57 26.46 -8.86
CA LYS A 248 -1.57 27.51 -9.01
C LYS A 248 -0.50 27.00 -9.95
N ILE A 249 -0.27 27.73 -11.04
CA ILE A 249 0.59 27.26 -12.12
C ILE A 249 2.03 27.66 -11.91
N GLY A 250 2.35 28.18 -10.72
CA GLY A 250 3.71 28.64 -10.47
C GLY A 250 4.73 27.54 -10.62
N TYR A 251 4.40 26.33 -10.18
CA TYR A 251 5.34 25.22 -10.35
C TYR A 251 5.54 24.90 -11.82
N PHE A 252 4.44 24.70 -12.56
CA PHE A 252 4.55 24.25 -13.93
C PHE A 252 5.16 25.28 -14.84
N VAL A 253 5.11 26.56 -14.47
CA VAL A 253 5.77 27.59 -15.25
C VAL A 253 7.27 27.36 -15.26
N ILE A 254 7.85 27.04 -14.10
CA ILE A 254 9.30 26.91 -13.96
C ILE A 254 9.75 25.45 -14.02
N GLN A 255 8.87 24.53 -14.39
CA GLN A 255 9.21 23.12 -14.54
C GLN A 255 9.03 22.62 -15.96
N THR A 256 8.00 23.10 -16.66
CA THR A 256 7.73 22.68 -18.03
C THR A 256 7.75 23.85 -19.02
N TYR A 257 7.05 24.93 -18.72
CA TYR A 257 6.94 26.02 -19.69
C TYR A 257 8.28 26.71 -19.91
N LEU A 258 8.96 27.08 -18.84
CA LEU A 258 10.26 27.74 -19.00
C LEU A 258 11.27 26.85 -19.71
N PRO A 259 11.48 25.59 -19.31
CA PRO A 259 12.33 24.71 -20.12
C PRO A 259 11.82 24.55 -21.54
N CYS A 260 10.50 24.48 -21.74
CA CYS A 260 9.96 24.41 -23.09
C CYS A 260 10.22 25.69 -23.86
N ILE A 261 10.11 26.84 -23.21
CA ILE A 261 10.34 28.11 -23.88
C ILE A 261 11.81 28.29 -24.22
N MET A 262 12.70 27.88 -23.31
CA MET A 262 14.12 28.10 -23.53
C MET A 262 14.68 27.16 -24.59
N THR A 263 14.25 25.89 -24.59
CA THR A 263 14.71 24.99 -25.64
C THR A 263 14.23 25.43 -27.00
N VAL A 264 13.09 26.12 -27.07
CA VAL A 264 12.66 26.73 -28.32
C VAL A 264 13.59 27.89 -28.68
N ILE A 265 14.03 28.66 -27.68
CA ILE A 265 14.99 29.73 -27.95
C ILE A 265 16.32 29.15 -28.37
N LEU A 266 16.75 28.04 -27.74
CA LEU A 266 17.99 27.39 -28.11
C LEU A 266 17.99 27.00 -29.59
N SER A 267 16.90 26.38 -30.05
CA SER A 267 16.83 25.95 -31.44
C SER A 267 16.95 27.13 -32.40
N GLN A 268 16.55 28.32 -31.97
CA GLN A 268 16.62 29.50 -32.81
C GLN A 268 17.96 30.20 -32.73
N VAL A 269 18.86 29.78 -31.84
CA VAL A 269 20.23 30.28 -31.89
C VAL A 269 20.91 29.77 -33.15
N SER A 270 20.49 28.61 -33.65
CA SER A 270 21.10 28.04 -34.85
C SER A 270 20.93 28.95 -36.05
N PHE A 271 19.86 29.74 -36.11
CA PHE A 271 19.63 30.60 -37.25
C PHE A 271 20.70 31.67 -37.39
N TRP A 272 21.40 32.01 -36.31
CA TRP A 272 22.41 33.06 -36.32
C TRP A 272 23.82 32.53 -36.49
N LEU A 273 23.98 31.23 -36.76
CA LEU A 273 25.27 30.63 -37.02
C LEU A 273 25.44 30.42 -38.52
N ASN A 274 26.68 30.56 -39.00
CA ASN A 274 26.95 30.47 -40.42
C ASN A 274 26.55 29.10 -40.95
N ARG A 275 25.99 29.10 -42.17
CA ARG A 275 25.43 27.88 -42.74
C ARG A 275 26.46 26.79 -42.96
N GLU A 276 27.76 27.13 -42.95
CA GLU A 276 28.79 26.13 -43.20
C GLU A 276 29.16 25.31 -41.97
N SER A 277 28.68 25.70 -40.78
CA SER A 277 28.97 24.97 -39.55
C SER A 277 27.95 23.84 -39.39
N VAL A 278 28.09 22.84 -40.25
CA VAL A 278 27.11 21.75 -40.30
C VAL A 278 27.08 20.96 -38.98
N PRO A 279 28.20 20.51 -38.42
CA PRO A 279 28.12 19.80 -37.14
C PRO A 279 27.52 20.63 -36.02
N ALA A 280 27.85 21.93 -35.97
CA ALA A 280 27.38 22.77 -34.88
C ALA A 280 25.87 23.02 -34.97
N ARG A 281 25.38 23.32 -36.18
CA ARG A 281 23.95 23.53 -36.33
C ARG A 281 23.18 22.23 -36.24
N THR A 282 23.79 21.11 -36.63
CA THR A 282 23.13 19.82 -36.51
C THR A 282 22.98 19.41 -35.05
N VAL A 283 24.03 19.58 -34.24
CA VAL A 283 23.91 19.26 -32.83
C VAL A 283 22.90 20.18 -32.16
N PHE A 284 22.76 21.41 -32.64
CA PHE A 284 21.71 22.29 -32.15
C PHE A 284 20.34 21.68 -32.37
N GLY A 285 20.10 21.16 -33.57
CA GLY A 285 18.78 20.62 -33.88
C GLY A 285 18.49 19.34 -33.13
N VAL A 286 19.41 18.38 -33.17
CA VAL A 286 19.15 17.09 -32.54
C VAL A 286 19.04 17.26 -31.03
N THR A 287 19.92 18.07 -30.43
CA THR A 287 19.92 18.23 -28.98
C THR A 287 18.60 18.83 -28.51
N THR A 288 18.12 19.87 -29.18
CA THR A 288 16.86 20.48 -28.79
C THR A 288 15.68 19.55 -29.02
N VAL A 289 15.70 18.81 -30.13
CA VAL A 289 14.61 17.87 -30.41
C VAL A 289 14.56 16.78 -29.35
N LEU A 290 15.72 16.21 -29.02
CA LEU A 290 15.75 15.22 -27.95
C LEU A 290 15.36 15.83 -26.62
N THR A 291 15.84 17.05 -26.34
CA THR A 291 15.42 17.74 -25.13
C THR A 291 13.92 17.98 -25.12
N MET A 292 13.35 18.32 -26.27
CA MET A 292 11.92 18.53 -26.34
C MET A 292 11.18 17.21 -26.12
N THR A 293 11.76 16.10 -26.58
CA THR A 293 11.12 14.80 -26.39
C THR A 293 11.05 14.43 -24.92
N THR A 294 12.17 14.54 -24.20
CA THR A 294 12.18 14.15 -22.79
C THR A 294 11.28 15.06 -21.96
N LEU A 295 11.21 16.34 -22.32
CA LEU A 295 10.30 17.25 -21.62
C LEU A 295 8.85 16.83 -21.81
N SER A 296 8.48 16.42 -23.03
CA SER A 296 7.12 15.97 -23.28
C SER A 296 6.81 14.72 -22.47
N ILE A 297 7.74 13.77 -22.46
CA ILE A 297 7.56 12.56 -21.66
C ILE A 297 7.55 12.91 -20.17
N SER A 298 8.45 13.79 -19.75
CA SER A 298 8.55 14.15 -18.34
C SER A 298 7.30 14.89 -17.87
N ALA A 299 6.70 15.71 -18.73
CA ALA A 299 5.59 16.55 -18.31
C ALA A 299 4.38 15.72 -17.89
N ARG A 300 4.07 14.66 -18.65
CA ARG A 300 2.87 13.87 -18.38
C ARG A 300 2.95 13.10 -17.07
N ASN A 301 4.13 12.95 -16.48
CA ASN A 301 4.31 12.05 -15.35
C ASN A 301 3.57 12.48 -14.10
N SER A 302 3.21 13.76 -13.99
CA SER A 302 2.57 14.24 -12.77
C SER A 302 1.12 13.79 -12.66
N LEU A 303 0.38 13.83 -13.77
CA LEU A 303 -1.06 13.68 -13.78
C LEU A 303 -1.45 12.30 -14.30
N PRO A 304 -2.73 11.90 -14.16
CA PRO A 304 -3.13 10.54 -14.58
C PRO A 304 -2.98 10.30 -16.08
N LYS A 305 -3.27 9.08 -16.51
CA LYS A 305 -3.15 8.69 -17.91
C LYS A 305 -4.44 8.95 -18.68
N VAL A 306 -4.92 10.20 -18.62
CA VAL A 306 -6.14 10.55 -19.34
C VAL A 306 -5.90 10.43 -20.84
N ALA A 307 -6.96 10.04 -21.56
CA ALA A 307 -6.82 9.83 -23.00
C ALA A 307 -6.66 11.15 -23.75
N TYR A 308 -7.47 12.14 -23.41
CA TYR A 308 -7.46 13.42 -24.11
C TYR A 308 -6.13 14.14 -23.87
N ALA A 309 -5.97 15.28 -24.54
CA ALA A 309 -4.77 16.10 -24.47
C ALA A 309 -5.07 17.36 -23.68
N THR A 310 -4.17 17.70 -22.77
CA THR A 310 -4.34 18.86 -21.90
C THR A 310 -3.76 20.11 -22.56
N ALA A 311 -3.96 21.25 -21.91
CA ALA A 311 -3.41 22.50 -22.43
C ALA A 311 -1.89 22.48 -22.42
N MET A 312 -1.29 21.77 -21.45
CA MET A 312 0.16 21.59 -21.47
C MET A 312 0.59 20.83 -22.71
N ASP A 313 -0.19 19.82 -23.12
CA ASP A 313 0.19 19.01 -24.26
C ASP A 313 0.25 19.84 -25.54
N TRP A 314 -0.73 20.73 -25.74
CA TRP A 314 -0.72 21.55 -26.94
C TRP A 314 0.47 22.52 -26.94
N PHE A 315 0.79 23.10 -25.79
CA PHE A 315 1.96 23.97 -25.72
C PHE A 315 3.24 23.19 -26.02
N ILE A 316 3.35 21.97 -25.48
CA ILE A 316 4.51 21.14 -25.77
C ILE A 316 4.51 20.73 -27.23
N ALA A 317 3.34 20.42 -27.79
CA ALA A 317 3.26 20.02 -29.19
C ALA A 317 3.69 21.15 -30.12
N VAL A 318 3.23 22.37 -29.85
CA VAL A 318 3.62 23.50 -30.70
C VAL A 318 5.10 23.78 -30.57
N CYS A 319 5.63 23.76 -29.33
CA CYS A 319 7.05 23.92 -29.15
C CYS A 319 7.83 22.81 -29.85
N TYR A 320 7.25 21.60 -29.93
CA TYR A 320 7.88 20.55 -30.71
C TYR A 320 7.92 20.92 -32.19
N ALA A 321 6.86 21.55 -32.69
CA ALA A 321 6.84 21.94 -34.09
C ALA A 321 7.93 22.97 -34.40
N PHE A 322 8.13 23.92 -33.50
CA PHE A 322 9.13 24.97 -33.74
C PHE A 322 10.54 24.37 -33.75
N VAL A 323 10.89 23.58 -32.74
CA VAL A 323 12.23 23.02 -32.68
C VAL A 323 12.45 22.05 -33.84
N PHE A 324 11.44 21.24 -34.15
CA PHE A 324 11.55 20.32 -35.30
C PHE A 324 11.61 21.10 -36.60
N SER A 325 10.81 22.17 -36.73
CA SER A 325 10.86 22.99 -37.93
C SER A 325 12.18 23.74 -38.05
N ALA A 326 12.82 24.05 -36.92
CA ALA A 326 14.13 24.69 -36.96
C ALA A 326 15.18 23.76 -37.54
N LEU A 327 15.07 22.45 -37.27
CA LEU A 327 16.01 21.51 -37.84
C LEU A 327 15.73 21.25 -39.31
N ILE A 328 14.45 21.16 -39.69
CA ILE A 328 14.12 21.05 -41.10
C ILE A 328 14.54 22.30 -41.85
N GLU A 329 14.51 23.45 -41.17
CA GLU A 329 14.98 24.68 -41.79
C GLU A 329 16.46 24.57 -42.13
N PHE A 330 17.27 24.04 -41.20
CA PHE A 330 18.70 23.92 -41.47
C PHE A 330 18.96 22.90 -42.58
N ALA A 331 18.23 21.78 -42.59
CA ALA A 331 18.41 20.81 -43.66
C ALA A 331 18.10 21.44 -45.01
N THR A 332 17.09 22.30 -45.05
CA THR A 332 16.83 23.06 -46.28
C THR A 332 17.98 24.01 -46.58
N VAL A 333 18.50 24.69 -45.56
CA VAL A 333 19.62 25.61 -45.78
C VAL A 333 20.85 24.86 -46.26
N ASN A 334 21.15 23.71 -45.63
CA ASN A 334 22.32 22.94 -46.02
C ASN A 334 22.17 22.38 -47.42
N TYR A 335 20.94 22.14 -47.87
CA TYR A 335 20.73 21.57 -49.20
C TYR A 335 21.24 22.51 -50.28
N PHE A 336 21.19 23.82 -50.05
CA PHE A 336 21.64 24.82 -51.01
C PHE A 336 23.00 25.40 -50.67
N THR A 337 23.72 24.81 -49.72
CA THR A 337 25.08 25.23 -49.41
C THR A 337 26.00 24.63 -50.46
N LYS A 338 26.46 25.46 -51.40
CA LYS A 338 27.22 24.98 -52.54
C LYS A 338 28.70 24.75 -52.22
N ARG A 339 29.18 25.19 -51.06
CA ARG A 339 30.59 25.10 -50.71
C ARG A 339 30.72 24.72 -49.25
N GLY A 340 31.77 23.95 -48.95
CA GLY A 340 31.98 23.47 -47.60
C GLY A 340 32.75 24.45 -46.75
N TYR A 341 33.80 25.04 -47.31
CA TYR A 341 34.60 26.01 -46.58
C TYR A 341 33.80 27.28 -46.31
N ALA A 342 34.00 27.84 -45.12
CA ALA A 342 33.27 29.03 -44.69
C ALA A 342 34.08 30.29 -45.03
N TRP A 343 33.50 31.45 -44.70
CA TRP A 343 34.19 32.71 -44.90
C TRP A 343 35.44 32.77 -44.04
N ASP A 344 36.47 33.43 -44.57
CA ASP A 344 37.71 33.64 -43.85
C ASP A 344 38.13 35.10 -44.02
N GLY A 345 38.91 35.59 -43.07
CA GLY A 345 39.42 36.95 -43.12
C GLY A 345 38.32 37.98 -42.92
N LYS A 410 37.55 32.36 -55.33
CA LYS A 410 37.28 31.87 -53.99
C LYS A 410 35.97 32.42 -53.47
N THR A 411 34.92 32.33 -54.28
CA THR A 411 33.60 32.78 -53.86
C THR A 411 33.14 32.00 -52.63
N PHE A 412 32.55 32.72 -51.67
CA PHE A 412 32.04 32.14 -50.44
C PHE A 412 30.52 32.13 -50.47
N ASN A 413 29.93 31.17 -49.76
CA ASN A 413 28.48 31.09 -49.68
C ASN A 413 27.92 32.37 -49.07
N SER A 414 26.80 32.83 -49.61
CA SER A 414 26.10 33.96 -49.02
C SER A 414 25.25 33.49 -47.84
N VAL A 415 24.84 34.44 -47.02
CA VAL A 415 23.95 34.12 -45.91
C VAL A 415 22.61 33.69 -46.47
N SER A 416 22.12 32.54 -46.02
CA SER A 416 20.91 31.97 -46.57
C SER A 416 19.73 32.91 -46.37
N LYS A 417 18.99 33.18 -47.46
CA LYS A 417 17.75 33.93 -47.34
C LYS A 417 16.76 33.21 -46.43
N ILE A 418 16.82 31.88 -46.41
CA ILE A 418 15.98 31.12 -45.48
C ILE A 418 16.36 31.47 -44.04
N ASP A 419 17.66 31.66 -43.79
CA ASP A 419 18.10 32.07 -42.45
C ASP A 419 17.61 33.47 -42.12
N ARG A 420 17.82 34.42 -43.05
CA ARG A 420 17.48 35.82 -42.76
C ARG A 420 16.00 35.98 -42.46
N LEU A 421 15.13 35.30 -43.23
CA LEU A 421 13.71 35.36 -42.93
C LEU A 421 13.36 34.53 -41.70
N SER A 422 14.06 33.41 -41.50
CA SER A 422 13.81 32.58 -40.32
C SER A 422 14.21 33.28 -39.03
N ARG A 423 15.16 34.21 -39.08
CA ARG A 423 15.59 34.91 -37.87
C ARG A 423 14.50 35.83 -37.33
N ILE A 424 13.51 36.20 -38.14
CA ILE A 424 12.43 37.08 -37.68
C ILE A 424 11.11 36.31 -37.73
N ALA A 425 10.98 35.39 -38.67
CA ALA A 425 9.74 34.62 -38.78
C ALA A 425 9.55 33.72 -37.57
N PHE A 426 10.57 32.92 -37.24
CA PHE A 426 10.43 31.98 -36.13
C PHE A 426 10.21 32.68 -34.79
N PRO A 427 11.04 33.64 -34.37
CA PRO A 427 10.75 34.32 -33.11
C PRO A 427 9.42 35.05 -33.09
N LEU A 428 9.03 35.65 -34.23
CA LEU A 428 7.77 36.39 -34.26
C LEU A 428 6.58 35.44 -34.16
N LEU A 429 6.60 34.34 -34.94
CA LEU A 429 5.46 33.42 -34.93
C LEU A 429 5.28 32.77 -33.56
N PHE A 430 6.39 32.39 -32.91
CA PHE A 430 6.29 31.84 -31.57
C PHE A 430 5.71 32.86 -30.60
N GLY A 431 6.07 34.13 -30.78
CA GLY A 431 5.50 35.17 -29.92
C GLY A 431 3.99 35.29 -30.10
N ILE A 432 3.52 35.26 -31.34
CA ILE A 432 2.09 35.33 -31.59
C ILE A 432 1.40 34.13 -30.96
N PHE A 433 2.01 32.95 -31.06
CA PHE A 433 1.41 31.76 -30.47
C PHE A 433 1.24 31.93 -28.96
N ASN A 434 2.25 32.50 -28.29
CA ASN A 434 2.16 32.70 -26.86
C ASN A 434 1.03 33.66 -26.50
N LEU A 435 0.89 34.75 -27.26
CA LEU A 435 -0.19 35.69 -27.01
C LEU A 435 -1.55 35.02 -27.15
N VAL A 436 -1.73 34.25 -28.23
CA VAL A 436 -3.00 33.56 -28.44
C VAL A 436 -3.20 32.47 -27.38
N TYR A 437 -2.15 31.67 -27.14
CA TYR A 437 -2.29 30.57 -26.19
C TYR A 437 -2.59 31.07 -24.79
N TRP A 438 -1.79 32.01 -24.29
CA TRP A 438 -1.97 32.47 -22.92
C TRP A 438 -3.23 33.30 -22.77
N ALA A 439 -3.62 34.06 -23.80
CA ALA A 439 -4.83 34.86 -23.71
C ALA A 439 -6.07 33.99 -23.53
N THR A 440 -6.16 32.91 -24.30
CA THR A 440 -7.37 32.09 -24.25
C THR A 440 -7.51 31.37 -22.91
N TYR A 441 -6.44 30.72 -22.46
CA TYR A 441 -6.55 29.87 -21.27
C TYR A 441 -6.65 30.71 -20.00
N LEU A 442 -5.86 31.79 -19.90
CA LEU A 442 -5.89 32.59 -18.69
C LEU A 442 -7.20 33.35 -18.51
N ASN A 443 -7.96 33.56 -19.57
CA ASN A 443 -9.19 34.35 -19.52
C ASN A 443 -10.45 33.49 -19.45
N ARG A 444 -10.32 32.18 -19.24
CA ARG A 444 -11.49 31.34 -19.10
C ARG A 444 -12.10 31.50 -17.71
N GLU A 445 -13.36 31.06 -17.59
CA GLU A 445 -14.08 31.15 -16.32
C GLU A 445 -13.39 30.30 -15.25
N PRO B 30 -43.64 6.89 21.84
CA PRO B 30 -42.68 5.88 22.32
C PRO B 30 -43.33 4.51 22.54
N SER B 31 -44.65 4.42 22.43
CA SER B 31 -45.32 3.12 22.57
C SER B 31 -44.87 2.16 21.49
N ASN B 32 -44.76 2.64 20.25
CA ASN B 32 -44.31 1.78 19.16
C ASN B 32 -42.85 1.37 19.33
N MET B 33 -42.03 2.24 19.91
CA MET B 33 -40.63 1.89 20.17
C MET B 33 -40.55 0.71 21.14
N SER B 34 -41.36 0.74 22.20
CA SER B 34 -41.37 -0.38 23.14
C SER B 34 -41.84 -1.65 22.46
N LEU B 35 -42.84 -1.55 21.60
CA LEU B 35 -43.30 -2.72 20.85
C LEU B 35 -42.21 -3.26 19.95
N VAL B 36 -41.47 -2.38 19.27
CA VAL B 36 -40.38 -2.84 18.42
C VAL B 36 -39.28 -3.47 19.26
N LYS B 37 -39.01 -2.91 20.44
CA LYS B 37 -37.96 -3.46 21.28
C LYS B 37 -38.26 -4.91 21.66
N GLU B 38 -39.50 -5.20 22.05
CA GLU B 38 -39.85 -6.56 22.42
C GLU B 38 -39.71 -7.50 21.23
N THR B 39 -40.15 -7.07 20.05
CA THR B 39 -40.05 -7.92 18.87
C THR B 39 -38.59 -8.20 18.53
N VAL B 40 -37.77 -7.17 18.42
CA VAL B 40 -36.36 -7.36 18.06
C VAL B 40 -35.65 -8.14 19.15
N ASP B 41 -36.10 -8.05 20.40
CA ASP B 41 -35.47 -8.81 21.47
C ASP B 41 -35.79 -10.30 21.35
N ARG B 42 -37.01 -10.63 20.93
CA ARG B 42 -37.38 -12.04 20.79
C ARG B 42 -36.54 -12.72 19.71
N LEU B 43 -36.30 -12.02 18.60
CA LEU B 43 -35.60 -12.65 17.48
C LEU B 43 -34.21 -13.12 17.89
N LEU B 44 -33.47 -12.28 18.64
CA LEU B 44 -32.13 -12.62 19.07
C LEU B 44 -32.11 -13.49 20.32
N LYS B 45 -33.26 -13.76 20.95
CA LYS B 45 -33.31 -14.58 22.14
C LYS B 45 -33.22 -16.05 21.74
N GLY B 46 -32.21 -16.74 22.25
CA GLY B 46 -32.00 -18.13 21.86
C GLY B 46 -31.69 -18.30 20.39
N TYR B 47 -31.03 -17.32 19.79
CA TYR B 47 -30.68 -17.37 18.37
C TYR B 47 -29.27 -17.93 18.25
N ASP B 48 -29.15 -19.10 17.62
CA ASP B 48 -27.87 -19.79 17.51
C ASP B 48 -27.16 -19.26 16.27
N ILE B 49 -26.20 -18.37 16.48
CA ILE B 49 -25.44 -17.80 15.37
C ILE B 49 -24.58 -18.83 14.67
N ARG B 50 -24.32 -19.97 15.31
CA ARG B 50 -23.44 -20.98 14.73
C ARG B 50 -24.12 -21.83 13.66
N LEU B 51 -25.43 -21.76 13.54
CA LEU B 51 -26.20 -22.61 12.63
C LEU B 51 -26.84 -21.76 11.54
N ARG B 52 -26.71 -22.19 10.29
CA ARG B 52 -27.27 -21.47 9.16
C ARG B 52 -28.78 -21.62 9.13
N PRO B 53 -29.49 -20.81 8.35
CA PRO B 53 -30.92 -21.05 8.13
C PRO B 53 -31.14 -22.43 7.54
N ASP B 54 -32.21 -23.09 8.00
CA ASP B 54 -32.56 -24.43 7.54
C ASP B 54 -31.41 -25.41 7.78
N PHE B 55 -30.71 -25.24 8.90
CA PHE B 55 -29.62 -26.15 9.23
C PHE B 55 -30.14 -27.58 9.32
N GLY B 56 -29.40 -28.50 8.72
CA GLY B 56 -29.90 -29.86 8.60
C GLY B 56 -31.02 -30.02 7.61
N GLY B 57 -31.24 -29.02 6.76
CA GLY B 57 -32.31 -29.04 5.79
C GLY B 57 -31.84 -28.59 4.42
N PRO B 58 -32.74 -28.10 3.58
CA PRO B 58 -32.35 -27.73 2.22
C PRO B 58 -31.42 -26.52 2.24
N PRO B 59 -30.63 -26.32 1.19
CA PRO B 59 -29.73 -25.17 1.17
C PRO B 59 -30.49 -23.85 1.15
N VAL B 60 -29.92 -22.84 1.81
CA VAL B 60 -30.49 -21.50 1.82
C VAL B 60 -30.01 -20.77 0.59
N ALA B 61 -30.95 -20.18 -0.16
CA ALA B 61 -30.61 -19.42 -1.35
C ALA B 61 -30.27 -17.99 -0.99
N VAL B 62 -29.10 -17.54 -1.41
CA VAL B 62 -28.59 -16.20 -1.10
C VAL B 62 -28.54 -15.41 -2.39
N GLY B 63 -29.20 -14.26 -2.39
CA GLY B 63 -29.27 -13.39 -3.57
C GLY B 63 -28.35 -12.20 -3.40
N MET B 64 -27.58 -11.91 -4.46
CA MET B 64 -26.59 -10.85 -4.44
C MET B 64 -26.86 -9.84 -5.56
N ASN B 65 -26.57 -8.59 -5.27
CA ASN B 65 -26.67 -7.51 -6.25
C ASN B 65 -25.63 -6.46 -5.89
N ILE B 66 -24.77 -6.13 -6.85
CA ILE B 66 -23.67 -5.20 -6.63
C ILE B 66 -24.07 -3.82 -7.16
N ASP B 67 -23.48 -2.79 -6.58
CA ASP B 67 -23.53 -1.43 -7.11
C ASP B 67 -22.09 -0.93 -7.18
N ILE B 68 -21.52 -0.96 -8.39
CA ILE B 68 -20.12 -0.58 -8.56
C ILE B 68 -19.99 0.92 -8.28
N ALA B 69 -19.34 1.27 -7.18
CA ALA B 69 -19.11 2.67 -6.87
C ALA B 69 -17.99 3.26 -7.71
N SER B 70 -16.94 2.48 -7.95
CA SER B 70 -15.81 2.95 -8.74
C SER B 70 -14.86 1.79 -8.99
N ILE B 71 -14.04 1.96 -10.02
CA ILE B 71 -12.92 1.06 -10.31
C ILE B 71 -11.68 1.94 -10.45
N ASP B 72 -10.64 1.63 -9.67
CA ASP B 72 -9.43 2.41 -9.65
C ASP B 72 -8.23 1.48 -9.60
N MET B 73 -7.05 2.05 -9.83
CA MET B 73 -5.78 1.35 -9.67
C MET B 73 -5.76 0.04 -10.46
N VAL B 74 -6.14 0.13 -11.73
CA VAL B 74 -6.03 -1.01 -12.63
C VAL B 74 -4.57 -1.11 -13.03
N SER B 75 -3.79 -1.86 -12.25
CA SER B 75 -2.35 -1.87 -12.34
C SER B 75 -1.88 -3.19 -12.93
N GLU B 76 -1.09 -3.11 -14.00
CA GLU B 76 -0.45 -4.29 -14.57
C GLU B 76 0.87 -4.63 -13.89
N VAL B 77 1.46 -3.69 -13.15
CA VAL B 77 2.68 -4.02 -12.42
C VAL B 77 2.37 -4.98 -11.28
N ASN B 78 1.20 -4.83 -10.65
CA ASN B 78 0.74 -5.72 -9.60
C ASN B 78 -0.31 -6.72 -10.09
N MET B 79 -0.78 -6.59 -11.34
CA MET B 79 -1.77 -7.48 -11.90
C MET B 79 -3.03 -7.54 -11.02
N ASP B 80 -3.59 -6.37 -10.75
CA ASP B 80 -4.78 -6.29 -9.92
C ASP B 80 -5.51 -4.99 -10.21
N TYR B 81 -6.76 -4.94 -9.76
CA TYR B 81 -7.58 -3.75 -9.85
C TYR B 81 -8.31 -3.57 -8.53
N THR B 82 -8.60 -2.32 -8.18
CA THR B 82 -9.30 -2.00 -6.94
C THR B 82 -10.75 -1.69 -7.26
N LEU B 83 -11.66 -2.32 -6.51
CA LEU B 83 -13.09 -2.24 -6.77
C LEU B 83 -13.81 -1.81 -5.50
N THR B 84 -14.52 -0.70 -5.58
CA THR B 84 -15.37 -0.20 -4.51
C THR B 84 -16.82 -0.44 -4.91
N MET B 85 -17.59 -1.04 -4.01
CA MET B 85 -18.95 -1.47 -4.34
C MET B 85 -19.80 -1.52 -3.09
N TYR B 86 -21.11 -1.43 -3.29
CA TYR B 86 -22.09 -1.73 -2.25
C TYR B 86 -22.55 -3.16 -2.48
N PHE B 87 -22.05 -4.08 -1.67
CA PHE B 87 -22.25 -5.51 -1.86
C PHE B 87 -23.41 -5.96 -0.98
N GLN B 88 -24.57 -6.15 -1.58
CA GLN B 88 -25.77 -6.57 -0.87
C GLN B 88 -25.99 -8.08 -1.03
N GLN B 89 -26.40 -8.71 0.07
CA GLN B 89 -26.82 -10.10 0.07
C GLN B 89 -28.23 -10.18 0.66
N ALA B 90 -29.08 -11.01 0.06
CA ALA B 90 -30.46 -11.18 0.50
C ALA B 90 -30.74 -12.66 0.67
N TRP B 91 -31.23 -13.05 1.85
CA TRP B 91 -31.58 -14.43 2.12
C TRP B 91 -32.73 -14.49 3.11
N ARG B 92 -33.41 -15.63 3.13
CA ARG B 92 -34.55 -15.88 4.00
C ARG B 92 -34.07 -16.61 5.24
N ASP B 93 -34.50 -16.12 6.41
CA ASP B 93 -34.18 -16.75 7.70
C ASP B 93 -35.48 -16.78 8.49
N LYS B 94 -36.09 -17.97 8.62
CA LYS B 94 -37.36 -18.09 9.31
C LYS B 94 -37.26 -17.62 10.75
N ARG B 95 -36.10 -17.78 11.38
CA ARG B 95 -35.93 -17.38 12.77
C ARG B 95 -36.14 -15.87 12.95
N LEU B 96 -35.84 -15.08 11.91
CA LEU B 96 -35.96 -13.62 11.96
C LEU B 96 -37.26 -13.13 11.33
N SER B 97 -38.33 -13.93 11.42
CA SER B 97 -39.64 -13.55 10.91
C SER B 97 -40.47 -12.95 12.02
N TYR B 98 -41.06 -11.79 11.76
CA TYR B 98 -41.96 -11.14 12.69
C TYR B 98 -43.18 -10.65 11.93
N ASN B 99 -44.30 -10.50 12.64
CA ASN B 99 -45.57 -10.12 12.03
C ASN B 99 -46.25 -8.94 12.69
N VAL B 100 -45.90 -8.58 13.92
CA VAL B 100 -46.61 -7.52 14.62
C VAL B 100 -46.36 -6.18 13.95
N ILE B 101 -45.10 -5.86 13.69
CA ILE B 101 -44.73 -4.57 13.10
C ILE B 101 -45.04 -4.62 11.60
N PRO B 102 -45.68 -3.60 11.02
CA PRO B 102 -45.91 -3.63 9.56
C PRO B 102 -44.74 -3.15 8.73
N LEU B 103 -43.86 -2.34 9.30
CA LEU B 103 -42.76 -1.76 8.55
C LEU B 103 -41.53 -2.66 8.60
N ASN B 104 -40.63 -2.46 7.64
CA ASN B 104 -39.36 -3.16 7.61
C ASN B 104 -38.39 -2.48 8.56
N LEU B 105 -37.70 -3.27 9.38
CA LEU B 105 -36.84 -2.74 10.43
C LEU B 105 -35.41 -2.61 9.92
N THR B 106 -34.93 -1.38 9.84
CA THR B 106 -33.50 -1.11 9.66
C THR B 106 -32.89 -0.96 11.05
N LEU B 107 -31.96 -1.84 11.38
CA LEU B 107 -31.34 -1.90 12.68
C LEU B 107 -29.92 -1.36 12.62
N ASP B 108 -29.39 -0.99 13.78
CA ASP B 108 -28.01 -0.54 13.87
C ASP B 108 -27.09 -1.64 13.36
N ASN B 109 -26.04 -1.23 12.63
CA ASN B 109 -25.19 -2.19 11.94
C ASN B 109 -24.52 -3.17 12.90
N ARG B 110 -24.40 -2.82 14.19
CA ARG B 110 -23.80 -3.72 15.16
C ARG B 110 -24.64 -4.97 15.41
N VAL B 111 -25.90 -4.98 14.97
CA VAL B 111 -26.71 -6.18 15.12
C VAL B 111 -26.17 -7.31 14.26
N ALA B 112 -25.48 -6.99 13.17
CA ALA B 112 -24.98 -8.02 12.26
C ALA B 112 -24.05 -8.99 12.98
N ASP B 113 -23.35 -8.54 14.02
CA ASP B 113 -22.49 -9.42 14.78
C ASP B 113 -23.27 -10.45 15.58
N GLN B 114 -24.57 -10.26 15.77
CA GLN B 114 -25.42 -11.19 16.50
C GLN B 114 -26.27 -12.06 15.58
N LEU B 115 -26.07 -11.95 14.26
CA LEU B 115 -26.87 -12.65 13.27
C LEU B 115 -25.98 -13.52 12.41
N TRP B 116 -26.50 -14.67 12.01
CA TRP B 116 -25.83 -15.48 11.01
C TRP B 116 -25.86 -14.73 9.68
N VAL B 117 -24.71 -14.66 9.02
CA VAL B 117 -24.62 -14.08 7.68
C VAL B 117 -23.81 -15.04 6.82
N PRO B 118 -24.02 -15.07 5.50
CA PRO B 118 -23.21 -15.95 4.67
C PRO B 118 -21.73 -15.61 4.77
N ASP B 119 -20.90 -16.65 4.75
CA ASP B 119 -19.45 -16.49 4.83
C ASP B 119 -18.84 -16.33 3.43
N THR B 120 -19.36 -15.40 2.64
CA THR B 120 -18.90 -15.26 1.28
C THR B 120 -17.54 -14.57 1.27
N TYR B 121 -16.68 -15.05 0.38
CA TYR B 121 -15.36 -14.46 0.20
C TYR B 121 -15.10 -14.36 -1.29
N PHE B 122 -14.19 -13.46 -1.65
CA PHE B 122 -13.78 -13.28 -3.03
C PHE B 122 -12.47 -14.03 -3.23
N LEU B 123 -12.48 -15.05 -4.08
CA LEU B 123 -11.33 -15.95 -4.17
C LEU B 123 -10.08 -15.22 -4.64
N ASN B 124 -10.22 -14.34 -5.62
CA ASN B 124 -9.10 -13.61 -6.18
C ASN B 124 -8.82 -12.30 -5.46
N ASP B 125 -9.40 -12.09 -4.28
CA ASP B 125 -9.16 -10.88 -3.52
C ASP B 125 -7.82 -10.95 -2.81
N LYS B 126 -7.00 -9.91 -2.98
CA LYS B 126 -5.69 -9.82 -2.35
C LYS B 126 -5.74 -9.02 -1.05
N LYS B 127 -6.52 -7.96 -1.02
CA LYS B 127 -6.56 -7.05 0.14
C LYS B 127 -7.87 -6.30 0.10
N SER B 128 -8.68 -6.46 1.15
CA SER B 128 -10.01 -5.86 1.19
C SER B 128 -10.30 -5.35 2.59
N PHE B 129 -11.26 -4.42 2.66
CA PHE B 129 -11.71 -3.89 3.94
C PHE B 129 -13.11 -3.31 3.76
N VAL B 130 -13.87 -3.32 4.85
CA VAL B 130 -15.16 -2.63 4.90
C VAL B 130 -14.90 -1.23 5.45
N HIS B 131 -15.44 -0.22 4.76
CA HIS B 131 -15.18 1.16 5.16
C HIS B 131 -15.67 1.41 6.58
N GLY B 132 -14.91 2.21 7.32
CA GLY B 132 -15.05 2.26 8.76
C GLY B 132 -15.62 3.53 9.35
N VAL B 133 -15.54 4.66 8.65
CA VAL B 133 -16.03 5.94 9.16
C VAL B 133 -17.33 6.27 8.44
N THR B 134 -18.28 6.89 9.15
CA THR B 134 -18.29 7.29 10.56
C THR B 134 -18.43 6.06 11.45
N VAL B 135 -19.09 5.03 10.92
CA VAL B 135 -19.20 3.73 11.58
C VAL B 135 -18.92 2.66 10.54
N LYS B 136 -19.03 1.40 10.96
CA LYS B 136 -18.86 0.29 10.04
C LYS B 136 -19.90 0.39 8.93
N ASN B 137 -19.43 0.48 7.69
CA ASN B 137 -20.31 0.71 6.54
C ASN B 137 -21.04 -0.59 6.20
N ARG B 138 -22.02 -0.91 7.04
CA ARG B 138 -22.87 -2.07 6.83
C ARG B 138 -24.34 -1.67 6.96
N MET B 139 -25.20 -2.59 6.61
CA MET B 139 -26.65 -2.44 6.76
C MET B 139 -27.26 -3.77 7.13
N ILE B 140 -28.20 -3.73 8.07
CA ILE B 140 -29.06 -4.87 8.38
C ILE B 140 -30.49 -4.38 8.27
N ARG B 141 -31.30 -5.03 7.44
CA ARG B 141 -32.70 -4.66 7.27
C ARG B 141 -33.52 -5.94 7.28
N LEU B 142 -34.28 -6.13 8.36
CA LEU B 142 -35.17 -7.28 8.50
C LEU B 142 -36.51 -6.95 7.87
N HIS B 143 -37.07 -7.92 7.16
CA HIS B 143 -38.39 -7.82 6.57
C HIS B 143 -39.33 -8.80 7.27
N PRO B 144 -40.65 -8.52 7.33
CA PRO B 144 -41.52 -9.35 8.16
C PRO B 144 -41.53 -10.83 7.80
N ASP B 145 -41.38 -11.17 6.52
CA ASP B 145 -41.40 -12.58 6.12
C ASP B 145 -40.15 -13.33 6.55
N GLY B 146 -39.11 -12.63 7.03
CA GLY B 146 -37.86 -13.23 7.43
C GLY B 146 -36.69 -12.85 6.56
N THR B 147 -36.94 -12.23 5.42
CA THR B 147 -35.85 -11.85 4.52
C THR B 147 -34.90 -10.91 5.25
N VAL B 148 -33.61 -11.09 4.99
CA VAL B 148 -32.55 -10.27 5.56
C VAL B 148 -31.78 -9.64 4.42
N LEU B 149 -31.82 -8.32 4.32
CA LEU B 149 -31.00 -7.56 3.39
C LEU B 149 -29.74 -7.12 4.15
N TYR B 150 -28.59 -7.55 3.67
CA TYR B 150 -27.31 -7.34 4.35
C TYR B 150 -26.34 -6.71 3.35
N GLY B 151 -26.03 -5.44 3.57
CA GLY B 151 -25.18 -4.69 2.66
C GLY B 151 -23.88 -4.29 3.32
N LEU B 152 -22.82 -4.26 2.52
CA LEU B 152 -21.51 -3.78 2.93
C LEU B 152 -20.96 -2.89 1.84
N ARG B 153 -20.16 -1.89 2.26
CA ARG B 153 -19.37 -1.10 1.32
C ARG B 153 -17.94 -1.59 1.43
N ILE B 154 -17.49 -2.28 0.38
CA ILE B 154 -16.22 -2.99 0.38
C ILE B 154 -15.32 -2.38 -0.68
N THR B 155 -14.05 -2.21 -0.34
CA THR B 155 -13.00 -1.85 -1.29
C THR B 155 -12.03 -3.01 -1.37
N THR B 156 -12.09 -3.77 -2.46
CA THR B 156 -11.31 -4.99 -2.63
C THR B 156 -10.32 -4.82 -3.76
N THR B 157 -9.06 -5.16 -3.49
CA THR B 157 -8.04 -5.25 -4.53
C THR B 157 -7.99 -6.69 -5.01
N ALA B 158 -8.59 -6.95 -6.16
CA ALA B 158 -8.72 -8.30 -6.68
C ALA B 158 -7.67 -8.57 -7.74
N ALA B 159 -7.24 -9.82 -7.80
CA ALA B 159 -6.20 -10.22 -8.75
C ALA B 159 -6.79 -10.36 -10.13
N CYS B 160 -6.16 -9.69 -11.11
CA CYS B 160 -6.55 -9.79 -12.51
C CYS B 160 -5.28 -10.04 -13.31
N MET B 161 -5.13 -11.26 -13.82
CA MET B 161 -3.96 -11.63 -14.59
C MET B 161 -4.16 -11.19 -16.03
N MET B 162 -3.27 -10.31 -16.50
CA MET B 162 -3.46 -9.62 -17.76
C MET B 162 -2.53 -10.20 -18.83
N ASP B 163 -3.08 -10.40 -20.03
CA ASP B 163 -2.31 -10.84 -21.19
C ASP B 163 -1.89 -9.60 -21.97
N LEU B 164 -0.67 -9.14 -21.73
CA LEU B 164 -0.16 -7.90 -22.30
C LEU B 164 0.42 -8.08 -23.70
N ARG B 165 0.10 -9.19 -24.38
CA ARG B 165 0.77 -9.49 -25.64
C ARG B 165 0.49 -8.41 -26.69
N ARG B 166 -0.73 -7.87 -26.71
CA ARG B 166 -1.11 -6.81 -27.63
C ARG B 166 -1.12 -5.43 -26.96
N TYR B 167 -0.51 -5.31 -25.79
CA TYR B 167 -0.51 -4.04 -25.07
C TYR B 167 0.18 -2.97 -25.90
N PRO B 168 -0.33 -1.72 -25.92
CA PRO B 168 -1.51 -1.17 -25.23
C PRO B 168 -2.82 -1.32 -25.99
N LEU B 169 -2.82 -1.94 -27.16
CA LEU B 169 -4.05 -2.15 -27.93
C LEU B 169 -4.73 -3.45 -27.54
N ASP B 170 -4.98 -3.62 -26.24
CA ASP B 170 -5.43 -4.88 -25.68
C ASP B 170 -6.74 -4.70 -24.92
N GLU B 171 -7.50 -5.79 -24.84
CA GLU B 171 -8.71 -5.88 -24.04
C GLU B 171 -8.44 -6.84 -22.89
N GLN B 172 -8.62 -6.37 -21.66
CA GLN B 172 -8.46 -7.20 -20.48
C GLN B 172 -9.81 -7.64 -19.95
N ASN B 173 -9.81 -8.79 -19.31
CA ASN B 173 -11.01 -9.42 -18.76
C ASN B 173 -10.73 -9.69 -17.28
N CYS B 174 -11.11 -8.73 -16.44
CA CYS B 174 -10.95 -8.84 -14.99
C CYS B 174 -12.25 -9.30 -14.37
N THR B 175 -12.14 -10.16 -13.35
CA THR B 175 -13.30 -10.82 -12.76
C THR B 175 -13.27 -10.68 -11.24
N LEU B 176 -14.41 -10.98 -10.63
CA LEU B 176 -14.53 -11.08 -9.19
C LEU B 176 -15.25 -12.38 -8.88
N GLU B 177 -14.62 -13.23 -8.07
CA GLU B 177 -15.08 -14.60 -7.85
C GLU B 177 -15.71 -14.69 -6.46
N ILE B 178 -17.00 -14.40 -6.38
CA ILE B 178 -17.74 -14.50 -5.13
C ILE B 178 -18.05 -15.96 -4.87
N GLU B 179 -17.71 -16.45 -3.67
CA GLU B 179 -17.87 -17.85 -3.35
C GLU B 179 -18.08 -18.01 -1.85
N SER B 180 -18.77 -19.08 -1.48
CA SER B 180 -18.95 -19.44 -0.08
C SER B 180 -17.79 -20.31 0.37
N TYR B 181 -17.26 -20.02 1.55
CA TYR B 181 -16.07 -20.74 2.00
C TYR B 181 -16.42 -22.09 2.61
N GLY B 182 -17.17 -22.09 3.72
CA GLY B 182 -17.41 -23.31 4.45
C GLY B 182 -18.63 -24.09 4.06
N TYR B 183 -19.55 -23.50 3.30
CA TYR B 183 -20.83 -24.11 2.99
C TYR B 183 -20.83 -24.57 1.54
N THR B 184 -21.07 -25.86 1.33
CA THR B 184 -21.12 -26.44 0.00
C THR B 184 -22.50 -26.23 -0.60
N THR B 185 -22.70 -26.72 -1.82
CA THR B 185 -23.96 -26.55 -2.51
C THR B 185 -25.10 -27.29 -1.81
N ASP B 186 -24.80 -28.21 -0.90
CA ASP B 186 -25.82 -28.84 -0.08
C ASP B 186 -26.26 -27.97 1.09
N ASP B 187 -25.59 -26.85 1.33
CA ASP B 187 -25.89 -25.98 2.46
C ASP B 187 -26.16 -24.54 2.08
N ILE B 188 -25.91 -24.13 0.83
CA ILE B 188 -26.12 -22.74 0.44
C ILE B 188 -26.14 -22.66 -1.08
N GLU B 189 -26.90 -21.71 -1.61
CA GLU B 189 -26.96 -21.46 -3.05
C GLU B 189 -26.88 -19.98 -3.31
N PHE B 190 -26.29 -19.62 -4.46
CA PHE B 190 -26.15 -18.23 -4.88
C PHE B 190 -26.97 -18.00 -6.15
N TYR B 191 -27.45 -16.76 -6.30
CA TYR B 191 -28.13 -16.35 -7.50
C TYR B 191 -28.03 -14.83 -7.59
N TRP B 192 -27.93 -14.31 -8.81
CA TRP B 192 -27.93 -12.87 -9.03
C TRP B 192 -29.36 -12.37 -8.84
N ARG B 193 -29.60 -11.63 -7.76
CA ARG B 193 -30.94 -11.15 -7.43
C ARG B 193 -31.34 -10.09 -8.45
N GLY B 194 -32.25 -10.46 -9.35
CA GLY B 194 -32.60 -9.64 -10.49
C GLY B 194 -31.98 -10.10 -11.80
N ASP B 195 -31.14 -11.14 -11.76
CA ASP B 195 -30.51 -11.70 -12.94
C ASP B 195 -29.59 -10.66 -13.60
N ASP B 196 -29.79 -10.33 -14.87
CA ASP B 196 -28.89 -9.44 -15.58
C ASP B 196 -28.94 -8.01 -15.05
N ASN B 197 -29.91 -7.67 -14.20
CA ASN B 197 -30.01 -6.35 -13.58
C ASN B 197 -29.52 -6.35 -12.15
N ALA B 198 -28.68 -7.33 -11.78
CA ALA B 198 -28.17 -7.40 -10.42
C ALA B 198 -27.03 -6.42 -10.17
N VAL B 199 -26.22 -6.13 -11.19
CA VAL B 199 -25.07 -5.23 -11.06
C VAL B 199 -25.40 -3.93 -11.77
N THR B 200 -25.14 -2.81 -11.09
CA THR B 200 -25.42 -1.48 -11.62
C THR B 200 -24.19 -0.60 -11.44
N GLY B 201 -24.23 0.56 -12.09
CA GLY B 201 -23.15 1.52 -11.99
C GLY B 201 -22.01 1.29 -12.96
N VAL B 202 -22.04 0.21 -13.74
CA VAL B 202 -20.93 -0.10 -14.63
C VAL B 202 -20.81 0.95 -15.73
N THR B 203 -21.95 1.47 -16.21
CA THR B 203 -21.90 2.48 -17.26
C THR B 203 -21.29 3.78 -16.75
N LYS B 204 -21.58 4.14 -15.50
CA LYS B 204 -21.11 5.41 -14.95
C LYS B 204 -19.61 5.39 -14.67
N ILE B 205 -19.04 4.22 -14.38
CA ILE B 205 -17.63 4.13 -14.04
C ILE B 205 -16.79 4.74 -15.14
N GLU B 206 -15.91 5.66 -14.75
CA GLU B 206 -15.07 6.42 -15.67
C GLU B 206 -13.60 6.13 -15.32
N LEU B 207 -13.05 5.11 -15.93
CA LEU B 207 -11.63 4.85 -15.81
C LEU B 207 -10.86 5.81 -16.71
N PRO B 208 -9.67 6.27 -16.30
CA PRO B 208 -8.93 7.19 -17.18
C PRO B 208 -8.47 6.54 -18.48
N GLN B 209 -7.83 5.36 -18.40
CA GLN B 209 -7.20 4.74 -19.55
C GLN B 209 -7.91 3.47 -20.01
N PHE B 210 -9.15 3.26 -19.57
CA PHE B 210 -9.89 2.06 -19.93
C PHE B 210 -11.34 2.42 -20.22
N SER B 211 -11.92 1.73 -21.19
CA SER B 211 -13.34 1.80 -21.49
C SER B 211 -13.95 0.44 -21.18
N ILE B 212 -14.97 0.44 -20.34
CA ILE B 212 -15.56 -0.83 -19.91
C ILE B 212 -16.59 -1.26 -20.95
N VAL B 213 -16.11 -2.00 -21.95
CA VAL B 213 -16.93 -2.30 -23.12
C VAL B 213 -18.09 -3.22 -22.78
N ASP B 214 -17.89 -4.15 -21.84
CA ASP B 214 -18.89 -5.17 -21.58
C ASP B 214 -18.68 -5.69 -20.16
N TYR B 215 -19.74 -6.21 -19.58
CA TYR B 215 -19.66 -6.91 -18.30
C TYR B 215 -20.66 -8.06 -18.33
N LYS B 216 -20.30 -9.16 -17.68
CA LYS B 216 -21.10 -10.38 -17.70
C LYS B 216 -21.23 -10.93 -16.29
N LEU B 217 -22.30 -11.69 -16.07
CA LEU B 217 -22.59 -12.30 -14.79
C LEU B 217 -22.80 -13.79 -14.99
N ILE B 218 -22.07 -14.61 -14.23
CA ILE B 218 -22.07 -16.05 -14.37
C ILE B 218 -22.41 -16.67 -13.02
N THR B 219 -22.97 -17.89 -13.07
CA THR B 219 -23.24 -18.69 -11.88
C THR B 219 -22.67 -20.09 -12.12
N LYS B 220 -21.60 -20.42 -11.39
CA LYS B 220 -20.86 -21.66 -11.56
C LYS B 220 -21.06 -22.56 -10.34
N LYS B 221 -20.36 -23.69 -10.34
CA LYS B 221 -20.28 -24.59 -9.20
C LYS B 221 -18.87 -25.18 -9.19
N VAL B 222 -17.97 -24.60 -8.43
CA VAL B 222 -16.59 -25.03 -8.40
C VAL B 222 -16.44 -26.19 -7.43
N VAL B 223 -15.66 -27.20 -7.83
CA VAL B 223 -15.45 -28.41 -7.05
C VAL B 223 -14.03 -28.37 -6.49
N PHE B 224 -13.91 -28.53 -5.18
CA PHE B 224 -12.64 -28.70 -4.49
C PHE B 224 -12.60 -30.08 -3.85
N SER B 225 -11.48 -30.38 -3.19
CA SER B 225 -11.37 -31.65 -2.48
C SER B 225 -12.34 -31.73 -1.30
N THR B 226 -12.82 -30.60 -0.81
CA THR B 226 -13.70 -30.54 0.35
C THR B 226 -15.17 -30.56 -0.01
N GLY B 227 -15.51 -30.58 -1.30
CA GLY B 227 -16.89 -30.54 -1.75
C GLY B 227 -17.07 -29.59 -2.91
N SER B 228 -18.30 -29.40 -3.36
CA SER B 228 -18.63 -28.45 -4.40
C SER B 228 -19.32 -27.25 -3.78
N TYR B 229 -18.95 -26.05 -4.24
CA TYR B 229 -19.39 -24.81 -3.65
C TYR B 229 -20.04 -23.91 -4.69
N PRO B 230 -20.99 -23.06 -4.30
CA PRO B 230 -21.55 -22.11 -5.26
C PRO B 230 -20.55 -21.02 -5.60
N ARG B 231 -20.71 -20.45 -6.79
CA ARG B 231 -19.76 -19.48 -7.32
C ARG B 231 -20.51 -18.48 -8.18
N LEU B 232 -20.37 -17.20 -7.87
CA LEU B 232 -20.82 -16.12 -8.75
C LEU B 232 -19.59 -15.38 -9.26
N SER B 233 -19.49 -15.27 -10.58
CA SER B 233 -18.37 -14.60 -11.23
C SER B 233 -18.88 -13.36 -11.94
N LEU B 234 -18.31 -12.21 -11.62
CA LEU B 234 -18.67 -10.93 -12.23
C LEU B 234 -17.46 -10.46 -13.04
N SER B 235 -17.55 -10.63 -14.36
CA SER B 235 -16.47 -10.30 -15.27
C SER B 235 -16.75 -8.98 -15.98
N PHE B 236 -15.76 -8.10 -15.99
CA PHE B 236 -15.78 -6.87 -16.79
C PHE B 236 -14.73 -7.02 -17.88
N LYS B 237 -15.13 -6.78 -19.13
CA LYS B 237 -14.17 -6.70 -20.23
C LYS B 237 -13.75 -5.25 -20.40
N LEU B 238 -12.49 -4.96 -20.07
CA LEU B 238 -11.95 -3.62 -20.14
C LEU B 238 -11.14 -3.45 -21.42
N LYS B 239 -11.42 -2.38 -22.15
CA LYS B 239 -10.69 -2.03 -23.36
C LYS B 239 -9.83 -0.81 -23.08
N ARG B 240 -8.54 -0.89 -23.44
CA ARG B 240 -7.61 0.18 -23.15
C ARG B 240 -7.75 1.31 -24.15
N ASN B 241 -7.67 2.55 -23.65
CA ASN B 241 -7.70 3.73 -24.50
C ASN B 241 -6.30 3.99 -25.03
N ILE B 242 -6.17 4.09 -26.35
CA ILE B 242 -4.86 4.26 -26.99
C ILE B 242 -4.44 5.71 -27.09
N GLY B 243 -5.35 6.67 -26.87
CA GLY B 243 -5.02 8.07 -27.08
C GLY B 243 -3.85 8.54 -26.23
N TYR B 244 -3.78 8.06 -24.98
CA TYR B 244 -2.67 8.44 -24.13
C TYR B 244 -1.34 7.97 -24.69
N PHE B 245 -1.31 6.76 -25.23
CA PHE B 245 -0.05 6.16 -25.64
C PHE B 245 0.48 6.73 -26.94
N ILE B 246 -0.36 7.34 -27.77
CA ILE B 246 0.14 8.08 -28.92
C ILE B 246 0.95 9.28 -28.44
N LEU B 247 0.46 9.97 -27.41
CA LEU B 247 1.15 11.17 -26.93
C LEU B 247 2.54 10.85 -26.40
N GLN B 248 2.66 9.78 -25.61
CA GLN B 248 3.89 9.52 -24.88
C GLN B 248 4.74 8.41 -25.47
N THR B 249 4.16 7.50 -26.27
CA THR B 249 4.86 6.29 -26.70
C THR B 249 5.11 6.27 -28.20
N TYR B 250 4.06 6.39 -29.02
CA TYR B 250 4.23 6.19 -30.46
C TYR B 250 4.78 7.43 -31.15
N MET B 251 4.15 8.58 -30.94
CA MET B 251 4.59 9.79 -31.63
C MET B 251 6.03 10.16 -31.31
N PRO B 252 6.49 10.11 -30.06
CA PRO B 252 7.93 10.35 -29.82
C PRO B 252 8.83 9.40 -30.58
N SER B 253 8.43 8.14 -30.73
CA SER B 253 9.22 7.19 -31.51
C SER B 253 9.05 7.42 -33.01
N ILE B 254 7.89 7.89 -33.44
CA ILE B 254 7.70 8.19 -34.86
C ILE B 254 8.52 9.41 -35.25
N LEU B 255 8.51 10.45 -34.41
CA LEU B 255 9.25 11.66 -34.73
C LEU B 255 10.76 11.41 -34.72
N ILE B 256 11.25 10.61 -33.77
CA ILE B 256 12.67 10.26 -33.77
C ILE B 256 13.03 9.45 -35.00
N THR B 257 12.12 8.57 -35.43
CA THR B 257 12.35 7.84 -36.68
C THR B 257 12.41 8.79 -37.86
N ILE B 258 11.51 9.77 -37.90
CA ILE B 258 11.53 10.77 -38.97
C ILE B 258 12.78 11.62 -38.86
N LEU B 259 13.23 11.91 -37.63
CA LEU B 259 14.44 12.71 -37.44
C LEU B 259 15.64 12.04 -38.08
N SER B 260 15.77 10.72 -37.90
CA SER B 260 16.93 10.01 -38.43
C SER B 260 16.98 10.09 -39.96
N TRP B 261 15.83 10.24 -40.61
CA TRP B 261 15.81 10.37 -42.06
C TRP B 261 16.47 11.65 -42.54
N VAL B 262 16.63 12.65 -41.66
CA VAL B 262 17.28 13.89 -42.05
C VAL B 262 18.71 13.62 -42.51
N SER B 263 19.37 12.63 -41.89
CA SER B 263 20.74 12.31 -42.27
C SER B 263 20.86 11.95 -43.74
N PHE B 264 19.81 11.42 -44.34
CA PHE B 264 19.84 11.13 -45.77
C PHE B 264 19.89 12.40 -46.61
N TRP B 265 19.62 13.56 -46.02
CA TRP B 265 19.64 14.84 -46.72
C TRP B 265 20.92 15.62 -46.52
N ILE B 266 21.88 15.08 -45.77
CA ILE B 266 23.16 15.73 -45.54
C ILE B 266 24.19 15.01 -46.40
N ASN B 267 25.12 15.79 -46.96
CA ASN B 267 26.11 15.23 -47.86
C ASN B 267 27.00 14.24 -47.13
N TYR B 268 27.47 13.22 -47.86
CA TYR B 268 28.16 12.09 -47.24
C TYR B 268 29.38 12.54 -46.44
N ASP B 269 30.07 13.57 -46.91
CA ASP B 269 31.32 13.96 -46.27
C ASP B 269 31.12 14.54 -44.87
N ALA B 270 29.90 14.93 -44.53
CA ALA B 270 29.61 15.47 -43.19
C ALA B 270 29.45 14.31 -42.23
N SER B 271 30.59 13.72 -41.84
CA SER B 271 30.58 12.52 -41.02
C SER B 271 30.11 12.82 -39.60
N ALA B 272 30.62 13.89 -39.00
CA ALA B 272 30.26 14.20 -37.61
C ALA B 272 28.77 14.51 -37.51
N ALA B 273 28.23 15.26 -38.47
CA ALA B 273 26.82 15.60 -38.43
C ALA B 273 25.94 14.35 -38.55
N ARG B 274 26.19 13.53 -39.57
CA ARG B 274 25.34 12.37 -39.80
C ARG B 274 25.49 11.32 -38.71
N VAL B 275 26.71 11.07 -38.26
CA VAL B 275 26.92 10.11 -37.18
C VAL B 275 26.28 10.61 -35.89
N ALA B 276 26.48 11.89 -35.56
CA ALA B 276 25.87 12.45 -34.37
C ALA B 276 24.35 12.38 -34.46
N LEU B 277 23.80 12.67 -35.64
CA LEU B 277 22.37 12.47 -35.85
C LEU B 277 22.00 11.00 -35.69
N GLY B 278 22.85 10.12 -36.20
CA GLY B 278 22.60 8.69 -36.15
C GLY B 278 22.55 8.11 -34.76
N ILE B 279 23.67 8.18 -34.03
CA ILE B 279 23.74 7.52 -32.73
C ILE B 279 22.72 8.11 -31.77
N THR B 280 22.52 9.42 -31.83
CA THR B 280 21.59 10.07 -30.90
C THR B 280 20.19 9.52 -31.08
N THR B 281 19.74 9.36 -32.32
CA THR B 281 18.44 8.74 -32.56
C THR B 281 18.43 7.30 -32.08
N VAL B 282 19.49 6.55 -32.35
CA VAL B 282 19.55 5.15 -31.92
C VAL B 282 19.56 5.06 -30.41
N LEU B 283 20.41 5.84 -29.75
CA LEU B 283 20.55 5.74 -28.30
C LEU B 283 19.28 6.19 -27.59
N THR B 284 18.64 7.26 -28.08
CA THR B 284 17.37 7.69 -27.49
C THR B 284 16.30 6.61 -27.64
N MET B 285 16.28 5.95 -28.79
CA MET B 285 15.25 4.95 -29.05
C MET B 285 15.35 3.79 -28.06
N THR B 286 16.56 3.27 -27.84
CA THR B 286 16.73 2.22 -26.84
C THR B 286 16.44 2.75 -25.44
N THR B 287 16.72 4.03 -25.20
CA THR B 287 16.38 4.62 -23.90
C THR B 287 14.88 4.67 -23.69
N ILE B 288 14.12 5.06 -24.72
CA ILE B 288 12.66 5.09 -24.59
C ILE B 288 12.13 3.70 -24.33
N ASN B 289 12.64 2.70 -25.08
CA ASN B 289 12.19 1.33 -24.89
C ASN B 289 12.53 0.83 -23.48
N THR B 290 13.76 1.07 -23.03
CA THR B 290 14.15 0.66 -21.69
C THR B 290 13.35 1.40 -20.63
N HIS B 291 13.13 2.70 -20.85
CA HIS B 291 12.40 3.50 -19.86
C HIS B 291 10.97 2.99 -19.68
N LEU B 292 10.30 2.66 -20.78
CA LEU B 292 8.91 2.23 -20.68
C LEU B 292 8.80 0.85 -20.03
N ARG B 293 9.60 -0.10 -20.49
CA ARG B 293 9.43 -1.48 -20.03
C ARG B 293 9.73 -1.65 -18.55
N GLU B 294 10.47 -0.73 -17.93
CA GLU B 294 10.70 -0.82 -16.50
C GLU B 294 9.43 -0.51 -15.72
N THR B 295 8.59 0.39 -16.23
CA THR B 295 7.33 0.70 -15.56
C THR B 295 6.36 -0.48 -15.55
N LEU B 296 6.56 -1.46 -16.43
CA LEU B 296 5.71 -2.64 -16.52
C LEU B 296 6.32 -3.79 -15.73
N PRO B 297 5.57 -4.85 -15.50
CA PRO B 297 6.16 -6.03 -14.84
C PRO B 297 7.12 -6.74 -15.76
N LYS B 298 7.90 -7.66 -15.19
CA LYS B 298 8.94 -8.34 -15.94
C LYS B 298 8.38 -9.54 -16.69
N ILE B 299 7.36 -9.31 -17.53
CA ILE B 299 6.78 -10.40 -18.31
C ILE B 299 7.78 -10.83 -19.38
N PRO B 300 7.88 -12.12 -19.71
CA PRO B 300 8.90 -12.56 -20.66
C PRO B 300 8.58 -12.22 -22.11
N TYR B 301 7.32 -12.40 -22.50
CA TYR B 301 6.93 -12.27 -23.90
C TYR B 301 7.10 -10.84 -24.38
N VAL B 302 6.86 -10.60 -25.67
CA VAL B 302 7.08 -9.31 -26.31
C VAL B 302 5.72 -8.71 -26.63
N LYS B 303 5.47 -7.51 -26.13
CA LYS B 303 4.18 -6.85 -26.27
C LYS B 303 4.06 -6.25 -27.67
N ALA B 304 2.99 -5.48 -27.91
CA ALA B 304 2.87 -4.77 -29.17
C ALA B 304 3.67 -3.48 -29.19
N ILE B 305 3.76 -2.79 -28.05
CA ILE B 305 4.59 -1.60 -27.97
C ILE B 305 6.06 -1.96 -28.21
N ASP B 306 6.47 -3.13 -27.72
CA ASP B 306 7.82 -3.60 -28.00
C ASP B 306 8.01 -3.85 -29.49
N MET B 307 6.99 -4.38 -30.16
CA MET B 307 7.10 -4.65 -31.60
C MET B 307 7.31 -3.35 -32.37
N TYR B 308 6.57 -2.30 -32.02
CA TYR B 308 6.73 -1.03 -32.73
C TYR B 308 8.05 -0.37 -32.40
N LEU B 309 8.41 -0.31 -31.12
CA LEU B 309 9.67 0.29 -30.73
C LEU B 309 10.85 -0.50 -31.29
N MET B 310 10.76 -1.84 -31.27
CA MET B 310 11.81 -2.63 -31.90
C MET B 310 11.78 -2.50 -33.41
N GLY B 311 10.59 -2.35 -34.00
CA GLY B 311 10.52 -2.12 -35.44
C GLY B 311 11.10 -0.78 -35.83
N CYS B 312 10.83 0.26 -35.04
CA CYS B 312 11.40 1.57 -35.30
C CYS B 312 12.88 1.63 -34.92
N PHE B 313 13.36 0.71 -34.08
CA PHE B 313 14.79 0.63 -33.82
C PHE B 313 15.55 0.14 -35.04
N VAL B 314 14.92 -0.71 -35.86
CA VAL B 314 15.60 -1.22 -37.05
C VAL B 314 15.78 -0.09 -38.06
N PHE B 315 14.74 0.73 -38.27
CA PHE B 315 14.85 1.81 -39.25
C PHE B 315 15.92 2.82 -38.85
N VAL B 316 15.92 3.24 -37.59
CA VAL B 316 16.92 4.19 -37.14
C VAL B 316 18.31 3.54 -37.17
N PHE B 317 18.40 2.26 -36.81
CA PHE B 317 19.68 1.57 -36.87
C PHE B 317 20.12 1.35 -38.32
N MET B 318 19.18 0.97 -39.19
CA MET B 318 19.50 0.85 -40.61
C MET B 318 19.80 2.21 -41.22
N ALA B 319 19.23 3.28 -40.68
CA ALA B 319 19.57 4.61 -41.13
C ALA B 319 21.03 4.93 -40.85
N LEU B 320 21.52 4.56 -39.66
CA LEU B 320 22.92 4.74 -39.36
C LEU B 320 23.79 3.83 -40.20
N LEU B 321 23.41 2.57 -40.36
CA LEU B 321 24.14 1.67 -41.24
C LEU B 321 24.08 2.13 -42.68
N GLU B 322 23.06 2.90 -43.07
CA GLU B 322 23.02 3.46 -44.40
C GLU B 322 24.19 4.41 -44.63
N TYR B 323 24.50 5.24 -43.64
CA TYR B 323 25.65 6.13 -43.79
C TYR B 323 26.95 5.35 -43.77
N ALA B 324 27.04 4.32 -42.91
CA ALA B 324 28.27 3.54 -42.83
C ALA B 324 28.59 2.88 -44.17
N LEU B 325 27.57 2.36 -44.85
CA LEU B 325 27.79 1.86 -46.21
C LEU B 325 28.18 2.99 -47.15
N VAL B 326 27.57 4.16 -46.99
CA VAL B 326 27.92 5.30 -47.84
C VAL B 326 29.37 5.69 -47.62
N ASN B 327 29.79 5.75 -46.35
CA ASN B 327 31.18 6.06 -46.04
C ASN B 327 32.12 4.98 -46.57
N TYR B 328 31.77 3.71 -46.38
CA TYR B 328 32.66 2.63 -46.82
C TYR B 328 32.79 2.61 -48.33
N ILE B 329 31.68 2.77 -49.06
CA ILE B 329 31.73 2.68 -50.50
C ILE B 329 32.58 3.79 -51.10
N PHE B 330 32.66 4.94 -50.43
CA PHE B 330 33.37 6.10 -50.98
C PHE B 330 34.86 6.07 -50.60
N PHE B 331 35.17 6.06 -49.30
CA PHE B 331 36.56 6.06 -48.88
C PHE B 331 37.20 4.69 -48.97
N GLY B 332 36.40 3.62 -48.90
CA GLY B 332 36.94 2.27 -48.98
C GLY B 332 37.36 1.89 -50.39
N THR B 482 29.07 9.55 -57.79
CA THR B 482 27.84 9.47 -58.56
C THR B 482 26.90 8.40 -57.98
N ASP B 483 27.34 7.14 -58.05
CA ASP B 483 26.53 6.06 -57.50
C ASP B 483 26.36 6.20 -55.99
N VAL B 484 27.31 6.85 -55.32
CA VAL B 484 27.19 7.05 -53.88
C VAL B 484 25.98 7.92 -53.56
N ASN B 485 25.67 8.88 -54.43
CA ASN B 485 24.44 9.65 -54.27
C ASN B 485 23.22 8.76 -54.45
N ALA B 486 23.28 7.83 -55.41
CA ALA B 486 22.13 6.98 -55.70
C ALA B 486 21.69 6.19 -54.47
N ILE B 487 22.65 5.60 -53.76
CA ILE B 487 22.32 4.96 -52.49
C ILE B 487 21.76 6.00 -51.52
N ASP B 488 22.32 7.20 -51.54
CA ASP B 488 21.81 8.29 -50.72
C ASP B 488 20.52 8.88 -51.26
N ARG B 489 20.25 8.68 -52.56
CA ARG B 489 19.04 9.22 -53.18
C ARG B 489 17.88 8.24 -53.09
N TRP B 490 18.13 6.96 -53.40
CA TRP B 490 17.07 5.96 -53.26
C TRP B 490 16.65 5.81 -51.80
N SER B 491 17.61 5.79 -50.88
CA SER B 491 17.27 5.77 -49.46
C SER B 491 16.48 7.00 -49.05
N ARG B 492 16.57 8.09 -49.82
CA ARG B 492 15.82 9.30 -49.52
C ARG B 492 14.32 9.07 -49.56
N ILE B 493 13.86 8.07 -50.31
CA ILE B 493 12.43 7.83 -50.54
C ILE B 493 11.97 6.49 -50.00
N PHE B 494 12.79 5.43 -50.15
CA PHE B 494 12.36 4.12 -49.70
C PHE B 494 12.19 4.07 -48.19
N PHE B 495 13.06 4.76 -47.44
CA PHE B 495 12.91 4.74 -45.99
C PHE B 495 11.58 5.30 -45.53
N PRO B 496 11.14 6.49 -45.96
CA PRO B 496 9.77 6.90 -45.63
C PRO B 496 8.69 6.02 -46.25
N VAL B 497 8.99 5.32 -47.34
CA VAL B 497 8.00 4.43 -47.94
C VAL B 497 7.89 3.13 -47.16
N VAL B 498 9.03 2.47 -46.93
CA VAL B 498 9.01 1.19 -46.22
C VAL B 498 8.48 1.37 -44.80
N PHE B 499 8.82 2.50 -44.17
CA PHE B 499 8.30 2.75 -42.83
C PHE B 499 6.78 2.89 -42.86
N SER B 500 6.24 3.56 -43.87
CA SER B 500 4.79 3.72 -43.97
C SER B 500 4.11 2.37 -44.14
N PHE B 501 4.65 1.50 -44.98
CA PHE B 501 4.08 0.18 -45.16
C PHE B 501 4.17 -0.63 -43.87
N PHE B 502 5.30 -0.50 -43.15
CA PHE B 502 5.40 -1.13 -41.84
C PHE B 502 4.28 -0.65 -40.92
N ASN B 503 3.96 0.65 -40.97
CA ASN B 503 2.84 1.15 -40.19
C ASN B 503 1.52 0.60 -40.69
N ILE B 504 1.36 0.47 -42.01
CA ILE B 504 0.13 -0.09 -42.55
C ILE B 504 -0.06 -1.52 -42.06
N VAL B 505 1.00 -2.33 -42.13
CA VAL B 505 0.90 -3.72 -41.67
C VAL B 505 0.69 -3.76 -40.17
N TYR B 506 1.47 -2.99 -39.41
CA TYR B 506 1.37 -3.02 -37.96
C TYR B 506 0.00 -2.56 -37.49
N TRP B 507 -0.42 -1.37 -37.93
CA TRP B 507 -1.68 -0.82 -37.43
C TRP B 507 -2.87 -1.64 -37.93
N LEU B 508 -2.83 -2.09 -39.19
CA LEU B 508 -3.91 -2.95 -39.69
C LEU B 508 -3.98 -4.25 -38.89
N TYR B 509 -2.83 -4.85 -38.59
CA TYR B 509 -2.82 -6.12 -37.86
C TYR B 509 -3.35 -5.95 -36.45
N TYR B 510 -2.92 -4.91 -35.74
CA TYR B 510 -3.27 -4.75 -34.34
C TYR B 510 -4.59 -4.02 -34.14
N VAL B 511 -4.94 -3.08 -35.01
CA VAL B 511 -6.19 -2.36 -34.89
C VAL B 511 -7.28 -3.08 -35.67
N ASP C 36 -38.73 -26.00 14.43
CA ASP C 36 -37.81 -26.03 15.57
C ASP C 36 -36.72 -27.08 15.36
N ASN C 37 -36.39 -27.34 14.09
CA ASN C 37 -35.31 -28.29 13.77
C ASN C 37 -33.94 -27.75 14.14
N THR C 38 -33.82 -26.45 14.45
CA THR C 38 -32.53 -25.89 14.84
C THR C 38 -32.17 -26.27 16.28
N THR C 39 -33.17 -26.35 17.17
CA THR C 39 -32.89 -26.62 18.57
C THR C 39 -32.25 -27.99 18.77
N VAL C 40 -32.53 -28.94 17.89
CA VAL C 40 -31.93 -30.27 18.01
C VAL C 40 -30.41 -30.15 17.89
N PHE C 41 -29.94 -29.37 16.91
CA PHE C 41 -28.51 -29.20 16.70
C PHE C 41 -27.89 -28.17 17.65
N THR C 42 -28.68 -27.24 18.16
CA THR C 42 -28.16 -26.29 19.13
C THR C 42 -27.74 -26.99 20.41
N ARG C 43 -28.54 -27.92 20.90
CA ARG C 43 -28.21 -28.63 22.14
C ARG C 43 -27.07 -29.61 21.94
N ILE C 44 -26.82 -30.05 20.70
CA ILE C 44 -25.65 -30.88 20.44
C ILE C 44 -24.38 -30.07 20.61
N LEU C 45 -24.34 -28.86 20.02
CA LEU C 45 -23.14 -28.03 20.12
C LEU C 45 -22.88 -27.63 21.56
N ASP C 46 -23.93 -27.31 22.32
CA ASP C 46 -23.74 -27.01 23.74
C ASP C 46 -23.20 -28.21 24.49
N ARG C 47 -23.67 -29.41 24.14
CA ARG C 47 -23.19 -30.62 24.80
C ARG C 47 -21.72 -30.87 24.53
N LEU C 48 -21.20 -30.37 23.41
CA LEU C 48 -19.78 -30.57 23.10
C LEU C 48 -18.90 -29.63 23.91
N LEU C 49 -19.32 -28.39 24.10
CA LEU C 49 -18.46 -27.37 24.68
C LEU C 49 -18.60 -27.20 26.18
N ASP C 50 -19.50 -27.94 26.84
CA ASP C 50 -19.64 -27.84 28.29
C ASP C 50 -18.63 -28.78 28.94
N GLY C 51 -17.73 -28.20 29.75
CA GLY C 51 -16.62 -28.95 30.29
C GLY C 51 -15.45 -29.08 29.34
N TYR C 52 -15.61 -28.72 28.07
CA TYR C 52 -14.50 -28.75 27.14
C TYR C 52 -13.47 -27.71 27.52
N ASP C 53 -12.21 -28.10 27.57
CA ASP C 53 -11.11 -27.21 27.93
C ASP C 53 -10.33 -26.87 26.67
N ASN C 54 -10.45 -25.62 26.24
CA ASN C 54 -9.79 -25.12 25.03
C ASN C 54 -8.27 -25.11 25.15
N ARG C 55 -7.72 -25.25 26.35
CA ARG C 55 -6.29 -25.07 26.57
C ARG C 55 -5.48 -26.36 26.44
N LEU C 56 -6.11 -27.52 26.63
CA LEU C 56 -5.43 -28.81 26.58
C LEU C 56 -5.68 -29.48 25.24
N ARG C 57 -4.62 -30.00 24.64
CA ARG C 57 -4.73 -30.67 23.35
C ARG C 57 -5.45 -32.00 23.51
N PRO C 58 -6.01 -32.54 22.41
CA PRO C 58 -6.67 -33.85 22.51
C PRO C 58 -5.71 -34.94 22.94
N GLY C 59 -6.22 -35.86 23.76
CA GLY C 59 -5.41 -36.98 24.21
C GLY C 59 -4.19 -36.57 25.00
N LEU C 60 -4.30 -35.52 25.80
CA LEU C 60 -3.17 -35.06 26.60
C LEU C 60 -2.87 -36.09 27.68
N GLY C 61 -1.59 -36.44 27.81
CA GLY C 61 -1.15 -37.37 28.84
C GLY C 61 -1.33 -38.83 28.50
N GLU C 62 -1.93 -39.16 27.36
CA GLU C 62 -2.09 -40.54 26.93
C GLU C 62 -1.68 -40.81 25.48
N ARG C 63 -1.71 -39.81 24.60
CA ARG C 63 -1.43 -39.97 23.19
C ARG C 63 -0.49 -38.86 22.72
N VAL C 64 -0.11 -38.95 21.45
CA VAL C 64 0.51 -37.86 20.72
C VAL C 64 -0.49 -37.38 19.68
N THR C 65 -0.81 -36.09 19.70
CA THR C 65 -1.82 -35.55 18.80
C THR C 65 -1.27 -35.52 17.38
N GLU C 66 -1.81 -36.37 16.51
CA GLU C 66 -1.37 -36.47 15.13
C GLU C 66 -2.27 -35.61 14.25
N VAL C 67 -1.69 -34.61 13.60
CA VAL C 67 -2.41 -33.65 12.79
C VAL C 67 -2.08 -33.96 11.33
N LYS C 68 -3.08 -34.40 10.57
CA LYS C 68 -2.91 -34.69 9.14
C LYS C 68 -3.18 -33.42 8.35
N THR C 69 -2.13 -32.87 7.75
CA THR C 69 -2.20 -31.59 7.05
C THR C 69 -2.10 -31.79 5.55
N ASP C 70 -2.49 -30.76 4.82
CA ASP C 70 -2.46 -30.78 3.36
C ASP C 70 -2.75 -29.37 2.86
N ILE C 71 -2.24 -29.07 1.67
CA ILE C 71 -2.27 -27.72 1.12
C ILE C 71 -2.84 -27.77 -0.28
N PHE C 72 -3.71 -26.81 -0.60
CA PHE C 72 -4.19 -26.59 -1.96
C PHE C 72 -3.83 -25.16 -2.33
N VAL C 73 -2.85 -25.01 -3.21
CA VAL C 73 -2.36 -23.70 -3.62
C VAL C 73 -3.35 -23.11 -4.61
N THR C 74 -4.15 -22.14 -4.14
CA THR C 74 -5.09 -21.49 -5.03
C THR C 74 -4.38 -20.65 -6.08
N SER C 75 -3.25 -20.04 -5.72
CA SER C 75 -2.47 -19.27 -6.69
C SER C 75 -1.07 -19.03 -6.16
N PHE C 76 -0.06 -19.43 -6.92
CA PHE C 76 1.34 -19.25 -6.50
C PHE C 76 1.73 -17.81 -6.82
N GLY C 77 1.73 -16.97 -5.80
CA GLY C 77 1.92 -15.55 -5.96
C GLY C 77 3.26 -15.19 -6.56
N PRO C 78 3.51 -13.90 -6.75
CA PRO C 78 4.78 -13.47 -7.35
C PRO C 78 5.95 -13.67 -6.40
N VAL C 79 7.13 -13.74 -6.99
CA VAL C 79 8.39 -13.91 -6.26
C VAL C 79 9.13 -12.58 -6.28
N SER C 80 9.56 -12.13 -5.11
CA SER C 80 10.26 -10.86 -4.94
C SER C 80 11.72 -11.18 -4.67
N ASP C 81 12.52 -11.22 -5.74
CA ASP C 81 13.95 -11.49 -5.57
C ASP C 81 14.65 -10.39 -4.79
N HIS C 82 14.11 -9.16 -4.80
CA HIS C 82 14.70 -8.10 -3.99
C HIS C 82 14.63 -8.45 -2.50
N ASP C 83 13.49 -8.96 -2.06
CA ASP C 83 13.28 -9.33 -0.67
C ASP C 83 13.57 -10.80 -0.38
N MET C 84 13.92 -11.58 -1.40
CA MET C 84 14.22 -13.00 -1.23
C MET C 84 13.04 -13.73 -0.60
N GLU C 85 11.83 -13.37 -1.03
CA GLU C 85 10.61 -13.98 -0.51
C GLU C 85 9.65 -14.22 -1.67
N TYR C 86 8.62 -14.99 -1.40
CA TYR C 86 7.55 -15.26 -2.36
C TYR C 86 6.22 -15.30 -1.64
N THR C 87 5.17 -15.03 -2.40
CA THR C 87 3.80 -15.07 -1.90
C THR C 87 3.09 -16.27 -2.49
N ILE C 88 2.21 -16.88 -1.70
CA ILE C 88 1.46 -18.05 -2.14
C ILE C 88 0.14 -18.08 -1.37
N ASP C 89 -0.97 -18.12 -2.09
CA ASP C 89 -2.30 -18.20 -1.50
C ASP C 89 -2.74 -19.65 -1.47
N VAL C 90 -3.18 -20.12 -0.29
CA VAL C 90 -3.43 -21.53 -0.07
C VAL C 90 -4.73 -21.71 0.70
N PHE C 91 -5.32 -22.90 0.55
CA PHE C 91 -6.30 -23.44 1.48
C PHE C 91 -5.53 -24.40 2.38
N PHE C 92 -5.17 -23.94 3.58
CA PHE C 92 -4.34 -24.72 4.49
C PHE C 92 -5.25 -25.63 5.29
N ARG C 93 -5.35 -26.90 4.88
CA ARG C 93 -6.20 -27.88 5.53
C ARG C 93 -5.38 -28.66 6.54
N GLN C 94 -5.94 -28.84 7.74
CA GLN C 94 -5.35 -29.71 8.74
C GLN C 94 -6.47 -30.38 9.51
N SER C 95 -6.30 -31.68 9.76
CA SER C 95 -7.32 -32.51 10.39
C SER C 95 -6.70 -33.32 11.50
N TRP C 96 -7.47 -33.55 12.56
CA TRP C 96 -7.00 -34.30 13.72
C TRP C 96 -8.20 -34.89 14.43
N LYS C 97 -7.92 -35.85 15.31
CA LYS C 97 -8.94 -36.55 16.08
C LYS C 97 -9.06 -35.90 17.45
N ASP C 98 -10.30 -35.66 17.88
CA ASP C 98 -10.57 -35.09 19.20
C ASP C 98 -11.76 -35.86 19.79
N GLU C 99 -11.47 -36.73 20.75
CA GLU C 99 -12.53 -37.57 21.33
C GLU C 99 -13.58 -36.73 22.04
N ARG C 100 -13.21 -35.57 22.56
CA ARG C 100 -14.16 -34.74 23.27
C ARG C 100 -15.29 -34.26 22.35
N LEU C 101 -14.95 -33.95 21.10
CA LEU C 101 -15.92 -33.48 20.12
C LEU C 101 -16.56 -34.64 19.36
N LYS C 102 -17.07 -35.61 20.10
CA LYS C 102 -17.73 -36.80 19.55
C LYS C 102 -19.23 -36.69 19.84
N PHE C 103 -20.04 -36.83 18.79
CA PHE C 103 -21.48 -36.66 18.92
C PHE C 103 -22.20 -37.76 18.15
N LYS C 104 -23.53 -37.72 18.21
CA LYS C 104 -24.36 -38.63 17.44
C LYS C 104 -25.75 -38.01 17.34
N GLY C 105 -26.23 -37.79 16.12
CA GLY C 105 -27.48 -37.12 15.91
C GLY C 105 -28.06 -37.39 14.54
N PRO C 106 -28.98 -36.53 14.08
CA PRO C 106 -29.55 -36.72 12.74
C PRO C 106 -28.51 -36.69 11.63
N MET C 107 -27.41 -35.98 11.82
CA MET C 107 -26.41 -35.77 10.79
C MET C 107 -25.08 -36.38 11.22
N THR C 108 -24.23 -36.67 10.22
CA THR C 108 -22.95 -37.30 10.45
C THR C 108 -21.78 -36.32 10.47
N VAL C 109 -21.91 -35.18 9.80
CA VAL C 109 -20.90 -34.12 9.80
C VAL C 109 -21.59 -32.79 10.04
N LEU C 110 -21.07 -32.01 10.98
CA LEU C 110 -21.60 -30.68 11.28
C LEU C 110 -20.73 -29.64 10.57
N ARG C 111 -21.25 -29.08 9.49
CA ARG C 111 -20.56 -28.02 8.75
C ARG C 111 -20.85 -26.69 9.43
N LEU C 112 -19.83 -26.12 10.06
CA LEU C 112 -19.94 -24.94 10.91
C LEU C 112 -19.07 -23.82 10.34
N ASN C 113 -19.03 -22.71 11.08
CA ASN C 113 -18.29 -21.52 10.70
C ASN C 113 -17.14 -21.29 11.68
N ASN C 114 -16.40 -20.19 11.49
CA ASN C 114 -15.21 -19.93 12.27
C ASN C 114 -15.50 -19.76 13.75
N LEU C 115 -16.73 -19.41 14.12
CA LEU C 115 -17.03 -19.14 15.53
C LEU C 115 -16.75 -20.37 16.41
N MET C 116 -17.08 -21.56 15.91
CA MET C 116 -16.80 -22.76 16.69
C MET C 116 -15.31 -23.05 16.76
N ALA C 117 -14.53 -22.59 15.77
CA ALA C 117 -13.10 -22.88 15.79
C ALA C 117 -12.42 -22.26 17.00
N SER C 118 -12.78 -21.03 17.33
CA SER C 118 -12.15 -20.38 18.49
C SER C 118 -12.58 -20.99 19.80
N LYS C 119 -13.71 -21.71 19.83
CA LYS C 119 -14.18 -22.32 21.06
C LYS C 119 -13.49 -23.64 21.36
N ILE C 120 -12.82 -24.24 20.38
CA ILE C 120 -12.22 -25.57 20.52
C ILE C 120 -10.73 -25.49 20.25
N TRP C 121 -10.02 -26.52 20.69
CA TRP C 121 -8.57 -26.57 20.50
C TRP C 121 -8.25 -26.81 19.04
N THR C 122 -7.37 -25.99 18.49
CA THR C 122 -6.84 -26.16 17.15
C THR C 122 -5.32 -26.10 17.22
N PRO C 123 -4.62 -26.80 16.33
CA PRO C 123 -3.15 -26.77 16.39
C PRO C 123 -2.62 -25.36 16.15
N ASP C 124 -1.53 -25.05 16.85
CA ASP C 124 -0.90 -23.74 16.74
C ASP C 124 0.17 -23.73 15.66
N THR C 125 -0.21 -24.17 14.47
CA THR C 125 0.73 -24.27 13.37
C THR C 125 1.22 -22.89 12.94
N PHE C 126 2.51 -22.78 12.71
CA PHE C 126 3.12 -21.56 12.20
C PHE C 126 4.16 -21.95 11.18
N PHE C 127 4.52 -21.00 10.33
CA PHE C 127 5.47 -21.23 9.24
C PHE C 127 6.84 -20.76 9.69
N HIS C 128 7.80 -21.69 9.71
CA HIS C 128 9.11 -21.39 10.28
C HIS C 128 9.79 -20.25 9.52
N ASN C 129 9.65 -20.24 8.19
CA ASN C 129 10.22 -19.20 7.35
C ASN C 129 9.18 -18.19 6.88
N GLY C 130 8.02 -18.14 7.54
CA GLY C 130 7.00 -17.18 7.18
C GLY C 130 7.41 -15.76 7.55
N LYS C 131 6.88 -14.80 6.79
CA LYS C 131 7.17 -13.38 7.03
C LYS C 131 5.91 -12.59 6.70
N LYS C 132 5.17 -12.20 7.74
CA LYS C 132 3.99 -11.34 7.59
C LYS C 132 2.95 -12.00 6.68
N SER C 133 2.42 -13.12 7.15
CA SER C 133 1.27 -13.73 6.51
C SER C 133 -0.01 -13.03 6.98
N VAL C 134 -1.07 -13.17 6.19
CA VAL C 134 -2.37 -12.61 6.54
C VAL C 134 -3.42 -13.70 6.39
N ALA C 135 -4.25 -13.87 7.41
CA ALA C 135 -5.45 -14.69 7.32
C ALA C 135 -6.59 -13.79 6.86
N HIS C 136 -7.20 -14.14 5.74
CA HIS C 136 -8.18 -13.26 5.12
C HIS C 136 -9.46 -13.21 5.95
N ASN C 137 -10.07 -12.02 5.97
CA ASN C 137 -11.20 -11.73 6.84
C ASN C 137 -12.46 -11.30 6.09
N MET C 138 -12.35 -10.90 4.82
CA MET C 138 -13.48 -10.45 4.02
C MET C 138 -14.19 -11.66 3.41
N THR C 139 -15.52 -11.72 3.51
CA THR C 139 -16.48 -10.91 4.27
C THR C 139 -16.48 -11.30 5.74
N MET C 140 -16.31 -12.59 5.99
CA MET C 140 -16.18 -13.15 7.31
C MET C 140 -14.85 -13.88 7.36
N PRO C 141 -14.38 -14.35 8.52
CA PRO C 141 -13.13 -15.12 8.55
C PRO C 141 -13.15 -16.30 7.61
N ASN C 142 -12.25 -16.31 6.62
CA ASN C 142 -12.22 -17.35 5.60
C ASN C 142 -11.67 -18.62 6.22
N LYS C 143 -12.54 -19.31 6.96
CA LYS C 143 -12.21 -20.57 7.60
C LYS C 143 -13.46 -21.45 7.61
N LEU C 144 -13.24 -22.75 7.67
CA LEU C 144 -14.33 -23.71 7.85
C LEU C 144 -13.93 -24.72 8.91
N LEU C 145 -14.92 -25.20 9.63
CA LEU C 145 -14.76 -26.25 10.62
C LEU C 145 -15.83 -27.30 10.37
N ARG C 146 -15.43 -28.58 10.41
CA ARG C 146 -16.35 -29.69 10.24
C ARG C 146 -16.02 -30.77 11.25
N ILE C 147 -17.00 -31.11 12.07
CA ILE C 147 -16.84 -32.12 13.11
C ILE C 147 -17.58 -33.36 12.64
N THR C 148 -16.84 -34.42 12.35
CA THR C 148 -17.46 -35.70 12.02
C THR C 148 -17.88 -36.40 13.31
N GLU C 149 -18.88 -37.28 13.19
CA GLU C 149 -19.47 -37.89 14.37
C GLU C 149 -18.46 -38.67 15.18
N ASP C 150 -17.44 -39.24 14.53
CA ASP C 150 -16.41 -39.99 15.24
C ASP C 150 -15.48 -39.10 16.04
N GLY C 151 -15.49 -37.80 15.81
CA GLY C 151 -14.60 -36.86 16.50
C GLY C 151 -13.55 -36.25 15.61
N THR C 152 -13.41 -36.70 14.37
CA THR C 152 -12.44 -36.11 13.46
C THR C 152 -12.85 -34.69 13.12
N LEU C 153 -11.86 -33.80 13.05
CA LEU C 153 -12.05 -32.41 12.68
C LEU C 153 -11.38 -32.12 11.34
N LEU C 154 -12.04 -31.32 10.52
CA LEU C 154 -11.43 -30.73 9.33
C LEU C 154 -11.47 -29.22 9.51
N TYR C 155 -10.28 -28.61 9.58
CA TYR C 155 -10.15 -27.20 9.88
C TYR C 155 -9.28 -26.57 8.79
N THR C 156 -9.93 -25.89 7.84
CA THR C 156 -9.27 -25.26 6.72
C THR C 156 -9.34 -23.75 6.87
N MET C 157 -8.32 -23.07 6.36
CA MET C 157 -8.26 -21.62 6.38
C MET C 157 -7.59 -21.13 5.12
N ARG C 158 -7.96 -19.92 4.70
CA ARG C 158 -7.39 -19.29 3.53
C ARG C 158 -6.32 -18.29 3.99
N LEU C 159 -5.10 -18.46 3.48
CA LEU C 159 -3.96 -17.67 3.91
C LEU C 159 -3.24 -17.11 2.69
N THR C 160 -2.52 -16.03 2.91
CA THR C 160 -1.57 -15.49 1.94
C THR C 160 -0.23 -15.43 2.67
N VAL C 161 0.48 -16.55 2.68
CA VAL C 161 1.74 -16.66 3.41
C VAL C 161 2.87 -16.10 2.56
N ARG C 162 3.62 -15.15 3.13
CA ARG C 162 4.78 -14.56 2.50
C ARG C 162 6.00 -15.22 3.14
N ALA C 163 6.46 -16.31 2.54
CA ALA C 163 7.54 -17.10 3.10
C ALA C 163 8.89 -16.64 2.56
N GLU C 164 9.93 -16.92 3.32
CA GLU C 164 11.29 -16.58 2.95
C GLU C 164 11.84 -17.66 2.03
N CYS C 165 12.46 -17.25 0.92
CA CYS C 165 13.07 -18.15 -0.05
C CYS C 165 14.49 -17.68 -0.31
N PRO C 166 15.47 -18.18 0.44
CA PRO C 166 16.86 -17.76 0.17
C PRO C 166 17.31 -18.22 -1.21
N MET C 167 17.77 -17.27 -2.01
CA MET C 167 18.16 -17.49 -3.39
C MET C 167 19.66 -17.33 -3.55
N HIS C 168 20.26 -18.22 -4.35
CA HIS C 168 21.65 -18.10 -4.76
C HIS C 168 21.64 -17.64 -6.22
N LEU C 169 21.81 -16.33 -6.41
CA LEU C 169 21.75 -15.74 -7.74
C LEU C 169 23.10 -15.78 -8.43
N GLU C 170 23.71 -16.97 -8.45
CA GLU C 170 25.01 -17.12 -9.09
C GLU C 170 24.87 -17.20 -10.61
N ASP C 171 23.82 -17.84 -11.09
CA ASP C 171 23.57 -18.03 -12.52
C ASP C 171 22.48 -17.10 -13.04
N PHE C 172 22.15 -16.04 -12.32
CA PHE C 172 21.10 -15.14 -12.75
C PHE C 172 21.44 -14.55 -14.12
N PRO C 173 20.49 -14.50 -15.06
CA PRO C 173 19.07 -14.88 -15.00
C PRO C 173 18.78 -16.33 -15.38
N MET C 174 19.79 -17.17 -15.60
CA MET C 174 19.56 -18.59 -15.89
C MET C 174 19.65 -19.41 -14.61
N ASP C 175 18.83 -19.03 -13.64
CA ASP C 175 18.86 -19.61 -12.29
C ASP C 175 17.52 -20.26 -11.97
N ALA C 176 17.60 -21.33 -11.17
CA ALA C 176 16.43 -22.04 -10.67
C ALA C 176 16.56 -22.18 -9.15
N HIS C 177 15.44 -22.04 -8.45
CA HIS C 177 15.42 -22.08 -7.00
C HIS C 177 14.38 -23.08 -6.52
N ALA C 178 14.62 -23.64 -5.34
CA ALA C 178 13.71 -24.55 -4.66
C ALA C 178 13.23 -23.84 -3.42
N CYS C 179 12.19 -23.04 -3.55
CA CYS C 179 11.72 -22.21 -2.45
C CYS C 179 11.02 -23.06 -1.40
N PRO C 180 11.43 -23.04 -0.14
CA PRO C 180 10.79 -23.91 0.85
C PRO C 180 9.57 -23.26 1.51
N LEU C 181 8.79 -24.12 2.18
CA LEU C 181 7.70 -23.66 3.03
C LEU C 181 7.62 -24.67 4.18
N LYS C 182 8.26 -24.32 5.29
CA LYS C 182 8.33 -25.19 6.45
C LYS C 182 7.32 -24.72 7.49
N PHE C 183 6.63 -25.67 8.13
CA PHE C 183 5.66 -25.32 9.15
C PHE C 183 5.59 -26.41 10.19
N GLY C 184 5.09 -26.04 11.36
CA GLY C 184 4.95 -26.98 12.47
C GLY C 184 4.39 -26.27 13.67
N SER C 185 4.29 -27.01 14.77
CA SER C 185 3.82 -26.43 16.01
C SER C 185 4.85 -25.47 16.59
N TYR C 186 4.35 -24.43 17.26
CA TYR C 186 5.22 -23.50 17.96
C TYR C 186 5.49 -23.92 19.39
N ALA C 187 4.48 -24.46 20.07
CA ALA C 187 4.56 -24.73 21.50
C ALA C 187 4.63 -26.20 21.86
N TYR C 188 4.29 -27.11 20.95
CA TYR C 188 4.20 -28.53 21.24
C TYR C 188 5.37 -29.26 20.59
N THR C 189 6.12 -29.99 21.41
CA THR C 189 7.28 -30.71 20.95
C THR C 189 6.86 -31.98 20.20
N ARG C 190 7.85 -32.71 19.69
CA ARG C 190 7.58 -33.93 18.92
C ARG C 190 6.86 -34.98 19.76
N ALA C 191 6.96 -34.91 21.08
CA ALA C 191 6.31 -35.87 21.96
C ALA C 191 4.85 -35.54 22.24
N GLU C 192 4.33 -34.44 21.69
CA GLU C 192 2.97 -34.00 21.96
C GLU C 192 2.13 -33.77 20.71
N VAL C 193 2.71 -33.19 19.66
CA VAL C 193 2.01 -32.94 18.42
C VAL C 193 2.89 -33.41 17.27
N VAL C 194 2.33 -34.25 16.42
CA VAL C 194 3.01 -34.81 15.25
C VAL C 194 2.21 -34.43 14.01
N TYR C 195 2.90 -34.05 12.95
CA TYR C 195 2.28 -33.64 11.71
C TYR C 195 2.48 -34.72 10.65
N GLU C 196 1.48 -34.84 9.77
CA GLU C 196 1.45 -35.88 8.76
C GLU C 196 0.73 -35.33 7.54
N TRP C 197 1.03 -35.88 6.38
CA TRP C 197 0.34 -35.53 5.15
C TRP C 197 -0.93 -36.36 5.04
N THR C 198 -2.03 -35.71 4.65
CA THR C 198 -3.34 -36.37 4.68
C THR C 198 -3.42 -37.50 3.64
N ARG C 199 -2.74 -37.34 2.52
CA ARG C 199 -2.66 -38.32 1.44
C ARG C 199 -1.21 -38.77 1.34
N GLU C 200 -0.89 -39.49 0.27
CA GLU C 200 0.50 -39.73 -0.06
C GLU C 200 1.26 -38.40 -0.03
N PRO C 201 2.51 -38.37 0.45
CA PRO C 201 3.24 -37.10 0.44
C PRO C 201 3.33 -36.45 -0.93
N ALA C 202 3.42 -37.25 -1.99
CA ALA C 202 3.49 -36.67 -3.33
C ALA C 202 2.20 -35.93 -3.69
N ARG C 203 1.06 -36.43 -3.23
CA ARG C 203 -0.25 -35.92 -3.66
C ARG C 203 -0.89 -34.99 -2.64
N SER C 204 -0.17 -34.61 -1.59
CA SER C 204 -0.76 -33.83 -0.49
C SER C 204 -0.56 -32.33 -0.65
N VAL C 205 0.16 -31.88 -1.67
CA VAL C 205 0.25 -30.47 -2.02
C VAL C 205 -0.16 -30.35 -3.48
N VAL C 206 -1.29 -29.70 -3.72
CA VAL C 206 -1.88 -29.61 -5.05
C VAL C 206 -1.95 -28.14 -5.43
N VAL C 207 -1.55 -27.83 -6.67
CA VAL C 207 -1.54 -26.46 -7.18
C VAL C 207 -2.66 -26.35 -8.22
N ALA C 208 -3.48 -25.31 -8.07
CA ALA C 208 -4.57 -25.09 -9.03
C ALA C 208 -4.01 -24.90 -10.43
N GLU C 209 -4.76 -25.39 -11.41
CA GLU C 209 -4.30 -25.34 -12.80
C GLU C 209 -4.04 -23.90 -13.23
N ASP C 210 -5.08 -23.08 -13.26
CA ASP C 210 -4.96 -21.67 -13.64
C ASP C 210 -4.69 -20.78 -12.45
N GLY C 211 -3.66 -21.13 -11.67
CA GLY C 211 -3.37 -20.43 -10.44
C GLY C 211 -2.10 -19.60 -10.47
N SER C 212 -1.23 -19.85 -11.44
CA SER C 212 0.07 -19.20 -11.46
C SER C 212 -0.09 -17.69 -11.60
N ARG C 213 0.44 -16.96 -10.62
CA ARG C 213 0.59 -15.52 -10.69
C ARG C 213 2.04 -15.12 -10.95
N LEU C 214 2.89 -16.06 -11.31
CA LEU C 214 4.28 -15.76 -11.59
C LEU C 214 4.40 -15.01 -12.91
N ASN C 215 5.33 -14.05 -12.94
CA ASN C 215 5.62 -13.29 -14.16
C ASN C 215 6.91 -13.75 -14.82
N GLN C 216 8.01 -13.78 -14.08
CA GLN C 216 9.32 -14.14 -14.62
C GLN C 216 9.84 -15.46 -14.07
N TYR C 217 8.95 -16.33 -13.60
CA TYR C 217 9.34 -17.65 -13.10
C TYR C 217 8.37 -18.69 -13.63
N ASP C 218 8.80 -19.94 -13.58
CA ASP C 218 7.99 -21.08 -14.01
C ASP C 218 8.01 -22.12 -12.91
N LEU C 219 6.82 -22.53 -12.46
CA LEU C 219 6.70 -23.50 -11.37
C LEU C 219 6.78 -24.90 -11.97
N LEU C 220 7.96 -25.52 -11.85
CA LEU C 220 8.16 -26.84 -12.41
C LEU C 220 7.39 -27.90 -11.63
N GLY C 221 7.38 -27.78 -10.31
CA GLY C 221 6.72 -28.76 -9.47
C GLY C 221 7.09 -28.54 -8.03
N GLN C 222 6.71 -29.49 -7.19
CA GLN C 222 7.04 -29.42 -5.78
C GLN C 222 7.38 -30.79 -5.24
N THR C 223 8.14 -30.79 -4.15
CA THR C 223 8.46 -31.99 -3.40
C THR C 223 8.27 -31.69 -1.92
N VAL C 224 7.93 -32.73 -1.14
CA VAL C 224 7.65 -32.57 0.28
C VAL C 224 8.54 -33.52 1.08
N ASP C 225 8.70 -33.19 2.35
CA ASP C 225 9.46 -34.02 3.28
C ASP C 225 9.05 -33.65 4.69
N SER C 226 9.41 -34.53 5.63
CA SER C 226 9.12 -34.33 7.04
C SER C 226 10.36 -34.67 7.87
N GLY C 227 10.60 -33.87 8.91
CA GLY C 227 11.77 -34.06 9.74
C GLY C 227 11.59 -33.51 11.14
N ILE C 228 12.66 -33.54 11.93
CA ILE C 228 12.68 -33.06 13.30
C ILE C 228 13.61 -31.85 13.37
N VAL C 229 13.26 -30.90 14.23
CA VAL C 229 14.04 -29.68 14.45
C VAL C 229 14.41 -29.62 15.92
N GLN C 230 15.70 -29.40 16.19
CA GLN C 230 16.19 -29.21 17.55
C GLN C 230 16.18 -27.74 17.92
N SER C 231 16.08 -27.48 19.22
CA SER C 231 16.16 -26.11 19.73
C SER C 231 16.38 -26.20 21.23
N SER C 232 16.60 -25.03 21.85
CA SER C 232 16.73 -24.98 23.29
C SER C 232 15.45 -25.38 24.00
N THR C 233 14.32 -25.38 23.30
CA THR C 233 13.03 -25.69 23.88
C THR C 233 12.68 -27.17 23.79
N GLY C 234 13.14 -27.85 22.75
CA GLY C 234 12.86 -29.27 22.60
C GLY C 234 12.87 -29.64 21.13
N GLU C 235 12.41 -30.86 20.86
CA GLU C 235 12.36 -31.41 19.51
C GLU C 235 10.99 -31.16 18.91
N TYR C 236 10.97 -30.62 17.69
CA TYR C 236 9.74 -30.30 16.98
C TYR C 236 9.75 -30.95 15.61
N VAL C 237 8.60 -31.44 15.20
CA VAL C 237 8.44 -31.98 13.84
C VAL C 237 8.17 -30.84 12.89
N VAL C 238 8.81 -30.88 11.73
CA VAL C 238 8.69 -29.84 10.71
C VAL C 238 8.27 -30.48 9.41
N MET C 239 7.25 -29.93 8.77
CA MET C 239 6.76 -30.38 7.48
C MET C 239 7.29 -29.42 6.42
N THR C 240 8.09 -29.93 5.50
CA THR C 240 8.77 -29.12 4.50
C THR C 240 8.22 -29.44 3.12
N THR C 241 7.89 -28.40 2.37
CA THR C 241 7.56 -28.53 0.95
C THR C 241 8.35 -27.51 0.17
N HIS C 242 9.03 -27.97 -0.87
CA HIS C 242 9.84 -27.12 -1.74
C HIS C 242 9.10 -26.91 -3.05
N PHE C 243 9.01 -25.66 -3.49
CA PHE C 243 8.49 -25.33 -4.80
C PHE C 243 9.65 -25.03 -5.72
N HIS C 244 9.78 -25.79 -6.79
CA HIS C 244 10.91 -25.67 -7.71
C HIS C 244 10.57 -24.68 -8.81
N LEU C 245 11.29 -23.56 -8.83
CA LEU C 245 11.07 -22.49 -9.78
C LEU C 245 12.24 -22.38 -10.74
N LYS C 246 11.93 -22.00 -11.97
CA LYS C 246 12.93 -21.69 -12.99
C LYS C 246 12.63 -20.31 -13.55
N ARG C 247 13.62 -19.43 -13.53
CA ARG C 247 13.40 -18.09 -14.05
C ARG C 247 13.22 -18.13 -15.55
N LYS C 248 12.33 -17.29 -16.05
CA LYS C 248 12.11 -17.12 -17.49
C LYS C 248 13.02 -16.01 -17.99
N ILE C 249 13.96 -16.36 -18.88
CA ILE C 249 14.95 -15.41 -19.38
C ILE C 249 14.39 -14.44 -20.40
N GLY C 250 13.10 -14.56 -20.75
CA GLY C 250 12.56 -13.76 -21.84
C GLY C 250 12.68 -12.28 -21.59
N TYR C 251 12.37 -11.84 -20.37
CA TYR C 251 12.41 -10.41 -20.08
C TYR C 251 13.81 -9.86 -20.23
N PHE C 252 14.82 -10.56 -19.72
CA PHE C 252 16.17 -10.04 -19.69
C PHE C 252 16.86 -10.12 -21.04
N VAL C 253 16.38 -10.96 -21.96
CA VAL C 253 16.95 -10.98 -23.30
C VAL C 253 16.69 -9.66 -24.00
N ILE C 254 15.46 -9.15 -23.90
CA ILE C 254 15.09 -7.91 -24.58
C ILE C 254 15.31 -6.68 -23.72
N GLN C 255 15.69 -6.84 -22.46
CA GLN C 255 15.95 -5.71 -21.56
C GLN C 255 17.43 -5.43 -21.35
N THR C 256 18.26 -6.48 -21.30
CA THR C 256 19.69 -6.31 -21.04
C THR C 256 20.58 -6.92 -22.11
N TYR C 257 20.29 -8.13 -22.58
CA TYR C 257 21.21 -8.79 -23.50
C TYR C 257 21.17 -8.14 -24.88
N LEU C 258 19.98 -7.86 -25.40
CA LEU C 258 19.90 -7.20 -26.70
C LEU C 258 20.52 -5.80 -26.67
N PRO C 259 20.18 -4.93 -25.71
CA PRO C 259 20.89 -3.64 -25.63
C PRO C 259 22.40 -3.79 -25.50
N CYS C 260 22.87 -4.82 -24.78
CA CYS C 260 24.30 -5.07 -24.72
C CYS C 260 24.82 -5.55 -26.06
N ILE C 261 24.07 -6.42 -26.74
CA ILE C 261 24.53 -6.98 -28.01
C ILE C 261 24.47 -5.92 -29.11
N MET C 262 23.48 -5.04 -29.07
CA MET C 262 23.40 -3.99 -30.08
C MET C 262 24.42 -2.90 -29.81
N THR C 263 24.72 -2.60 -28.55
CA THR C 263 25.75 -1.62 -28.24
C THR C 263 27.11 -2.09 -28.72
N VAL C 264 27.45 -3.35 -28.46
CA VAL C 264 28.75 -3.86 -28.91
C VAL C 264 28.79 -3.98 -30.43
N ILE C 265 27.67 -4.37 -31.05
CA ILE C 265 27.61 -4.34 -32.50
C ILE C 265 27.68 -2.90 -32.99
N LEU C 266 27.02 -1.98 -32.28
CA LEU C 266 27.07 -0.57 -32.66
C LEU C 266 28.49 -0.02 -32.55
N SER C 267 29.21 -0.39 -31.47
CA SER C 267 30.57 0.11 -31.31
C SER C 267 31.49 -0.39 -32.41
N GLN C 268 31.19 -1.56 -32.97
CA GLN C 268 32.00 -2.11 -34.05
C GLN C 268 31.65 -1.53 -35.42
N VAL C 269 30.63 -0.67 -35.49
CA VAL C 269 30.41 0.07 -36.73
C VAL C 269 31.57 1.01 -37.00
N SER C 270 32.25 1.47 -35.93
CA SER C 270 33.33 2.42 -36.08
C SER C 270 34.49 1.88 -36.89
N PHE C 271 34.63 0.55 -36.99
CA PHE C 271 35.74 -0.01 -37.74
C PHE C 271 35.60 0.21 -39.23
N TRP C 272 34.39 0.41 -39.73
CA TRP C 272 34.16 0.65 -41.15
C TRP C 272 34.14 2.13 -41.50
N LEU C 273 34.15 3.02 -40.51
CA LEU C 273 34.26 4.45 -40.75
C LEU C 273 35.71 4.81 -41.03
N ASN C 274 35.92 5.72 -41.98
CA ASN C 274 37.28 6.08 -42.36
C ASN C 274 38.05 6.65 -41.18
N ARG C 275 39.33 6.31 -41.10
CA ARG C 275 40.17 6.75 -39.99
C ARG C 275 40.29 8.26 -39.92
N GLU C 276 40.11 8.96 -41.04
CA GLU C 276 40.29 10.40 -41.06
C GLU C 276 39.15 11.14 -40.38
N SER C 277 38.05 10.47 -40.03
CA SER C 277 36.90 11.10 -39.38
C SER C 277 37.01 10.86 -37.89
N VAL C 278 37.82 11.67 -37.22
CA VAL C 278 38.11 11.49 -35.80
C VAL C 278 36.88 11.79 -34.94
N PRO C 279 36.22 12.96 -35.10
CA PRO C 279 35.07 13.23 -34.21
C PRO C 279 33.95 12.22 -34.36
N ALA C 280 33.72 11.73 -35.57
CA ALA C 280 32.66 10.75 -35.79
C ALA C 280 32.97 9.44 -35.08
N ARG C 281 34.22 8.99 -35.17
CA ARG C 281 34.59 7.73 -34.52
C ARG C 281 34.80 7.91 -33.02
N THR C 282 35.22 9.09 -32.57
CA THR C 282 35.37 9.33 -31.14
C THR C 282 34.01 9.31 -30.44
N VAL C 283 33.03 10.02 -31.00
CA VAL C 283 31.69 10.01 -30.41
C VAL C 283 31.09 8.62 -30.50
N PHE C 284 31.49 7.83 -31.50
CA PHE C 284 31.11 6.43 -31.53
C PHE C 284 31.60 5.70 -30.29
N GLY C 285 32.83 5.98 -29.88
CA GLY C 285 33.44 5.29 -28.76
C GLY C 285 32.86 5.66 -27.42
N VAL C 286 32.92 6.94 -27.07
CA VAL C 286 32.50 7.38 -25.74
C VAL C 286 31.01 7.12 -25.55
N THR C 287 30.20 7.34 -26.58
CA THR C 287 28.76 7.16 -26.43
C THR C 287 28.41 5.71 -26.14
N THR C 288 29.17 4.76 -26.68
CA THR C 288 28.90 3.35 -26.45
C THR C 288 29.36 2.91 -25.07
N VAL C 289 30.48 3.47 -24.60
CA VAL C 289 30.97 3.13 -23.26
C VAL C 289 30.02 3.69 -22.20
N LEU C 290 29.60 4.95 -22.35
CA LEU C 290 28.63 5.52 -21.42
C LEU C 290 27.32 4.77 -21.49
N THR C 291 26.90 4.37 -22.69
CA THR C 291 25.73 3.52 -22.83
C THR C 291 25.92 2.23 -22.03
N MET C 292 27.13 1.67 -22.07
CA MET C 292 27.39 0.43 -21.34
C MET C 292 27.29 0.64 -19.85
N THR C 293 27.78 1.77 -19.35
CA THR C 293 27.75 2.04 -17.90
C THR C 293 26.32 2.10 -17.40
N THR C 294 25.44 2.77 -18.13
CA THR C 294 24.03 2.82 -17.72
C THR C 294 23.40 1.44 -17.71
N LEU C 295 23.77 0.60 -18.70
CA LEU C 295 23.26 -0.76 -18.73
C LEU C 295 23.72 -1.56 -17.51
N SER C 296 24.97 -1.38 -17.10
CA SER C 296 25.48 -2.10 -15.93
C SER C 296 24.72 -1.69 -14.67
N ILE C 297 24.60 -0.39 -14.42
CA ILE C 297 23.93 0.09 -13.22
C ILE C 297 22.46 -0.32 -13.26
N SER C 298 21.81 -0.13 -14.40
CA SER C 298 20.39 -0.47 -14.52
C SER C 298 20.14 -1.96 -14.40
N ALA C 299 21.15 -2.80 -14.65
CA ALA C 299 20.97 -4.24 -14.52
C ALA C 299 20.94 -4.68 -13.06
N ARG C 300 21.69 -4.00 -12.19
CA ARG C 300 21.77 -4.42 -10.79
C ARG C 300 20.49 -4.09 -10.03
N ASN C 301 19.81 -2.99 -10.39
CA ASN C 301 18.66 -2.55 -9.62
C ASN C 301 17.53 -3.58 -9.60
N SER C 302 17.51 -4.50 -10.55
CA SER C 302 16.53 -5.58 -10.57
C SER C 302 16.80 -6.65 -9.52
N LEU C 303 17.92 -6.57 -8.81
CA LEU C 303 18.33 -7.56 -7.83
C LEU C 303 18.71 -6.88 -6.53
N PRO C 304 18.73 -7.62 -5.42
CA PRO C 304 19.29 -7.07 -4.19
C PRO C 304 20.79 -7.02 -4.26
N LYS C 305 21.39 -6.27 -3.34
CA LYS C 305 22.85 -6.29 -3.24
C LYS C 305 23.32 -7.70 -2.92
N VAL C 306 24.44 -8.09 -3.53
CA VAL C 306 25.05 -9.39 -3.27
C VAL C 306 26.55 -9.23 -3.48
N ALA C 307 27.33 -9.93 -2.65
CA ALA C 307 28.78 -9.80 -2.66
C ALA C 307 29.45 -10.69 -3.70
N TYR C 308 28.72 -11.12 -4.72
CA TYR C 308 29.27 -11.94 -5.79
C TYR C 308 28.73 -11.42 -7.13
N ALA C 309 29.36 -11.87 -8.21
CA ALA C 309 29.00 -11.45 -9.56
C ALA C 309 28.14 -12.51 -10.21
N THR C 310 26.98 -12.11 -10.71
CA THR C 310 26.04 -13.03 -11.33
C THR C 310 26.43 -13.27 -12.79
N ALA C 311 25.78 -14.26 -13.40
CA ALA C 311 26.03 -14.54 -14.81
C ALA C 311 25.65 -13.34 -15.67
N MET C 312 24.70 -12.52 -15.22
CA MET C 312 24.39 -11.28 -15.91
C MET C 312 25.60 -10.36 -15.93
N ASP C 313 26.33 -10.29 -14.82
CA ASP C 313 27.45 -9.36 -14.71
C ASP C 313 28.56 -9.73 -15.69
N TRP C 314 28.86 -11.03 -15.83
CA TRP C 314 29.97 -11.42 -16.69
C TRP C 314 29.70 -11.04 -18.14
N PHE C 315 28.49 -11.27 -18.63
CA PHE C 315 28.16 -10.85 -19.98
C PHE C 315 28.24 -9.34 -20.11
N ILE C 316 27.76 -8.60 -19.11
CA ILE C 316 27.87 -7.16 -19.12
C ILE C 316 29.34 -6.75 -19.02
N ALA C 317 30.12 -7.48 -18.22
CA ALA C 317 31.54 -7.16 -18.08
C ALA C 317 32.29 -7.42 -19.38
N VAL C 318 32.09 -8.59 -19.99
CA VAL C 318 32.77 -8.89 -21.24
C VAL C 318 32.32 -7.93 -22.33
N CYS C 319 31.01 -7.65 -22.40
CA CYS C 319 30.53 -6.63 -23.31
C CYS C 319 31.19 -5.29 -23.03
N TYR C 320 31.48 -5.01 -21.76
CA TYR C 320 32.19 -3.78 -21.42
C TYR C 320 33.59 -3.79 -22.01
N ALA C 321 34.25 -4.94 -21.99
CA ALA C 321 35.59 -5.03 -22.57
C ALA C 321 35.55 -4.84 -24.09
N PHE C 322 34.55 -5.42 -24.76
CA PHE C 322 34.47 -5.29 -26.21
C PHE C 322 34.22 -3.84 -26.62
N VAL C 323 33.30 -3.16 -25.94
CA VAL C 323 33.03 -1.77 -26.28
C VAL C 323 34.21 -0.88 -25.88
N PHE C 324 34.81 -1.16 -24.73
CA PHE C 324 35.97 -0.39 -24.31
C PHE C 324 37.16 -0.66 -25.20
N SER C 325 37.36 -1.93 -25.58
CA SER C 325 38.46 -2.25 -26.50
C SER C 325 38.27 -1.59 -27.86
N ALA C 326 37.01 -1.35 -28.26
CA ALA C 326 36.77 -0.64 -29.50
C ALA C 326 37.30 0.79 -29.42
N LEU C 327 37.16 1.43 -28.27
CA LEU C 327 37.72 2.77 -28.10
C LEU C 327 39.23 2.74 -28.18
N ILE C 328 39.86 1.76 -27.51
CA ILE C 328 41.32 1.66 -27.56
C ILE C 328 41.80 1.37 -28.97
N GLU C 329 41.03 0.57 -29.71
CA GLU C 329 41.41 0.26 -31.08
C GLU C 329 41.47 1.51 -31.94
N PHE C 330 40.46 2.36 -31.84
CA PHE C 330 40.48 3.61 -32.61
C PHE C 330 41.61 4.52 -32.14
N ALA C 331 41.83 4.58 -30.82
CA ALA C 331 42.94 5.38 -30.31
C ALA C 331 44.27 4.93 -30.90
N THR C 332 44.45 3.61 -31.04
CA THR C 332 45.66 3.11 -31.66
C THR C 332 45.71 3.48 -33.14
N VAL C 333 44.57 3.39 -33.84
CA VAL C 333 44.53 3.82 -35.23
C VAL C 333 44.81 5.33 -35.32
N ASN C 334 44.25 6.09 -34.37
CA ASN C 334 44.48 7.54 -34.36
C ASN C 334 45.96 7.87 -34.20
N TYR C 335 46.70 7.04 -33.47
CA TYR C 335 48.11 7.32 -33.24
C TYR C 335 48.90 7.34 -34.55
N PHE C 336 48.59 6.41 -35.45
CA PHE C 336 49.30 6.30 -36.73
C PHE C 336 48.61 7.05 -37.86
N THR C 337 47.54 7.78 -37.58
CA THR C 337 46.85 8.58 -38.60
C THR C 337 47.69 9.81 -38.89
N LYS C 338 48.51 9.73 -39.93
CA LYS C 338 49.51 10.77 -40.18
C LYS C 338 48.87 12.04 -40.73
N ARG C 339 47.92 11.91 -41.65
CA ARG C 339 47.35 13.05 -42.35
C ARG C 339 45.97 13.38 -41.79
N GLY C 340 45.66 14.66 -41.72
CA GLY C 340 44.38 15.12 -41.19
C GLY C 340 43.26 15.12 -42.21
N TYR C 341 43.61 15.24 -43.49
CA TYR C 341 42.63 15.27 -44.56
C TYR C 341 42.31 13.86 -45.04
N ALA C 342 41.23 13.73 -45.80
CA ALA C 342 40.69 12.45 -46.24
C ALA C 342 40.80 12.30 -47.75
N TRP C 343 40.39 11.12 -48.23
CA TRP C 343 40.44 10.81 -49.65
C TRP C 343 39.57 11.76 -50.44
N ASP C 344 40.04 12.13 -51.63
CA ASP C 344 39.29 12.95 -52.58
C ASP C 344 39.02 12.11 -53.82
N GLY C 345 37.78 12.14 -54.29
CA GLY C 345 37.37 11.34 -55.44
C GLY C 345 38.16 11.66 -56.69
N LYS C 410 50.14 14.06 -54.10
CA LYS C 410 49.46 14.07 -52.81
C LYS C 410 49.24 12.64 -52.34
N THR C 411 49.23 12.45 -51.01
CA THR C 411 49.05 11.15 -50.39
C THR C 411 47.83 11.18 -49.47
N PHE C 412 47.16 10.03 -49.36
CA PHE C 412 45.99 9.89 -48.51
C PHE C 412 46.17 8.68 -47.61
N ASN C 413 45.74 8.82 -46.35
CA ASN C 413 45.92 7.75 -45.37
C ASN C 413 45.22 6.47 -45.83
N SER C 414 46.00 5.43 -46.09
CA SER C 414 45.43 4.13 -46.38
C SER C 414 44.71 3.59 -45.16
N VAL C 415 43.66 2.80 -45.40
CA VAL C 415 42.90 2.21 -44.30
C VAL C 415 43.83 1.34 -43.46
N SER C 416 43.84 1.59 -42.15
CA SER C 416 44.80 0.94 -41.27
C SER C 416 44.56 -0.56 -41.22
N LYS C 417 45.65 -1.32 -41.09
CA LYS C 417 45.52 -2.76 -40.91
C LYS C 417 44.78 -3.10 -39.63
N ILE C 418 44.82 -2.20 -38.64
CA ILE C 418 44.11 -2.44 -37.39
C ILE C 418 42.61 -2.52 -37.65
N ASP C 419 42.08 -1.57 -38.41
CA ASP C 419 40.67 -1.61 -38.77
C ASP C 419 40.36 -2.78 -39.70
N ARG C 420 41.18 -2.94 -40.75
CA ARG C 420 40.93 -4.00 -41.71
C ARG C 420 41.00 -5.38 -41.07
N LEU C 421 41.71 -5.52 -39.94
CA LEU C 421 41.75 -6.75 -39.18
C LEU C 421 40.72 -6.76 -38.04
N SER C 422 40.51 -5.62 -37.39
CA SER C 422 39.50 -5.54 -36.34
C SER C 422 38.09 -5.76 -36.89
N ARG C 423 37.87 -5.51 -38.18
CA ARG C 423 36.58 -5.80 -38.78
C ARG C 423 36.26 -7.29 -38.70
N ILE C 424 37.26 -8.14 -38.65
CA ILE C 424 37.08 -9.59 -38.62
C ILE C 424 37.19 -10.12 -37.19
N ALA C 425 38.25 -9.73 -36.47
CA ALA C 425 38.51 -10.33 -35.16
C ALA C 425 37.40 -10.01 -34.16
N PHE C 426 37.00 -8.73 -34.11
CA PHE C 426 36.01 -8.33 -33.10
C PHE C 426 34.68 -9.04 -33.25
N PRO C 427 34.03 -9.07 -34.42
CA PRO C 427 32.79 -9.84 -34.51
C PRO C 427 33.01 -11.34 -34.38
N LEU C 428 34.05 -11.86 -35.02
CA LEU C 428 34.34 -13.29 -34.92
C LEU C 428 34.63 -13.70 -33.49
N LEU C 429 35.43 -12.91 -32.78
CA LEU C 429 35.76 -13.26 -31.40
C LEU C 429 34.55 -13.07 -30.49
N PHE C 430 33.76 -12.03 -30.72
CA PHE C 430 32.56 -11.83 -29.91
C PHE C 430 31.57 -12.97 -30.12
N GLY C 431 31.44 -13.45 -31.35
CA GLY C 431 30.56 -14.59 -31.59
C GLY C 431 30.99 -15.83 -30.83
N ILE C 432 32.30 -16.10 -30.81
CA ILE C 432 32.80 -17.24 -30.06
C ILE C 432 32.47 -17.10 -28.58
N PHE C 433 32.55 -15.87 -28.06
CA PHE C 433 32.20 -15.65 -26.65
C PHE C 433 30.75 -16.01 -26.38
N ASN C 434 29.86 -15.66 -27.31
CA ASN C 434 28.44 -15.98 -27.12
C ASN C 434 28.23 -17.49 -27.09
N LEU C 435 28.91 -18.23 -27.97
CA LEU C 435 28.79 -19.67 -27.96
C LEU C 435 29.21 -20.24 -26.62
N VAL C 436 30.36 -19.81 -26.11
CA VAL C 436 30.85 -20.32 -24.83
C VAL C 436 29.91 -19.90 -23.70
N TYR C 437 29.50 -18.63 -23.70
CA TYR C 437 28.65 -18.13 -22.62
C TYR C 437 27.30 -18.83 -22.61
N TRP C 438 26.61 -18.85 -23.75
CA TRP C 438 25.26 -19.40 -23.78
C TRP C 438 25.26 -20.91 -23.63
N ALA C 439 26.22 -21.59 -24.26
CA ALA C 439 26.30 -23.04 -24.11
C ALA C 439 26.59 -23.43 -22.67
N THR C 440 27.45 -22.67 -22.00
CA THR C 440 27.79 -22.97 -20.61
C THR C 440 26.57 -22.89 -19.71
N TYR C 441 25.80 -21.80 -19.81
CA TYR C 441 24.73 -21.54 -18.86
C TYR C 441 23.41 -22.20 -19.26
N LEU C 442 23.10 -22.27 -20.55
CA LEU C 442 21.82 -22.84 -20.95
C LEU C 442 21.74 -24.33 -20.63
N ASN C 443 22.85 -25.05 -20.80
CA ASN C 443 22.86 -26.50 -20.61
C ASN C 443 23.10 -26.91 -19.15
N ARG C 444 23.31 -25.95 -18.25
CA ARG C 444 23.54 -26.30 -16.85
C ARG C 444 22.31 -26.99 -16.27
N GLU C 445 22.58 -27.94 -15.36
CA GLU C 445 21.52 -28.73 -14.75
C GLU C 445 20.87 -27.98 -13.60
N GLY D 63 -10.67 -33.67 33.34
CA GLY D 63 -9.33 -34.20 33.48
C GLY D 63 -8.64 -33.72 34.73
N ASP D 64 -7.44 -34.23 34.98
CA ASP D 64 -6.64 -33.80 36.13
C ASP D 64 -5.74 -32.62 35.82
N VAL D 65 -5.62 -32.23 34.55
CA VAL D 65 -4.85 -31.04 34.19
C VAL D 65 -5.74 -29.80 34.12
N THR D 66 -7.02 -29.96 33.77
CA THR D 66 -7.92 -28.81 33.75
C THR D 66 -8.20 -28.31 35.16
N VAL D 67 -8.25 -29.21 36.15
CA VAL D 67 -8.47 -28.78 37.52
C VAL D 67 -7.27 -27.98 38.02
N ILE D 68 -6.07 -28.37 37.62
CA ILE D 68 -4.87 -27.64 38.04
C ILE D 68 -4.93 -26.21 37.49
N LEU D 69 -5.24 -26.06 36.21
CA LEU D 69 -5.29 -24.72 35.61
C LEU D 69 -6.37 -23.87 36.26
N ASN D 70 -7.50 -24.47 36.60
CA ASN D 70 -8.54 -23.72 37.31
C ASN D 70 -8.05 -23.25 38.68
N ASN D 71 -7.33 -24.12 39.40
CA ASN D 71 -6.83 -23.72 40.71
C ASN D 71 -5.83 -22.58 40.61
N LEU D 72 -4.93 -22.63 39.62
CA LEU D 72 -3.90 -21.61 39.51
C LEU D 72 -4.51 -20.23 39.28
N LEU D 73 -5.51 -20.14 38.43
CA LEU D 73 -6.16 -18.87 38.13
C LEU D 73 -7.27 -18.52 39.11
N GLU D 74 -7.57 -19.39 40.07
CA GLU D 74 -8.58 -19.08 41.07
C GLU D 74 -8.05 -18.04 42.05
N GLY D 75 -8.68 -16.88 42.08
CA GLY D 75 -8.19 -15.80 42.92
C GLY D 75 -6.81 -15.32 42.51
N TYR D 76 -6.51 -15.34 41.21
CA TYR D 76 -5.23 -14.90 40.69
C TYR D 76 -5.41 -13.48 40.15
N ASP D 77 -4.62 -12.55 40.68
CA ASP D 77 -4.70 -11.15 40.28
C ASP D 77 -3.71 -10.93 39.13
N ASN D 78 -4.25 -10.81 37.92
CA ASN D 78 -3.42 -10.60 36.73
C ASN D 78 -2.74 -9.25 36.74
N LYS D 79 -3.19 -8.31 37.57
CA LYS D 79 -2.68 -6.95 37.56
C LYS D 79 -1.48 -6.73 38.47
N LEU D 80 -1.09 -7.71 39.28
CA LEU D 80 -0.03 -7.58 40.25
C LEU D 80 1.13 -8.48 39.88
N ARG D 81 2.34 -7.93 39.88
CA ARG D 81 3.52 -8.72 39.55
C ARG D 81 3.80 -9.72 40.66
N PRO D 82 4.59 -10.75 40.38
CA PRO D 82 5.01 -11.65 41.46
C PRO D 82 5.79 -10.90 42.53
N ASP D 83 5.47 -11.18 43.79
CA ASP D 83 6.18 -10.59 44.92
C ASP D 83 6.12 -9.07 44.88
N ILE D 84 4.92 -8.52 44.66
CA ILE D 84 4.76 -7.07 44.67
C ILE D 84 4.87 -6.58 46.10
N GLY D 85 5.69 -5.53 46.30
CA GLY D 85 5.92 -5.03 47.63
C GLY D 85 6.72 -5.94 48.52
N VAL D 86 7.30 -7.02 47.98
CA VAL D 86 8.08 -7.98 48.74
C VAL D 86 9.54 -7.97 48.29
N LYS D 87 9.77 -8.15 47.00
CA LYS D 87 11.13 -8.16 46.45
C LYS D 87 11.03 -7.94 44.95
N PRO D 88 12.12 -7.56 44.31
CA PRO D 88 12.08 -7.41 42.84
C PRO D 88 11.94 -8.75 42.15
N THR D 89 11.24 -8.74 41.02
CA THR D 89 11.02 -9.93 40.22
C THR D 89 12.18 -10.12 39.25
N LEU D 90 12.91 -11.21 39.41
CA LEU D 90 14.06 -11.51 38.56
C LEU D 90 13.57 -12.26 37.33
N ILE D 91 13.87 -11.71 36.15
CA ILE D 91 13.46 -12.28 34.87
C ILE D 91 14.72 -12.63 34.10
N HIS D 92 14.83 -13.89 33.68
CA HIS D 92 15.95 -14.35 32.86
C HIS D 92 15.50 -14.40 31.41
N THR D 93 16.14 -13.60 30.56
CA THR D 93 15.79 -13.51 29.15
C THR D 93 16.73 -14.38 28.33
N ASP D 94 16.32 -14.62 27.09
CA ASP D 94 17.07 -15.47 26.18
C ASP D 94 16.49 -15.30 24.78
N MET D 95 17.37 -15.21 23.79
CA MET D 95 16.97 -15.00 22.40
C MET D 95 17.58 -16.07 21.52
N TYR D 96 16.80 -16.48 20.51
CA TYR D 96 17.29 -17.26 19.38
C TYR D 96 17.07 -16.39 18.15
N VAL D 97 18.14 -15.80 17.64
CA VAL D 97 18.03 -14.90 16.51
C VAL D 97 17.74 -15.72 15.26
N ASN D 98 16.47 -15.76 14.86
CA ASN D 98 16.10 -16.54 13.69
C ASN D 98 16.74 -15.99 12.44
N SER D 99 16.75 -14.67 12.28
CA SER D 99 17.40 -14.05 11.13
C SER D 99 17.53 -12.54 11.32
N ILE D 100 18.72 -12.00 11.07
CA ILE D 100 18.92 -10.57 10.98
C ILE D 100 18.59 -10.16 9.55
N GLY D 101 17.49 -9.44 9.39
CA GLY D 101 16.98 -9.09 8.08
C GLY D 101 17.76 -7.94 7.46
N PRO D 102 17.20 -7.31 6.44
CA PRO D 102 17.95 -6.28 5.71
C PRO D 102 18.32 -5.11 6.60
N VAL D 103 19.55 -4.63 6.44
CA VAL D 103 20.02 -3.43 7.12
C VAL D 103 19.66 -2.24 6.24
N ASN D 104 18.83 -1.33 6.76
CA ASN D 104 18.33 -0.18 6.01
C ASN D 104 19.18 1.04 6.39
N ALA D 105 20.32 1.17 5.72
CA ALA D 105 21.25 2.25 6.03
C ALA D 105 20.64 3.61 5.72
N ILE D 106 19.80 3.69 4.69
CA ILE D 106 19.20 4.97 4.32
C ILE D 106 18.29 5.47 5.43
N ASN D 107 17.46 4.60 5.98
CA ASN D 107 16.55 4.96 7.06
C ASN D 107 17.12 4.66 8.43
N MET D 108 18.35 4.16 8.52
CA MET D 108 19.03 3.94 9.79
C MET D 108 18.25 2.98 10.68
N GLU D 109 18.03 1.78 10.15
CA GLU D 109 17.28 0.74 10.86
C GLU D 109 17.61 -0.61 10.26
N TYR D 110 17.27 -1.66 11.00
CA TYR D 110 17.42 -3.02 10.53
C TYR D 110 16.29 -3.86 11.11
N THR D 111 16.02 -4.98 10.45
CA THR D 111 14.95 -5.90 10.83
C THR D 111 15.56 -7.18 11.37
N ILE D 112 15.06 -7.62 12.53
CA ILE D 112 15.54 -8.83 13.18
C ILE D 112 14.34 -9.67 13.60
N ASP D 113 14.41 -10.97 13.34
CA ASP D 113 13.37 -11.92 13.71
C ASP D 113 13.94 -12.84 14.77
N ILE D 114 13.26 -12.92 15.92
CA ILE D 114 13.79 -13.62 17.09
C ILE D 114 12.70 -14.46 17.73
N PHE D 115 13.14 -15.41 18.55
CA PHE D 115 12.27 -16.17 19.45
C PHE D 115 12.63 -15.69 20.85
N PHE D 116 11.99 -14.60 21.28
CA PHE D 116 12.34 -13.93 22.53
C PHE D 116 11.74 -14.72 23.69
N ALA D 117 12.59 -15.37 24.46
CA ALA D 117 12.18 -16.21 25.58
C ALA D 117 12.62 -15.57 26.89
N GLN D 118 11.68 -15.42 27.81
CA GLN D 118 11.96 -14.89 29.13
C GLN D 118 11.24 -15.73 30.18
N THR D 119 11.92 -15.99 31.30
CA THR D 119 11.40 -16.85 32.34
C THR D 119 11.56 -16.20 33.70
N TRP D 120 10.64 -16.55 34.60
CA TRP D 120 10.62 -16.00 35.95
C TRP D 120 9.85 -16.96 36.85
N TYR D 121 9.97 -16.72 38.16
CA TYR D 121 9.24 -17.48 39.16
C TYR D 121 7.99 -16.72 39.57
N ASP D 122 6.89 -17.46 39.78
CA ASP D 122 5.63 -16.89 40.24
C ASP D 122 5.05 -17.86 41.25
N ARG D 123 5.21 -17.54 42.54
CA ARG D 123 4.78 -18.46 43.59
C ARG D 123 3.30 -18.77 43.51
N ARG D 124 2.49 -17.86 42.95
CA ARG D 124 1.08 -18.14 42.79
C ARG D 124 0.86 -19.34 41.87
N LEU D 125 1.67 -19.46 40.82
CA LEU D 125 1.54 -20.52 39.84
C LEU D 125 2.41 -21.73 40.20
N LYS D 126 2.29 -22.25 41.41
CA LYS D 126 2.98 -23.47 41.82
C LYS D 126 1.97 -24.54 42.15
N PHE D 127 2.23 -25.76 41.68
CA PHE D 127 1.33 -26.88 41.83
C PHE D 127 2.15 -28.14 42.04
N ASN D 128 1.64 -29.05 42.85
CA ASN D 128 2.28 -30.33 43.11
C ASN D 128 1.41 -31.46 42.59
N SER D 129 1.97 -32.28 41.72
CA SER D 129 1.27 -33.43 41.15
C SER D 129 2.30 -34.27 40.41
N THR D 130 1.82 -35.34 39.76
CA THR D 130 2.71 -36.15 38.94
C THR D 130 3.21 -35.38 37.73
N ILE D 131 2.43 -34.42 37.25
CA ILE D 131 2.84 -33.64 36.08
C ILE D 131 3.96 -32.71 36.48
N LYS D 132 5.06 -32.74 35.74
CA LYS D 132 6.20 -31.88 36.03
C LYS D 132 6.06 -30.50 35.40
N VAL D 133 5.48 -30.42 34.20
CA VAL D 133 5.32 -29.15 33.49
C VAL D 133 3.96 -29.14 32.82
N LEU D 134 3.35 -27.96 32.77
CA LEU D 134 2.13 -27.72 32.00
C LEU D 134 2.53 -26.98 30.74
N ARG D 135 2.54 -27.67 29.61
CA ARG D 135 2.91 -27.09 28.33
C ARG D 135 1.66 -26.62 27.61
N LEU D 136 1.59 -25.33 27.33
CA LEU D 136 0.35 -24.67 26.93
C LEU D 136 0.60 -23.85 25.67
N ASN D 137 -0.49 -23.45 25.05
CA ASN D 137 -0.49 -22.64 23.85
C ASN D 137 -0.63 -21.17 24.24
N SER D 138 -0.88 -20.31 23.24
CA SER D 138 -1.03 -18.88 23.49
C SER D 138 -2.29 -18.55 24.30
N ASN D 139 -3.19 -19.51 24.49
CA ASN D 139 -4.48 -19.22 25.11
C ASN D 139 -4.31 -18.67 26.53
N MET D 140 -3.38 -19.24 27.29
CA MET D 140 -3.22 -18.87 28.69
C MET D 140 -2.35 -17.64 28.92
N VAL D 141 -1.77 -17.07 27.86
CA VAL D 141 -0.85 -15.95 28.05
C VAL D 141 -1.57 -14.75 28.66
N GLY D 142 -2.77 -14.44 28.18
CA GLY D 142 -3.49 -13.30 28.67
C GLY D 142 -4.11 -13.48 30.05
N LYS D 143 -4.10 -14.69 30.58
CA LYS D 143 -4.73 -14.96 31.87
C LYS D 143 -3.79 -14.74 33.05
N ILE D 144 -2.48 -14.84 32.84
CA ILE D 144 -1.50 -14.73 33.91
C ILE D 144 -0.73 -13.42 33.74
N TRP D 145 0.07 -13.09 34.75
CA TRP D 145 0.90 -11.89 34.69
C TRP D 145 2.10 -12.14 33.79
N ILE D 146 2.30 -11.25 32.83
CA ILE D 146 3.43 -11.32 31.90
C ILE D 146 4.21 -10.02 32.06
N PRO D 147 5.55 -10.04 32.08
CA PRO D 147 6.29 -8.78 32.17
C PRO D 147 6.07 -7.92 30.94
N ASP D 148 6.06 -6.60 31.17
CA ASP D 148 5.78 -5.64 30.10
C ASP D 148 7.05 -5.23 29.37
N THR D 149 7.81 -6.23 28.91
CA THR D 149 9.04 -5.95 28.19
C THR D 149 8.74 -5.24 26.87
N PHE D 150 9.48 -4.17 26.61
CA PHE D 150 9.39 -3.44 25.36
C PHE D 150 10.80 -3.15 24.90
N PHE D 151 10.96 -2.90 23.61
CA PHE D 151 12.26 -2.68 23.01
C PHE D 151 12.46 -1.18 22.81
N ARG D 152 13.48 -0.63 23.48
CA ARG D 152 13.62 0.82 23.58
C ARG D 152 13.86 1.47 22.23
N ASN D 153 14.57 0.79 21.34
CA ASN D 153 14.97 1.38 20.06
C ASN D 153 14.22 0.76 18.88
N SER D 154 13.03 0.21 19.12
CA SER D 154 12.25 -0.39 18.05
C SER D 154 11.41 0.68 17.37
N LYS D 155 11.73 0.96 16.10
CA LYS D 155 10.88 1.85 15.31
C LYS D 155 9.49 1.27 15.13
N LYS D 156 9.42 -0.04 14.87
CA LYS D 156 8.14 -0.73 14.79
C LYS D 156 8.38 -2.24 14.88
N ALA D 157 7.60 -2.92 15.71
CA ALA D 157 7.72 -4.35 15.89
C ALA D 157 6.33 -4.96 15.87
N ASP D 158 6.27 -6.25 15.58
CA ASP D 158 5.01 -6.98 15.60
C ASP D 158 5.26 -8.43 15.91
N ALA D 159 4.33 -9.05 16.63
CA ALA D 159 4.35 -10.48 16.84
C ALA D 159 3.84 -11.17 15.57
N HIS D 160 3.71 -12.49 15.65
CA HIS D 160 3.23 -13.30 14.53
C HIS D 160 1.94 -13.99 14.95
N TRP D 161 0.98 -14.04 14.01
CA TRP D 161 -0.37 -14.47 14.33
C TRP D 161 -0.92 -15.54 13.39
N ILE D 162 -0.18 -15.93 12.37
CA ILE D 162 -0.62 -16.95 11.41
C ILE D 162 0.10 -18.25 11.77
N THR D 163 -0.64 -19.36 11.91
CA THR D 163 -2.09 -19.54 11.85
C THR D 163 -2.74 -19.06 13.14
N THR D 164 -1.99 -19.10 14.23
CA THR D 164 -2.43 -18.66 15.55
C THR D 164 -1.33 -17.81 16.17
N PRO D 165 -1.55 -17.15 17.30
CA PRO D 165 -0.47 -16.36 17.91
C PRO D 165 0.75 -17.21 18.22
N ASN D 166 1.89 -16.79 17.68
CA ASN D 166 3.15 -17.51 17.86
C ASN D 166 3.70 -17.21 19.27
N ARG D 167 3.02 -17.78 20.26
CA ARG D 167 3.40 -17.66 21.65
C ARG D 167 3.39 -19.05 22.29
N MET D 168 4.22 -19.21 23.30
CA MET D 168 4.33 -20.46 24.04
C MET D 168 4.43 -20.16 25.52
N LEU D 169 3.94 -21.09 26.33
CA LEU D 169 3.90 -20.89 27.77
C LEU D 169 4.04 -22.24 28.47
N ARG D 170 4.99 -22.32 29.40
CA ARG D 170 5.23 -23.54 30.17
C ARG D 170 5.40 -23.18 31.64
N ILE D 171 4.80 -24.01 32.51
CA ILE D 171 4.79 -23.77 33.95
C ILE D 171 5.23 -25.05 34.65
N TRP D 172 6.23 -24.94 35.52
CA TRP D 172 6.75 -26.06 36.28
C TRP D 172 6.05 -26.12 37.65
N ASN D 173 6.39 -27.14 38.44
CA ASN D 173 5.77 -27.29 39.76
C ASN D 173 6.18 -26.15 40.69
N ASP D 174 7.47 -25.87 40.78
CA ASP D 174 7.97 -24.90 41.76
C ASP D 174 7.39 -23.52 41.52
N GLY D 175 7.11 -23.17 40.27
CA GLY D 175 6.56 -21.88 39.94
C GLY D 175 7.21 -21.24 38.73
N ARG D 176 8.22 -21.89 38.16
CA ARG D 176 8.86 -21.38 36.95
C ARG D 176 7.83 -21.20 35.85
N VAL D 177 7.94 -20.07 35.16
CA VAL D 177 7.16 -19.79 33.96
C VAL D 177 8.15 -19.55 32.84
N LEU D 178 8.05 -20.32 31.77
CA LEU D 178 8.76 -20.04 30.53
C LEU D 178 7.75 -19.47 29.54
N TYR D 179 8.08 -18.30 29.00
CA TYR D 179 7.18 -17.59 28.09
C TYR D 179 8.01 -17.08 26.93
N THR D 180 7.76 -17.61 25.74
CA THR D 180 8.48 -17.22 24.53
C THR D 180 7.48 -16.86 23.46
N LEU D 181 7.90 -15.97 22.56
CA LEU D 181 7.05 -15.56 21.45
C LEU D 181 7.94 -15.10 20.31
N ARG D 182 7.42 -15.25 19.09
CA ARG D 182 8.14 -14.85 17.89
C ARG D 182 7.85 -13.39 17.59
N LEU D 183 8.90 -12.61 17.37
CA LEU D 183 8.79 -11.18 17.12
C LEU D 183 9.60 -10.81 15.89
N THR D 184 9.09 -9.85 15.13
CA THR D 184 9.82 -9.20 14.05
C THR D 184 10.01 -7.76 14.47
N ILE D 185 11.25 -7.38 14.79
CA ILE D 185 11.56 -6.08 15.36
C ILE D 185 12.31 -5.26 14.30
N ASP D 186 11.79 -4.09 14.00
CA ASP D 186 12.46 -3.15 13.09
C ASP D 186 13.26 -2.15 13.92
N ALA D 187 14.30 -2.67 14.55
CA ALA D 187 15.08 -1.90 15.52
C ALA D 187 15.75 -0.71 14.85
N GLU D 188 16.27 0.19 15.68
CA GLU D 188 16.90 1.43 15.24
C GLU D 188 18.40 1.30 15.48
N CYS D 189 19.17 1.29 14.40
CA CYS D 189 20.63 1.24 14.46
C CYS D 189 21.16 2.53 13.85
N GLN D 190 21.86 3.32 14.66
CA GLN D 190 22.30 4.65 14.26
C GLN D 190 23.64 4.50 13.54
N LEU D 191 23.56 4.29 12.22
CA LEU D 191 24.76 4.13 11.42
C LEU D 191 25.53 5.43 11.35
N GLN D 192 26.87 5.32 11.34
CA GLN D 192 27.77 6.46 11.24
C GLN D 192 28.65 6.23 10.01
N LEU D 193 28.13 6.63 8.85
CA LEU D 193 28.78 6.32 7.57
C LEU D 193 29.80 7.39 7.19
N HIS D 194 30.71 7.70 8.11
CA HIS D 194 31.78 8.64 7.78
C HIS D 194 32.72 8.06 6.72
N ASN D 195 33.01 6.77 6.82
CA ASN D 195 33.82 6.05 5.84
C ASN D 195 32.94 4.97 5.24
N PHE D 196 32.47 5.21 4.02
CA PHE D 196 31.50 4.37 3.33
C PHE D 196 32.00 4.10 1.92
N PRO D 197 31.81 2.88 1.38
CA PRO D 197 31.14 1.70 1.93
C PRO D 197 32.10 0.72 2.62
N MET D 198 33.01 1.21 3.46
CA MET D 198 33.83 0.38 4.33
C MET D 198 33.38 0.45 5.79
N ASP D 199 32.23 1.07 6.06
CA ASP D 199 31.81 1.28 7.43
C ASP D 199 31.51 -0.04 8.13
N GLU D 200 31.77 -0.07 9.44
CA GLU D 200 31.45 -1.18 10.31
C GLU D 200 30.59 -0.65 11.45
N HIS D 201 29.55 -1.40 11.80
CA HIS D 201 28.57 -0.95 12.78
C HIS D 201 28.38 -2.01 13.85
N SER D 202 27.90 -1.55 15.01
CA SER D 202 27.56 -2.41 16.15
C SER D 202 26.11 -2.11 16.49
N CYS D 203 25.19 -2.79 15.82
CA CYS D 203 23.78 -2.46 15.94
C CYS D 203 23.19 -3.02 17.22
N PRO D 204 22.61 -2.21 18.11
CA PRO D 204 22.11 -2.73 19.37
C PRO D 204 20.65 -3.17 19.29
N LEU D 205 20.20 -3.78 20.39
CA LEU D 205 18.79 -4.11 20.58
C LEU D 205 18.51 -4.05 22.07
N GLU D 206 18.00 -2.92 22.54
CA GLU D 206 17.74 -2.69 23.95
C GLU D 206 16.31 -3.07 24.30
N PHE D 207 16.12 -3.53 25.53
CA PHE D 207 14.78 -3.81 26.03
C PHE D 207 14.76 -3.71 27.54
N SER D 208 13.59 -3.38 28.08
CA SER D 208 13.40 -3.26 29.52
C SER D 208 11.89 -3.20 29.78
N SER D 209 11.54 -3.25 31.06
CA SER D 209 10.15 -3.06 31.45
C SER D 209 9.75 -1.61 31.27
N TYR D 210 8.59 -1.37 30.65
CA TYR D 210 8.18 0.00 30.39
C TYR D 210 7.79 0.74 31.66
N GLY D 211 7.18 0.05 32.62
CA GLY D 211 6.62 0.70 33.79
C GLY D 211 7.29 0.34 35.10
N TYR D 212 7.81 -0.88 35.20
CA TYR D 212 8.31 -1.38 36.47
C TYR D 212 9.75 -0.91 36.68
N PRO D 213 10.05 -0.11 37.74
CA PRO D 213 11.44 0.33 37.92
C PRO D 213 12.37 -0.77 38.38
N ARG D 214 13.62 -0.40 38.68
CA ARG D 214 14.64 -1.37 39.07
C ARG D 214 14.27 -2.07 40.37
N GLU D 215 13.44 -1.47 41.20
CA GLU D 215 13.04 -2.09 42.46
C GLU D 215 11.92 -3.10 42.30
N GLU D 216 11.43 -3.32 41.08
CA GLU D 216 10.24 -4.13 40.86
C GLU D 216 10.46 -5.20 39.80
N ILE D 217 11.31 -4.91 38.81
CA ILE D 217 11.63 -5.86 37.74
C ILE D 217 13.13 -5.78 37.50
N VAL D 218 13.84 -6.88 37.75
CA VAL D 218 15.26 -7.00 37.46
C VAL D 218 15.45 -8.03 36.36
N TYR D 219 16.19 -7.68 35.33
CA TYR D 219 16.49 -8.58 34.23
C TYR D 219 17.90 -9.12 34.39
N GLN D 220 18.18 -10.22 33.68
CA GLN D 220 19.48 -10.86 33.75
C GLN D 220 19.63 -11.87 32.62
N TRP D 221 20.79 -11.88 31.96
CA TRP D 221 21.02 -12.81 30.88
C TRP D 221 21.23 -14.22 31.42
N LYS D 222 20.53 -15.18 30.83
CA LYS D 222 20.77 -16.58 31.16
C LYS D 222 22.15 -16.99 30.68
N ARG D 223 22.57 -18.20 31.04
CA ARG D 223 23.90 -18.67 30.66
C ARG D 223 24.05 -18.68 29.14
N SER D 224 23.10 -19.30 28.44
CA SER D 224 23.04 -19.23 26.98
C SER D 224 22.50 -17.85 26.61
N SER D 225 23.41 -16.93 26.36
CA SER D 225 23.06 -15.53 26.15
C SER D 225 22.16 -15.35 24.92
N VAL D 226 22.68 -15.70 23.75
CA VAL D 226 21.97 -15.52 22.49
C VAL D 226 22.34 -16.68 21.57
N GLU D 227 21.37 -17.53 21.25
CA GLU D 227 21.59 -18.66 20.35
C GLU D 227 21.40 -18.19 18.92
N VAL D 228 22.41 -17.48 18.40
CA VAL D 228 22.39 -17.03 17.02
C VAL D 228 22.26 -18.22 16.11
N GLY D 229 21.32 -18.16 15.17
CA GLY D 229 21.06 -19.26 14.27
C GLY D 229 22.07 -19.33 13.14
N ASP D 230 21.82 -20.26 12.23
CA ASP D 230 22.66 -20.43 11.06
C ASP D 230 22.67 -19.17 10.22
N THR D 231 23.82 -18.50 10.16
CA THR D 231 23.92 -17.20 9.49
C THR D 231 23.85 -17.31 7.97
N ARG D 232 23.91 -18.53 7.42
CA ARG D 232 23.93 -18.67 5.96
C ARG D 232 22.65 -18.14 5.32
N SER D 233 21.50 -18.42 5.93
CA SER D 233 20.21 -18.07 5.35
C SER D 233 19.78 -16.64 5.63
N TRP D 234 20.59 -15.87 6.34
CA TRP D 234 20.22 -14.51 6.68
C TRP D 234 20.15 -13.63 5.43
N ARG D 235 19.27 -12.63 5.49
CA ARG D 235 19.15 -11.63 4.43
C ARG D 235 20.24 -10.57 4.50
N LEU D 236 21.26 -10.75 5.35
CA LEU D 236 22.36 -9.80 5.45
C LEU D 236 23.24 -9.95 4.22
N TYR D 237 23.05 -9.07 3.24
CA TYR D 237 23.88 -9.08 2.04
C TYR D 237 25.02 -8.08 2.14
N GLN D 238 24.70 -6.84 2.53
CA GLN D 238 25.73 -5.80 2.64
C GLN D 238 26.80 -6.17 3.65
N PHE D 239 26.38 -6.73 4.79
CA PHE D 239 27.25 -6.93 5.94
C PHE D 239 27.50 -8.40 6.20
N SER D 240 28.42 -8.65 7.12
CA SER D 240 28.69 -9.98 7.66
C SER D 240 28.58 -9.92 9.16
N PHE D 241 27.87 -10.88 9.74
CA PHE D 241 27.68 -10.95 11.19
C PHE D 241 29.00 -11.37 11.84
N VAL D 242 29.72 -10.39 12.38
CA VAL D 242 31.02 -10.67 13.00
C VAL D 242 30.83 -11.40 14.33
N GLY D 243 29.95 -10.88 15.18
CA GLY D 243 29.73 -11.49 16.47
C GLY D 243 28.71 -10.69 17.26
N LEU D 244 28.40 -11.19 18.45
CA LEU D 244 27.40 -10.58 19.31
C LEU D 244 27.99 -10.30 20.69
N ARG D 245 27.42 -9.31 21.37
CA ARG D 245 27.86 -8.89 22.68
C ARG D 245 26.66 -8.36 23.45
N ASN D 246 26.56 -8.71 24.73
CA ASN D 246 25.45 -8.34 25.57
C ASN D 246 25.94 -7.46 26.72
N THR D 247 25.02 -6.67 27.29
CA THR D 247 25.31 -5.84 28.44
C THR D 247 24.09 -5.82 29.36
N THR D 248 24.25 -5.16 30.51
CA THR D 248 23.17 -4.98 31.46
C THR D 248 23.50 -3.77 32.32
N GLU D 249 22.69 -2.72 32.22
CA GLU D 249 22.96 -1.48 32.93
C GLU D 249 21.64 -0.80 33.28
N VAL D 250 21.72 0.09 34.27
CA VAL D 250 20.55 0.77 34.81
C VAL D 250 20.52 2.18 34.23
N VAL D 251 19.50 2.48 33.44
CA VAL D 251 19.30 3.81 32.87
C VAL D 251 18.34 4.58 33.75
N LYS D 252 18.70 5.81 34.09
CA LYS D 252 17.86 6.67 34.91
C LYS D 252 16.98 7.52 34.01
N THR D 253 15.69 7.60 34.36
CA THR D 253 14.74 8.40 33.62
C THR D 253 13.86 9.17 34.61
N THR D 254 12.92 9.93 34.06
CA THR D 254 12.06 10.76 34.90
C THR D 254 11.10 9.93 35.74
N SER D 255 10.74 8.73 35.25
CA SER D 255 9.78 7.88 35.94
C SER D 255 10.42 6.87 36.89
N GLY D 256 11.75 6.86 36.99
CA GLY D 256 12.45 5.97 37.90
C GLY D 256 13.72 5.45 37.26
N ASP D 257 14.35 4.50 37.94
CA ASP D 257 15.53 3.82 37.44
C ASP D 257 15.13 2.46 36.90
N TYR D 258 15.49 2.19 35.66
CA TYR D 258 15.10 0.95 34.98
C TYR D 258 16.33 0.17 34.56
N VAL D 259 16.28 -1.13 34.74
CA VAL D 259 17.35 -2.03 34.29
C VAL D 259 17.15 -2.31 32.81
N VAL D 260 18.17 -2.03 32.01
CA VAL D 260 18.13 -2.19 30.56
C VAL D 260 19.13 -3.28 30.18
N MET D 261 18.73 -4.13 29.25
CA MET D 261 19.58 -5.18 28.70
C MET D 261 19.63 -5.01 27.19
N SER D 262 20.84 -4.89 26.65
CA SER D 262 21.04 -4.59 25.24
C SER D 262 21.93 -5.65 24.62
N VAL D 263 21.57 -6.08 23.41
CA VAL D 263 22.35 -7.02 22.62
C VAL D 263 22.97 -6.25 21.46
N TYR D 264 24.29 -6.34 21.36
CA TYR D 264 25.04 -5.67 20.30
C TYR D 264 25.41 -6.70 19.24
N PHE D 265 24.97 -6.46 18.00
CA PHE D 265 25.37 -7.26 16.85
C PHE D 265 26.37 -6.47 16.04
N ASP D 266 27.53 -7.08 15.77
CA ASP D 266 28.61 -6.42 15.05
C ASP D 266 28.53 -6.82 13.58
N LEU D 267 28.38 -5.82 12.71
CA LEU D 267 28.15 -6.05 11.29
C LEU D 267 29.21 -5.33 10.48
N SER D 268 29.88 -6.05 9.58
CA SER D 268 30.98 -5.53 8.79
C SER D 268 30.59 -5.47 7.32
N ARG D 269 30.66 -4.27 6.75
CA ARG D 269 30.21 -4.05 5.37
C ARG D 269 31.11 -4.79 4.38
N ARG D 270 30.52 -5.16 3.25
CA ARG D 270 31.23 -5.70 2.10
C ARG D 270 31.07 -4.74 0.93
N MET D 271 32.19 -4.41 0.28
CA MET D 271 32.21 -3.41 -0.78
C MET D 271 32.20 -4.02 -2.18
N GLY D 272 31.99 -5.33 -2.29
CA GLY D 272 32.03 -5.96 -3.60
C GLY D 272 31.00 -5.39 -4.56
N TYR D 273 29.78 -5.14 -4.08
CA TYR D 273 28.75 -4.56 -4.94
C TYR D 273 29.10 -3.13 -5.31
N PHE D 274 29.55 -2.34 -4.32
CA PHE D 274 29.83 -0.94 -4.59
C PHE D 274 30.99 -0.76 -5.56
N THR D 275 31.92 -1.71 -5.59
CA THR D 275 33.01 -1.61 -6.56
C THR D 275 32.47 -1.71 -7.99
N ILE D 276 31.69 -2.75 -8.27
CA ILE D 276 31.08 -2.87 -9.59
C ILE D 276 30.01 -1.81 -9.78
N GLN D 277 29.28 -1.48 -8.71
CA GLN D 277 28.22 -0.48 -8.83
C GLN D 277 28.77 0.92 -9.02
N THR D 278 29.75 1.30 -8.19
CA THR D 278 30.20 2.69 -8.11
C THR D 278 31.65 2.88 -8.53
N TYR D 279 32.60 2.20 -7.89
CA TYR D 279 34.02 2.51 -8.14
C TYR D 279 34.44 2.14 -9.55
N ILE D 280 34.11 0.91 -9.98
CA ILE D 280 34.56 0.46 -11.29
C ILE D 280 34.01 1.34 -12.41
N PRO D 281 32.72 1.69 -12.43
CA PRO D 281 32.29 2.74 -13.39
C PRO D 281 33.03 4.05 -13.20
N CYS D 282 33.31 4.44 -11.95
CA CYS D 282 34.04 5.67 -11.70
C CYS D 282 35.49 5.56 -12.16
N THR D 283 36.11 4.40 -11.95
CA THR D 283 37.47 4.21 -12.43
C THR D 283 37.52 4.20 -13.95
N LEU D 284 36.60 3.46 -14.58
CA LEU D 284 36.64 3.30 -16.03
C LEU D 284 36.38 4.61 -16.75
N ILE D 285 35.44 5.41 -16.25
CA ILE D 285 35.14 6.69 -16.90
C ILE D 285 36.35 7.61 -16.84
N VAL D 286 37.11 7.55 -15.74
CA VAL D 286 38.30 8.39 -15.62
C VAL D 286 39.32 8.01 -16.71
N VAL D 287 39.41 6.72 -17.04
CA VAL D 287 40.31 6.30 -18.10
C VAL D 287 39.88 6.90 -19.44
N LEU D 288 38.58 7.05 -19.65
CA LEU D 288 38.09 7.67 -20.88
C LEU D 288 38.64 9.09 -21.03
N SER D 289 38.87 9.79 -19.93
CA SER D 289 39.50 11.10 -20.00
C SER D 289 40.93 10.99 -20.52
N TRP D 290 41.67 9.97 -20.06
CA TRP D 290 43.08 9.87 -20.40
C TRP D 290 43.30 9.65 -21.89
N VAL D 291 42.44 8.84 -22.52
CA VAL D 291 42.58 8.59 -23.95
C VAL D 291 42.37 9.86 -24.76
N SER D 292 41.83 10.92 -24.16
CA SER D 292 41.83 12.23 -24.81
C SER D 292 43.24 12.64 -25.19
N PHE D 293 44.21 12.37 -24.31
CA PHE D 293 45.58 12.80 -24.57
C PHE D 293 46.16 12.11 -25.79
N TRP D 294 45.94 10.81 -25.92
CA TRP D 294 46.44 10.08 -27.09
C TRP D 294 45.77 10.55 -28.38
N ILE D 295 44.49 10.95 -28.28
CA ILE D 295 43.82 11.54 -29.43
C ILE D 295 44.56 12.80 -29.83
N ASN D 296 44.59 13.08 -31.13
CA ASN D 296 45.33 14.23 -31.64
C ASN D 296 44.74 15.52 -31.08
N LYS D 297 45.63 16.48 -30.78
CA LYS D 297 45.19 17.77 -30.26
C LYS D 297 44.42 18.56 -31.31
N ASP D 298 44.75 18.38 -32.59
CA ASP D 298 44.11 19.15 -33.65
C ASP D 298 42.61 18.87 -33.72
N ALA D 299 42.19 17.67 -33.31
CA ALA D 299 40.78 17.29 -33.33
C ALA D 299 40.08 17.99 -32.17
N VAL D 300 39.75 19.27 -32.39
CA VAL D 300 39.13 20.07 -31.34
C VAL D 300 37.77 19.50 -30.93
N PRO D 301 36.83 19.23 -31.85
CA PRO D 301 35.56 18.64 -31.42
C PRO D 301 35.73 17.28 -30.75
N ALA D 302 36.68 16.47 -31.19
CA ALA D 302 36.86 15.14 -30.61
C ALA D 302 37.29 15.25 -29.15
N ARG D 303 38.30 16.08 -28.87
CA ARG D 303 38.79 16.21 -27.50
C ARG D 303 37.70 16.77 -26.59
N THR D 304 37.05 17.85 -27.00
CA THR D 304 35.97 18.40 -26.20
C THR D 304 34.83 17.41 -26.07
N SER D 305 34.49 16.73 -27.16
CA SER D 305 33.45 15.70 -27.11
C SER D 305 33.75 14.68 -26.04
N LEU D 306 34.97 14.14 -26.04
CA LEU D 306 35.36 13.20 -25.00
C LEU D 306 35.39 13.87 -23.63
N GLY D 307 35.92 15.10 -23.56
CA GLY D 307 36.03 15.77 -22.27
C GLY D 307 34.68 16.09 -21.66
N ILE D 308 33.80 16.74 -22.43
CA ILE D 308 32.50 17.11 -21.88
C ILE D 308 31.68 15.87 -21.58
N THR D 309 31.70 14.87 -22.47
CA THR D 309 30.98 13.63 -22.21
C THR D 309 31.54 12.94 -20.97
N THR D 310 32.86 13.00 -20.79
CA THR D 310 33.48 12.29 -19.66
C THR D 310 33.13 12.96 -18.34
N VAL D 311 33.23 14.29 -18.27
CA VAL D 311 32.95 14.98 -17.01
C VAL D 311 31.46 14.96 -16.69
N LEU D 312 30.62 15.15 -17.71
CA LEU D 312 29.18 15.26 -17.45
C LEU D 312 28.61 13.96 -16.90
N THR D 313 28.99 12.82 -17.49
CA THR D 313 28.53 11.54 -16.95
C THR D 313 29.11 11.29 -15.56
N MET D 314 30.25 11.89 -15.25
CA MET D 314 30.77 11.81 -13.89
C MET D 314 29.81 12.46 -12.91
N THR D 315 29.17 13.56 -13.31
CA THR D 315 28.18 14.21 -12.45
C THR D 315 27.01 13.27 -12.16
N THR D 316 26.51 12.58 -13.20
CA THR D 316 25.40 11.66 -12.98
C THR D 316 25.82 10.52 -12.07
N LEU D 317 27.04 10.00 -12.24
CA LEU D 317 27.50 8.92 -11.39
C LEU D 317 27.61 9.36 -9.94
N SER D 318 28.07 10.59 -9.70
CA SER D 318 28.13 11.08 -8.33
C SER D 318 26.75 11.17 -7.70
N THR D 319 25.77 11.69 -8.44
CA THR D 319 24.43 11.83 -7.88
C THR D 319 23.80 10.47 -7.60
N ILE D 320 23.83 9.56 -8.57
CA ILE D 320 23.24 8.24 -8.36
C ILE D 320 24.01 7.48 -7.29
N ALA D 321 25.34 7.64 -7.27
CA ALA D 321 26.12 7.08 -6.16
C ALA D 321 25.77 7.77 -4.85
N ARG D 322 25.62 9.09 -4.87
CA ARG D 322 25.20 9.81 -3.68
C ARG D 322 23.76 9.48 -3.31
N LYS D 323 22.95 9.10 -4.29
CA LYS D 323 21.55 8.76 -4.01
C LYS D 323 21.45 7.54 -3.09
N SER D 324 22.36 6.57 -3.25
CA SER D 324 22.32 5.39 -2.41
C SER D 324 22.46 5.75 -0.92
N LEU D 325 23.17 6.82 -0.62
CA LEU D 325 23.31 7.28 0.76
C LEU D 325 22.07 8.08 1.19
N PRO D 326 21.84 8.21 2.49
CA PRO D 326 20.79 9.10 2.98
C PRO D 326 21.25 10.55 2.92
N LYS D 327 20.39 11.44 3.41
CA LYS D 327 20.69 12.88 3.43
C LYS D 327 21.41 13.19 4.72
N VAL D 328 22.73 13.02 4.71
CA VAL D 328 23.60 13.32 5.84
C VAL D 328 24.58 14.40 5.43
N SER D 329 24.77 15.39 6.30
CA SER D 329 25.58 16.57 5.97
C SER D 329 27.03 16.34 6.41
N TYR D 330 27.71 15.46 5.66
CA TYR D 330 29.15 15.30 5.78
C TYR D 330 29.64 14.45 4.61
N VAL D 331 30.84 14.77 4.12
CA VAL D 331 31.41 14.04 3.00
C VAL D 331 31.88 12.68 3.49
N THR D 332 31.50 11.63 2.77
CA THR D 332 31.88 10.26 3.10
C THR D 332 33.00 9.79 2.17
N ALA D 333 33.53 8.61 2.47
CA ALA D 333 34.66 8.10 1.70
C ALA D 333 34.26 7.86 0.25
N MET D 334 33.05 7.35 0.01
CA MET D 334 32.56 7.23 -1.36
C MET D 334 32.47 8.60 -2.03
N ASP D 335 32.01 9.60 -1.28
CA ASP D 335 31.97 10.96 -1.81
C ASP D 335 33.37 11.45 -2.15
N LEU D 336 34.35 11.09 -1.32
CA LEU D 336 35.73 11.54 -1.56
C LEU D 336 36.28 10.93 -2.85
N PHE D 337 35.99 9.66 -3.11
CA PHE D 337 36.52 9.01 -4.31
C PHE D 337 35.95 9.67 -5.57
N VAL D 338 34.64 9.89 -5.61
CA VAL D 338 34.02 10.46 -6.81
C VAL D 338 34.51 11.89 -7.04
N SER D 339 34.70 12.64 -5.95
CA SER D 339 35.18 14.01 -6.09
C SER D 339 36.58 14.05 -6.68
N VAL D 340 37.46 13.18 -6.21
CA VAL D 340 38.82 13.12 -6.76
C VAL D 340 38.76 12.70 -8.23
N CYS D 341 37.97 11.67 -8.53
CA CYS D 341 37.72 11.32 -9.92
C CYS D 341 37.15 12.50 -10.70
N PHE D 342 36.36 13.35 -10.04
CA PHE D 342 35.86 14.55 -10.69
C PHE D 342 37.01 15.49 -11.04
N ILE D 343 38.01 15.59 -10.17
CA ILE D 343 39.13 16.48 -10.44
C ILE D 343 39.89 16.02 -11.67
N PHE D 344 40.14 14.71 -11.77
CA PHE D 344 40.90 14.18 -12.90
C PHE D 344 40.19 14.47 -14.22
N VAL D 345 38.89 14.16 -14.30
CA VAL D 345 38.16 14.38 -15.54
C VAL D 345 38.09 15.88 -15.84
N PHE D 346 37.85 16.70 -14.82
CA PHE D 346 37.85 18.15 -15.04
C PHE D 346 39.22 18.66 -15.45
N SER D 347 40.27 18.19 -14.78
CA SER D 347 41.62 18.61 -15.15
C SER D 347 41.98 18.14 -16.55
N ALA D 348 41.55 16.93 -16.92
CA ALA D 348 41.81 16.43 -18.26
C ALA D 348 41.19 17.33 -19.31
N LEU D 349 39.94 17.76 -19.08
CA LEU D 349 39.32 18.73 -19.98
C LEU D 349 40.07 20.05 -19.95
N VAL D 350 40.44 20.52 -18.76
CA VAL D 350 41.18 21.77 -18.66
C VAL D 350 42.56 21.63 -19.28
N GLU D 351 43.14 20.42 -19.26
CA GLU D 351 44.44 20.21 -19.88
C GLU D 351 44.38 20.52 -21.37
N TYR D 352 43.32 20.07 -22.05
CA TYR D 352 43.20 20.40 -23.46
C TYR D 352 42.89 21.87 -23.67
N GLY D 353 42.12 22.49 -22.77
CA GLY D 353 41.81 23.89 -22.90
C GLY D 353 43.06 24.75 -22.95
N THR D 354 44.03 24.47 -22.08
CA THR D 354 45.31 25.15 -22.15
C THR D 354 46.17 24.65 -23.29
N LEU D 355 46.02 23.38 -23.67
CA LEU D 355 46.81 22.83 -24.77
C LEU D 355 46.51 23.56 -26.08
N HIS D 356 45.22 23.74 -26.40
CA HIS D 356 44.86 24.50 -27.59
C HIS D 356 45.28 25.96 -27.43
N TYR D 357 45.08 26.52 -26.25
CA TYR D 357 45.48 27.89 -25.98
C TYR D 357 46.91 27.95 -25.47
N MET D 448 53.12 19.17 -23.71
CA MET D 448 52.26 19.08 -22.54
C MET D 448 51.44 17.80 -22.56
N ASP D 449 51.14 17.31 -23.77
CA ASP D 449 50.36 16.10 -23.89
C ASP D 449 51.08 14.90 -23.29
N SER D 450 52.39 14.79 -23.55
CA SER D 450 53.15 13.63 -23.09
C SER D 450 53.16 13.55 -21.56
N TYR D 451 53.32 14.70 -20.89
CA TYR D 451 53.39 14.70 -19.44
C TYR D 451 52.08 14.20 -18.84
N ALA D 452 50.94 14.64 -19.40
CA ALA D 452 49.66 14.17 -18.92
C ALA D 452 49.52 12.66 -19.06
N ARG D 453 50.12 12.07 -20.10
CA ARG D 453 50.02 10.63 -20.28
C ARG D 453 50.66 9.87 -19.12
N ILE D 454 51.65 10.46 -18.46
CA ILE D 454 52.36 9.81 -17.36
C ILE D 454 51.78 10.24 -16.01
N PHE D 455 51.60 11.55 -15.81
CA PHE D 455 51.17 12.04 -14.50
C PHE D 455 49.79 11.53 -14.13
N PHE D 456 48.84 11.56 -15.07
CA PHE D 456 47.46 11.20 -14.74
C PHE D 456 47.33 9.75 -14.31
N PRO D 457 47.85 8.75 -15.02
CA PRO D 457 47.81 7.37 -14.49
C PRO D 457 48.52 7.22 -13.16
N THR D 458 49.63 7.93 -12.97
CA THR D 458 50.39 7.79 -11.73
C THR D 458 49.63 8.41 -10.55
N ALA D 459 49.06 9.60 -10.75
CA ALA D 459 48.36 10.26 -9.66
C ALA D 459 47.15 9.46 -9.20
N PHE D 460 46.38 8.92 -10.14
CA PHE D 460 45.17 8.17 -9.76
C PHE D 460 45.52 6.88 -9.04
N CYS D 461 46.43 6.09 -9.60
CA CYS D 461 46.82 4.85 -8.95
C CYS D 461 47.49 5.12 -7.61
N LEU D 462 48.32 6.16 -7.55
CA LEU D 462 48.87 6.58 -6.26
C LEU D 462 47.75 7.03 -5.33
N PHE D 463 46.79 7.80 -5.85
CA PHE D 463 45.67 8.24 -5.02
C PHE D 463 44.89 7.04 -4.49
N ASN D 464 44.64 6.05 -5.34
CA ASN D 464 43.99 4.83 -4.88
C ASN D 464 44.83 4.14 -3.81
N LEU D 465 46.14 4.14 -3.98
CA LEU D 465 47.03 3.53 -2.98
C LEU D 465 46.82 4.18 -1.61
N VAL D 466 46.75 5.51 -1.57
CA VAL D 466 46.54 6.19 -0.30
C VAL D 466 45.12 5.93 0.23
N TYR D 467 44.14 5.90 -0.66
CA TYR D 467 42.75 5.78 -0.22
C TYR D 467 42.45 4.38 0.31
N TRP D 468 42.82 3.35 -0.45
CA TRP D 468 42.39 1.99 -0.09
C TRP D 468 43.06 1.51 1.19
N VAL D 469 44.33 1.87 1.39
CA VAL D 469 45.02 1.46 2.61
C VAL D 469 44.36 2.10 3.83
N SER D 470 43.88 3.33 3.69
CA SER D 470 43.22 4.03 4.78
C SER D 470 41.92 3.33 5.15
N PRO E 30 3.81 -12.71 52.17
CA PRO E 30 2.59 -12.84 51.37
C PRO E 30 1.46 -11.93 51.84
N SER E 31 1.64 -11.30 53.01
CA SER E 31 0.61 -10.38 53.50
C SER E 31 0.45 -9.20 52.55
N ASN E 32 1.55 -8.66 52.04
CA ASN E 32 1.46 -7.55 51.10
C ASN E 32 0.75 -7.97 49.82
N MET E 33 1.05 -9.17 49.32
CA MET E 33 0.37 -9.64 48.11
C MET E 33 -1.12 -9.73 48.33
N SER E 34 -1.55 -10.26 49.48
CA SER E 34 -2.96 -10.29 49.80
C SER E 34 -3.50 -8.89 50.08
N LEU E 35 -2.75 -8.11 50.87
CA LEU E 35 -3.21 -6.76 51.22
C LEU E 35 -3.30 -5.87 49.98
N VAL E 36 -2.30 -5.96 49.10
CA VAL E 36 -2.32 -5.14 47.88
C VAL E 36 -3.48 -5.54 47.00
N LYS E 37 -3.83 -6.83 46.98
CA LYS E 37 -4.95 -7.28 46.14
C LYS E 37 -6.26 -6.68 46.61
N GLU E 38 -6.50 -6.63 47.92
CA GLU E 38 -7.72 -6.04 48.43
C GLU E 38 -7.78 -4.55 48.11
N THR E 39 -6.65 -3.85 48.23
CA THR E 39 -6.63 -2.42 47.95
C THR E 39 -6.99 -2.13 46.50
N VAL E 40 -6.29 -2.78 45.57
CA VAL E 40 -6.55 -2.51 44.15
C VAL E 40 -7.95 -2.95 43.77
N ASP E 41 -8.42 -4.06 44.36
CA ASP E 41 -9.78 -4.50 44.10
C ASP E 41 -10.79 -3.52 44.66
N ARG E 42 -10.49 -2.91 45.81
CA ARG E 42 -11.40 -1.93 46.40
C ARG E 42 -11.55 -0.72 45.50
N LEU E 43 -10.45 -0.22 44.94
CA LEU E 43 -10.50 1.00 44.16
C LEU E 43 -11.35 0.84 42.91
N LEU E 44 -11.10 -0.21 42.13
CA LEU E 44 -11.81 -0.39 40.88
C LEU E 44 -13.26 -0.80 41.07
N LYS E 45 -13.67 -1.16 42.27
CA LYS E 45 -15.07 -1.50 42.54
C LYS E 45 -15.87 -0.22 42.72
N GLY E 46 -16.98 -0.12 42.01
CA GLY E 46 -17.77 1.11 42.05
C GLY E 46 -17.03 2.29 41.48
N TYR E 47 -16.23 2.08 40.44
CA TYR E 47 -15.50 3.15 39.75
C TYR E 47 -16.17 3.37 38.41
N ASP E 48 -16.53 4.62 38.13
CA ASP E 48 -17.25 4.98 36.91
C ASP E 48 -16.25 5.63 35.94
N ILE E 49 -15.89 4.90 34.90
CA ILE E 49 -14.96 5.42 33.90
C ILE E 49 -15.57 6.59 33.13
N ARG E 50 -16.89 6.71 33.11
CA ARG E 50 -17.54 7.73 32.30
C ARG E 50 -17.37 9.13 32.87
N LEU E 51 -17.24 9.26 34.19
CA LEU E 51 -17.12 10.56 34.84
C LEU E 51 -15.65 10.85 35.14
N ARG E 52 -15.22 12.07 34.85
CA ARG E 52 -13.87 12.50 35.13
C ARG E 52 -13.68 12.70 36.63
N PRO E 53 -12.44 12.82 37.11
CA PRO E 53 -12.24 13.18 38.51
C PRO E 53 -12.91 14.50 38.84
N ASP E 54 -13.55 14.55 40.01
CA ASP E 54 -14.30 15.73 40.47
C ASP E 54 -15.31 16.17 39.43
N PHE E 55 -16.07 15.20 38.90
CA PHE E 55 -17.09 15.50 37.91
C PHE E 55 -18.12 16.47 38.49
N GLY E 56 -18.58 17.39 37.66
CA GLY E 56 -19.47 18.43 38.14
C GLY E 56 -18.83 19.31 39.19
N GLY E 57 -17.53 19.58 39.05
CA GLY E 57 -16.79 20.34 40.02
C GLY E 57 -15.68 21.12 39.34
N PRO E 58 -14.64 21.50 40.08
CA PRO E 58 -13.55 22.26 39.47
C PRO E 58 -12.81 21.43 38.44
N PRO E 59 -12.15 22.05 37.48
CA PRO E 59 -11.42 21.28 36.46
C PRO E 59 -10.30 20.47 37.08
N VAL E 60 -10.02 19.32 36.47
CA VAL E 60 -8.92 18.46 36.88
C VAL E 60 -7.65 18.92 36.19
N ALA E 61 -6.60 19.16 36.96
CA ALA E 61 -5.34 19.66 36.44
C ALA E 61 -4.47 18.49 36.02
N VAL E 62 -4.26 18.36 34.71
CA VAL E 62 -3.50 17.25 34.14
C VAL E 62 -2.12 17.79 33.77
N GLY E 63 -1.09 17.33 34.47
CA GLY E 63 0.26 17.71 34.17
C GLY E 63 0.86 16.78 33.12
N MET E 64 1.63 17.36 32.20
CA MET E 64 2.20 16.64 31.08
C MET E 64 3.72 16.78 31.06
N ASN E 65 4.37 15.75 30.54
CA ASN E 65 5.82 15.67 30.57
C ASN E 65 6.25 14.73 29.45
N ILE E 66 7.13 15.21 28.58
CA ILE E 66 7.52 14.48 27.37
C ILE E 66 9.01 14.18 27.43
N ASP E 67 9.41 13.11 26.75
CA ASP E 67 10.81 12.74 26.59
C ASP E 67 10.96 12.23 25.16
N ILE E 68 11.44 13.09 24.27
CA ILE E 68 11.55 12.73 22.86
C ILE E 68 12.61 11.63 22.73
N ALA E 69 12.19 10.49 22.18
CA ALA E 69 13.13 9.40 21.93
C ALA E 69 13.90 9.64 20.64
N SER E 70 13.23 10.17 19.62
CA SER E 70 13.85 10.37 18.32
C SER E 70 12.91 11.16 17.43
N ILE E 71 13.49 11.83 16.44
CA ILE E 71 12.74 12.51 15.37
C ILE E 71 13.19 11.83 14.09
N ASP E 72 12.38 10.88 13.61
CA ASP E 72 12.84 9.94 12.60
C ASP E 72 13.20 10.65 11.29
N MET E 73 12.31 11.47 10.78
CA MET E 73 12.52 12.05 9.46
C MET E 73 11.62 13.25 9.26
N VAL E 74 12.22 14.37 8.86
CA VAL E 74 11.48 15.56 8.46
C VAL E 74 11.29 15.50 6.95
N SER E 75 10.03 15.47 6.51
CA SER E 75 9.69 15.25 5.10
C SER E 75 9.06 16.53 4.54
N GLU E 76 9.75 17.14 3.58
CA GLU E 76 9.19 18.30 2.90
C GLU E 76 8.15 17.90 1.87
N VAL E 77 8.29 16.70 1.29
CA VAL E 77 7.33 16.24 0.29
C VAL E 77 5.95 16.11 0.91
N ASN E 78 5.88 15.49 2.09
CA ASN E 78 4.63 15.31 2.82
C ASN E 78 4.38 16.40 3.85
N MET E 79 5.30 17.34 4.02
CA MET E 79 5.15 18.46 4.95
C MET E 79 4.83 17.96 6.36
N ASP E 80 5.61 16.98 6.82
CA ASP E 80 5.40 16.43 8.14
C ASP E 80 6.71 15.84 8.64
N TYR E 81 6.76 15.60 9.95
CA TYR E 81 7.88 14.93 10.59
C TYR E 81 7.34 13.82 11.50
N THR E 82 8.17 12.81 11.71
CA THR E 82 7.83 11.69 12.56
C THR E 82 8.64 11.74 13.84
N LEU E 83 7.96 11.70 14.98
CA LEU E 83 8.57 11.86 16.29
C LEU E 83 8.13 10.73 17.20
N THR E 84 9.09 10.11 17.89
CA THR E 84 8.83 9.07 18.87
C THR E 84 9.14 9.62 20.25
N MET E 85 8.19 9.48 21.17
CA MET E 85 8.28 10.10 22.49
C MET E 85 7.73 9.18 23.55
N TYR E 86 8.16 9.41 24.79
CA TYR E 86 7.58 8.79 25.97
C TYR E 86 6.60 9.81 26.56
N PHE E 87 5.41 9.85 25.98
CA PHE E 87 4.40 10.82 26.37
C PHE E 87 3.84 10.43 27.73
N GLN E 88 4.08 11.26 28.73
CA GLN E 88 3.66 11.02 30.10
C GLN E 88 2.77 12.15 30.58
N GLN E 89 1.71 11.80 31.31
CA GLN E 89 0.81 12.80 31.87
C GLN E 89 0.33 12.33 33.23
N ALA E 90 0.32 13.25 34.19
CA ALA E 90 -0.07 12.97 35.57
C ALA E 90 -1.24 13.83 35.98
N TRP E 91 -2.13 13.26 36.79
CA TRP E 91 -3.28 13.99 37.31
C TRP E 91 -3.72 13.35 38.63
N ARG E 92 -4.63 14.02 39.31
CA ARG E 92 -5.13 13.59 40.61
C ARG E 92 -6.53 12.99 40.46
N ASP E 93 -6.80 11.93 41.21
CA ASP E 93 -8.10 11.27 41.20
C ASP E 93 -8.36 10.77 42.62
N LYS E 94 -9.21 11.49 43.36
CA LYS E 94 -9.50 11.12 44.74
C LYS E 94 -10.09 9.72 44.85
N ARG E 95 -10.73 9.22 43.79
CA ARG E 95 -11.28 7.88 43.83
C ARG E 95 -10.17 6.83 43.92
N LEU E 96 -9.03 7.08 43.30
CA LEU E 96 -7.91 6.14 43.29
C LEU E 96 -6.90 6.43 44.40
N SER E 97 -7.32 7.01 45.50
CA SER E 97 -6.44 7.31 46.63
C SER E 97 -6.50 6.18 47.64
N TYR E 98 -5.33 5.66 48.02
CA TYR E 98 -5.22 4.61 49.01
C TYR E 98 -4.13 5.00 50.00
N ASN E 99 -4.22 4.48 51.22
CA ASN E 99 -3.23 4.79 52.25
C ASN E 99 -2.85 3.61 53.13
N VAL E 100 -3.36 2.42 52.87
CA VAL E 100 -3.05 1.28 53.74
C VAL E 100 -1.60 0.83 53.54
N ILE E 101 -1.13 0.83 52.29
CA ILE E 101 0.22 0.36 51.97
C ILE E 101 1.13 1.55 51.71
N PRO E 102 2.37 1.59 52.23
CA PRO E 102 3.25 2.74 51.98
C PRO E 102 4.16 2.54 50.76
N LEU E 103 3.56 2.40 49.58
CA LEU E 103 4.35 2.32 48.36
C LEU E 103 3.46 2.67 47.17
N ASN E 104 4.12 3.00 46.07
CA ASN E 104 3.45 3.38 44.83
C ASN E 104 3.22 2.15 43.98
N LEU E 105 1.95 1.90 43.63
CA LEU E 105 1.57 0.69 42.91
C LEU E 105 1.69 0.93 41.41
N THR E 106 2.59 0.20 40.76
CA THR E 106 2.65 0.14 39.30
C THR E 106 1.97 -1.15 38.86
N LEU E 107 0.98 -1.02 37.98
CA LEU E 107 0.09 -2.09 37.61
C LEU E 107 0.23 -2.40 36.12
N ASP E 108 -0.44 -3.46 35.71
CA ASP E 108 -0.43 -3.84 34.30
C ASP E 108 -1.00 -2.71 33.44
N ASN E 109 -0.44 -2.55 32.25
CA ASN E 109 -0.94 -1.53 31.34
C ASN E 109 -2.41 -1.76 31.00
N ARG E 110 -2.90 -2.99 31.10
CA ARG E 110 -4.29 -3.30 30.81
C ARG E 110 -5.25 -2.67 31.81
N VAL E 111 -4.76 -2.21 32.96
CA VAL E 111 -5.65 -1.54 33.91
C VAL E 111 -6.09 -0.18 33.38
N ALA E 112 -5.33 0.40 32.45
CA ALA E 112 -5.69 1.71 31.91
C ALA E 112 -7.07 1.68 31.24
N ASP E 113 -7.46 0.52 30.72
CA ASP E 113 -8.78 0.40 30.12
C ASP E 113 -9.92 0.44 31.14
N GLN E 114 -9.61 0.37 32.43
CA GLN E 114 -10.60 0.39 33.50
C GLN E 114 -10.57 1.68 34.29
N LEU E 115 -9.78 2.67 33.87
CA LEU E 115 -9.65 3.93 34.59
C LEU E 115 -9.89 5.09 33.63
N TRP E 116 -10.45 6.17 34.17
CA TRP E 116 -10.57 7.39 33.40
C TRP E 116 -9.17 7.94 33.12
N VAL E 117 -8.93 8.29 31.86
CA VAL E 117 -7.69 8.95 31.47
C VAL E 117 -8.05 10.14 30.58
N PRO E 118 -7.23 11.18 30.51
CA PRO E 118 -7.56 12.31 29.63
C PRO E 118 -7.67 11.89 28.18
N ASP E 119 -8.57 12.54 27.46
CA ASP E 119 -8.76 12.29 26.04
C ASP E 119 -7.84 13.18 25.20
N THR E 120 -6.56 13.14 25.53
CA THR E 120 -5.59 13.98 24.84
C THR E 120 -5.42 13.54 23.40
N TYR E 121 -5.35 14.51 22.49
CA TYR E 121 -5.11 14.23 21.09
C TYR E 121 -4.19 15.31 20.54
N PHE E 122 -3.52 14.97 19.44
CA PHE E 122 -2.57 15.86 18.79
C PHE E 122 -3.21 16.37 17.52
N LEU E 123 -3.52 17.67 17.49
CA LEU E 123 -4.27 18.23 16.37
C LEU E 123 -3.52 18.11 15.05
N ASN E 124 -2.20 17.99 15.08
CA ASN E 124 -1.42 17.87 13.85
C ASN E 124 -1.32 16.44 13.33
N ASP E 125 -1.43 15.44 14.20
CA ASP E 125 -1.03 14.09 13.82
C ASP E 125 -1.86 13.59 12.65
N LYS E 126 -1.17 13.02 11.66
CA LYS E 126 -1.81 12.41 10.50
C LYS E 126 -1.87 10.90 10.59
N LYS E 127 -0.88 10.28 11.24
CA LYS E 127 -0.84 8.84 11.39
C LYS E 127 0.05 8.54 12.58
N SER E 128 -0.55 8.11 13.68
CA SER E 128 0.18 7.86 14.92
C SER E 128 -0.31 6.57 15.56
N PHE E 129 0.58 5.93 16.31
CA PHE E 129 0.26 4.68 16.98
C PHE E 129 1.08 4.57 18.25
N VAL E 130 0.62 3.71 19.15
CA VAL E 130 1.35 3.34 20.35
C VAL E 130 1.96 1.97 20.12
N HIS E 131 3.24 1.83 20.44
CA HIS E 131 3.94 0.58 20.15
C HIS E 131 3.37 -0.55 21.00
N GLY E 132 3.35 -1.75 20.43
CA GLY E 132 2.64 -2.86 21.04
C GLY E 132 3.38 -4.17 21.13
N VAL E 133 4.70 -4.13 21.29
CA VAL E 133 5.53 -5.32 21.44
C VAL E 133 6.48 -5.10 22.61
N THR E 134 6.61 -6.10 23.50
CA THR E 134 5.95 -7.40 23.58
C THR E 134 4.52 -7.27 24.07
N VAL E 135 4.24 -6.16 24.75
CA VAL E 135 2.89 -5.79 25.18
C VAL E 135 2.69 -4.33 24.82
N LYS E 136 1.45 -3.86 24.99
CA LYS E 136 1.14 -2.46 24.74
C LYS E 136 2.05 -1.56 25.56
N ASN E 137 2.83 -0.73 24.87
CA ASN E 137 3.81 0.12 25.53
C ASN E 137 3.09 1.23 26.28
N ARG E 138 2.69 0.93 27.51
CA ARG E 138 1.85 1.82 28.29
C ARG E 138 2.14 1.56 29.76
N MET E 139 1.83 2.55 30.60
CA MET E 139 2.19 2.52 32.00
C MET E 139 1.06 3.09 32.84
N ILE E 140 0.88 2.51 34.02
CA ILE E 140 -0.01 3.03 35.04
C ILE E 140 0.70 2.89 36.38
N ARG E 141 0.62 3.94 37.20
CA ARG E 141 1.24 3.89 38.53
C ARG E 141 0.39 4.73 39.47
N LEU E 142 -0.33 4.07 40.37
CA LEU E 142 -1.13 4.76 41.37
C LEU E 142 -0.27 5.13 42.57
N HIS E 143 -0.47 6.35 43.06
CA HIS E 143 0.23 6.86 44.23
C HIS E 143 -0.75 7.02 45.39
N PRO E 144 -0.28 6.93 46.64
CA PRO E 144 -1.24 6.95 47.76
C PRO E 144 -2.12 8.18 47.82
N ASP E 145 -1.60 9.35 47.48
CA ASP E 145 -2.41 10.56 47.53
C ASP E 145 -3.53 10.52 46.50
N GLY E 146 -3.35 9.78 45.42
CA GLY E 146 -4.34 9.68 44.36
C GLY E 146 -3.78 10.00 43.00
N THR E 147 -2.58 10.58 42.97
CA THR E 147 -1.95 10.92 41.69
C THR E 147 -1.79 9.69 40.83
N VAL E 148 -2.19 9.82 39.57
CA VAL E 148 -2.09 8.74 38.59
C VAL E 148 -1.02 9.14 37.59
N LEU E 149 0.06 8.36 37.55
CA LEU E 149 1.12 8.54 36.55
C LEU E 149 0.82 7.62 35.39
N TYR E 150 0.62 8.20 34.21
CA TYR E 150 0.17 7.47 33.03
C TYR E 150 1.07 7.83 31.86
N GLY E 151 1.76 6.83 31.31
CA GLY E 151 2.71 7.06 30.24
C GLY E 151 2.44 6.17 29.05
N LEU E 152 2.68 6.72 27.86
CA LEU E 152 2.55 6.00 26.61
C LEU E 152 3.79 6.24 25.77
N ARG E 153 4.15 5.24 24.96
CA ARG E 153 5.20 5.36 23.96
C ARG E 153 4.53 5.52 22.61
N ILE E 154 4.68 6.69 22.01
CA ILE E 154 3.90 7.10 20.84
C ILE E 154 4.84 7.50 19.73
N THR E 155 4.55 7.03 18.53
CA THR E 155 5.16 7.54 17.30
C THR E 155 4.10 8.35 16.56
N THR E 156 4.38 9.63 16.35
CA THR E 156 3.44 10.55 15.72
C THR E 156 4.06 11.11 14.45
N THR E 157 3.33 11.00 13.35
CA THR E 157 3.64 11.70 12.11
C THR E 157 2.80 12.98 12.13
N ALA E 158 3.41 14.07 12.55
CA ALA E 158 2.71 15.32 12.78
C ALA E 158 2.88 16.25 11.60
N ALA E 159 1.78 16.87 11.17
CA ALA E 159 1.83 17.80 10.05
C ALA E 159 2.65 19.03 10.41
N CYS E 160 3.45 19.48 9.45
CA CYS E 160 4.27 20.68 9.63
C CYS E 160 4.39 21.34 8.26
N MET E 161 3.55 22.35 8.01
CA MET E 161 3.66 23.09 6.77
C MET E 161 4.89 23.99 6.81
N MET E 162 5.71 23.91 5.77
CA MET E 162 7.04 24.52 5.75
C MET E 162 7.08 25.64 4.71
N ASP E 163 7.66 26.77 5.11
CA ASP E 163 7.90 27.88 4.19
C ASP E 163 9.26 27.68 3.57
N LEU E 164 9.27 27.05 2.40
CA LEU E 164 10.50 26.72 1.69
C LEU E 164 11.03 27.87 0.83
N ARG E 165 10.63 29.10 1.11
CA ARG E 165 11.08 30.22 0.28
C ARG E 165 12.59 30.40 0.38
N ARG E 166 13.16 30.23 1.57
CA ARG E 166 14.60 30.34 1.78
C ARG E 166 15.30 28.98 1.70
N TYR E 167 14.60 27.91 1.34
CA TYR E 167 15.22 26.61 1.23
C TYR E 167 16.35 26.66 0.21
N PRO E 168 17.52 26.05 0.50
CA PRO E 168 17.89 25.22 1.66
C PRO E 168 18.46 26.03 2.82
N LEU E 169 18.62 27.34 2.69
CA LEU E 169 19.05 28.18 3.81
C LEU E 169 17.84 28.61 4.64
N ASP E 170 17.04 27.64 5.07
CA ASP E 170 15.77 27.87 5.73
C ASP E 170 15.80 27.36 7.16
N GLU E 171 14.84 27.83 7.95
CA GLU E 171 14.71 27.47 9.35
C GLU E 171 13.24 27.20 9.64
N GLN E 172 12.89 25.94 9.88
CA GLN E 172 11.51 25.55 10.09
C GLN E 172 11.15 25.56 11.57
N ASN E 173 9.86 25.75 11.84
CA ASN E 173 9.31 25.76 13.19
C ASN E 173 8.15 24.77 13.14
N CYS E 174 8.44 23.52 13.48
CA CYS E 174 7.45 22.45 13.53
C CYS E 174 6.97 22.27 14.96
N THR E 175 5.67 22.05 15.11
CA THR E 175 5.02 22.04 16.42
C THR E 175 4.30 20.71 16.65
N LEU E 176 3.80 20.56 17.87
CA LEU E 176 2.95 19.44 18.26
C LEU E 176 1.85 20.01 19.15
N GLU E 177 0.61 19.97 18.67
CA GLU E 177 -0.51 20.64 19.31
C GLU E 177 -1.24 19.65 20.20
N ILE E 178 -0.88 19.61 21.47
CA ILE E 178 -1.50 18.71 22.45
C ILE E 178 -2.75 19.38 22.98
N GLU E 179 -3.89 18.70 22.91
CA GLU E 179 -5.16 19.30 23.25
C GLU E 179 -6.14 18.23 23.70
N SER E 180 -7.08 18.63 24.56
CA SER E 180 -8.19 17.79 24.96
C SER E 180 -9.33 17.93 23.95
N TYR E 181 -9.97 16.80 23.64
CA TYR E 181 -11.03 16.83 22.64
C TYR E 181 -12.38 17.18 23.23
N GLY E 182 -12.84 16.39 24.20
CA GLY E 182 -14.21 16.53 24.68
C GLY E 182 -14.40 17.42 25.88
N TYR E 183 -13.31 17.77 26.57
CA TYR E 183 -13.39 18.48 27.84
C TYR E 183 -12.91 19.92 27.67
N THR E 184 -13.77 20.86 28.02
CA THR E 184 -13.46 22.28 27.92
C THR E 184 -12.62 22.72 29.13
N THR E 185 -12.24 23.99 29.14
CA THR E 185 -11.44 24.52 30.25
C THR E 185 -12.21 24.48 31.57
N ASP E 186 -13.53 24.32 31.53
CA ASP E 186 -14.31 24.17 32.75
C ASP E 186 -14.25 22.75 33.31
N ASP E 187 -13.72 21.79 32.55
CA ASP E 187 -13.66 20.40 32.98
C ASP E 187 -12.25 19.85 33.10
N ILE E 188 -11.27 20.39 32.38
CA ILE E 188 -9.91 19.89 32.40
C ILE E 188 -8.96 21.07 32.32
N GLU E 189 -7.69 20.81 32.58
CA GLU E 189 -6.68 21.86 32.64
C GLU E 189 -5.31 21.24 32.42
N PHE E 190 -4.56 21.75 31.45
CA PHE E 190 -3.24 21.22 31.12
C PHE E 190 -2.14 22.14 31.64
N TYR E 191 -1.03 21.52 32.06
CA TYR E 191 0.16 22.26 32.41
C TYR E 191 1.37 21.37 32.17
N TRP E 192 2.52 22.00 31.97
CA TRP E 192 3.78 21.28 31.80
C TRP E 192 4.33 20.95 33.18
N ARG E 193 4.32 19.67 33.54
CA ARG E 193 4.81 19.26 34.85
C ARG E 193 6.31 19.55 34.94
N GLY E 194 6.66 20.61 35.65
CA GLY E 194 7.98 21.18 35.56
C GLY E 194 7.95 22.23 34.46
N ASP E 195 8.15 23.50 34.82
CA ASP E 195 7.83 24.59 33.90
C ASP E 195 8.61 24.47 32.59
N ASP E 196 9.91 24.19 32.68
CA ASP E 196 10.73 23.97 31.49
C ASP E 196 11.51 22.66 31.53
N ASN E 197 11.37 21.87 32.59
CA ASN E 197 11.95 20.54 32.67
C ASN E 197 10.96 19.46 32.25
N ALA E 198 9.81 19.85 31.71
CA ALA E 198 8.82 18.88 31.25
C ALA E 198 9.35 18.08 30.07
N VAL E 199 9.91 18.75 29.07
CA VAL E 199 10.39 18.10 27.86
C VAL E 199 11.88 17.85 27.99
N THR E 200 12.30 16.61 27.71
CA THR E 200 13.70 16.20 27.81
C THR E 200 14.07 15.40 26.57
N GLY E 201 15.36 15.15 26.42
CA GLY E 201 15.87 14.36 25.31
C GLY E 201 16.08 15.14 24.03
N VAL E 202 15.62 16.38 23.95
CA VAL E 202 15.70 17.15 22.71
C VAL E 202 17.17 17.35 22.32
N THR E 203 18.05 17.57 23.30
CA THR E 203 19.44 17.86 23.00
C THR E 203 20.10 16.72 22.23
N LYS E 204 19.88 15.49 22.68
CA LYS E 204 20.63 14.36 22.14
C LYS E 204 20.14 13.93 20.76
N ILE E 205 18.92 14.30 20.38
CA ILE E 205 18.33 13.90 19.10
C ILE E 205 19.29 14.25 17.98
N GLU E 206 19.71 13.23 17.23
CA GLU E 206 20.71 13.38 16.16
C GLU E 206 19.97 13.31 14.83
N LEU E 207 19.41 14.44 14.45
CA LEU E 207 18.69 14.54 13.19
C LEU E 207 19.70 14.75 12.06
N PRO E 208 19.72 13.91 11.01
CA PRO E 208 20.77 14.06 10.00
C PRO E 208 20.65 15.32 9.18
N GLN E 209 19.44 15.64 8.71
CA GLN E 209 19.24 16.77 7.81
C GLN E 209 19.23 18.11 8.52
N PHE E 210 18.91 18.14 9.82
CA PHE E 210 18.65 19.40 10.51
C PHE E 210 19.50 19.52 11.77
N SER E 211 19.31 20.61 12.50
CA SER E 211 19.90 20.78 13.83
C SER E 211 18.87 21.53 14.67
N ILE E 212 18.43 20.93 15.77
CA ILE E 212 17.36 21.52 16.57
C ILE E 212 17.93 22.70 17.34
N VAL E 213 17.69 23.90 16.82
CA VAL E 213 18.23 25.11 17.43
C VAL E 213 17.60 25.35 18.80
N ASP E 214 16.28 25.21 18.88
CA ASP E 214 15.54 25.60 20.07
C ASP E 214 14.28 24.77 20.19
N TYR E 215 13.66 24.82 21.37
CA TYR E 215 12.35 24.23 21.59
C TYR E 215 11.66 25.02 22.68
N LYS E 216 10.40 25.39 22.45
CA LYS E 216 9.62 26.19 23.37
C LYS E 216 8.37 25.41 23.78
N LEU E 217 7.95 25.62 25.02
CA LEU E 217 6.77 24.98 25.58
C LEU E 217 5.74 26.07 25.89
N ILE E 218 4.57 25.97 25.27
CA ILE E 218 3.54 26.99 25.34
C ILE E 218 2.25 26.35 25.86
N THR E 219 1.46 27.15 26.56
CA THR E 219 0.13 26.77 27.03
C THR E 219 -0.85 27.86 26.66
N LYS E 220 -1.97 27.47 26.04
CA LYS E 220 -2.94 28.42 25.51
C LYS E 220 -4.35 27.94 25.86
N LYS E 221 -5.34 28.59 25.25
CA LYS E 221 -6.73 28.17 25.34
C LYS E 221 -7.39 28.51 24.01
N VAL E 222 -7.60 27.50 23.18
CA VAL E 222 -8.23 27.69 21.87
C VAL E 222 -9.74 27.57 22.02
N VAL E 223 -10.47 28.40 21.28
CA VAL E 223 -11.92 28.47 21.35
C VAL E 223 -12.48 27.96 20.02
N PHE E 224 -13.34 26.95 20.10
CA PHE E 224 -14.13 26.47 18.98
C PHE E 224 -15.59 26.82 19.23
N SER E 225 -16.43 26.49 18.25
CA SER E 225 -17.86 26.73 18.41
C SER E 225 -18.47 25.86 19.50
N THR E 226 -17.78 24.79 19.91
CA THR E 226 -18.27 23.91 20.97
C THR E 226 -17.78 24.29 22.35
N GLY E 227 -16.87 25.25 22.46
CA GLY E 227 -16.40 25.69 23.76
C GLY E 227 -14.94 26.10 23.69
N SER E 228 -14.38 26.35 24.87
CA SER E 228 -12.98 26.71 25.04
C SER E 228 -12.22 25.51 25.58
N TYR E 229 -11.07 25.21 24.98
CA TYR E 229 -10.32 24.00 25.30
C TYR E 229 -8.88 24.36 25.65
N PRO E 230 -8.23 23.59 26.51
CA PRO E 230 -6.82 23.86 26.83
C PRO E 230 -5.89 23.29 25.78
N ARG E 231 -4.79 24.00 25.53
CA ARG E 231 -3.85 23.66 24.49
C ARG E 231 -2.44 23.73 25.05
N LEU E 232 -1.62 22.73 24.72
CA LEU E 232 -0.18 22.77 24.95
C LEU E 232 0.51 22.59 23.60
N SER E 233 1.51 23.42 23.34
CA SER E 233 2.25 23.38 22.08
C SER E 233 3.72 23.16 22.36
N LEU E 234 4.30 22.18 21.68
CA LEU E 234 5.72 21.85 21.79
C LEU E 234 6.36 22.18 20.44
N SER E 235 7.00 23.33 20.35
CA SER E 235 7.61 23.79 19.12
C SER E 235 9.07 23.32 19.03
N PHE E 236 9.53 23.12 17.80
CA PHE E 236 10.92 22.81 17.52
C PHE E 236 11.37 23.72 16.38
N LYS E 237 12.26 24.65 16.67
CA LYS E 237 12.87 25.47 15.63
C LYS E 237 14.05 24.69 15.05
N LEU E 238 13.82 24.03 13.93
CA LEU E 238 14.85 23.26 13.24
C LEU E 238 15.54 24.12 12.21
N LYS E 239 16.86 23.94 12.09
CA LYS E 239 17.68 24.66 11.12
C LYS E 239 18.30 23.67 10.14
N ARG E 240 18.29 24.04 8.86
CA ARG E 240 18.81 23.15 7.83
C ARG E 240 20.33 23.03 7.96
N ASN E 241 20.83 21.81 7.73
CA ASN E 241 22.26 21.57 7.59
C ASN E 241 22.62 21.81 6.13
N ILE E 242 23.18 22.98 5.84
CA ILE E 242 23.53 23.36 4.47
C ILE E 242 24.62 22.48 3.90
N GLY E 243 25.36 21.77 4.75
CA GLY E 243 26.49 20.99 4.26
C GLY E 243 26.09 19.93 3.24
N TYR E 244 24.98 19.25 3.47
CA TYR E 244 24.55 18.20 2.56
C TYR E 244 24.27 18.75 1.17
N PHE E 245 23.63 19.91 1.09
CA PHE E 245 23.23 20.45 -0.21
C PHE E 245 24.41 21.07 -0.96
N ILE E 246 25.41 21.56 -0.24
CA ILE E 246 26.58 22.16 -0.90
C ILE E 246 27.26 21.12 -1.78
N LEU E 247 27.47 19.93 -1.25
CA LEU E 247 28.13 18.88 -2.02
C LEU E 247 27.23 18.35 -3.13
N GLN E 248 25.91 18.41 -2.95
CA GLN E 248 24.97 17.77 -3.86
C GLN E 248 24.38 18.71 -4.90
N THR E 249 24.01 19.93 -4.51
CA THR E 249 23.31 20.85 -5.40
C THR E 249 24.21 21.99 -5.86
N TYR E 250 24.81 22.74 -4.94
CA TYR E 250 25.54 23.94 -5.32
C TYR E 250 26.83 23.61 -6.06
N MET E 251 27.61 22.67 -5.54
CA MET E 251 28.91 22.38 -6.15
C MET E 251 28.79 21.95 -7.60
N PRO E 252 27.89 21.03 -7.98
CA PRO E 252 27.71 20.77 -9.42
C PRO E 252 27.32 22.01 -10.21
N SER E 253 26.47 22.86 -9.65
CA SER E 253 26.07 24.07 -10.37
C SER E 253 27.26 24.99 -10.62
N ILE E 254 28.13 25.15 -9.62
CA ILE E 254 29.28 26.02 -9.79
C ILE E 254 30.22 25.46 -10.86
N LEU E 255 30.59 24.19 -10.72
CA LEU E 255 31.53 23.59 -11.67
C LEU E 255 30.95 23.58 -13.07
N ILE E 256 29.67 23.28 -13.20
CA ILE E 256 28.99 23.39 -14.49
C ILE E 256 29.09 24.83 -15.00
N THR E 257 28.95 25.81 -14.11
CA THR E 257 29.12 27.20 -14.50
C THR E 257 30.58 27.54 -14.77
N ILE E 258 31.50 26.98 -13.99
CA ILE E 258 32.92 27.26 -14.19
C ILE E 258 33.38 26.73 -15.54
N LEU E 259 33.05 25.47 -15.84
CA LEU E 259 33.48 24.88 -17.09
C LEU E 259 32.80 25.52 -18.30
N SER E 260 31.68 26.22 -18.09
CA SER E 260 31.07 26.94 -19.20
C SER E 260 32.01 27.97 -19.78
N TRP E 261 32.89 28.54 -18.94
CA TRP E 261 33.73 29.63 -19.39
C TRP E 261 34.94 29.18 -20.20
N VAL E 262 35.29 27.89 -20.16
CA VAL E 262 36.41 27.42 -20.97
C VAL E 262 36.13 27.60 -22.44
N SER E 263 34.85 27.74 -22.81
CA SER E 263 34.50 28.09 -24.19
C SER E 263 35.14 29.39 -24.62
N PHE E 264 35.41 30.30 -23.69
CA PHE E 264 35.94 31.61 -24.05
C PHE E 264 37.42 31.54 -24.44
N TRP E 265 38.15 30.54 -23.94
CA TRP E 265 39.54 30.35 -24.33
C TRP E 265 39.70 29.52 -25.59
N ILE E 266 38.64 28.90 -26.08
CA ILE E 266 38.70 28.14 -27.32
C ILE E 266 38.73 29.10 -28.51
N ASN E 267 39.33 28.63 -29.61
CA ASN E 267 39.43 29.46 -30.80
C ASN E 267 38.05 29.81 -31.32
N TYR E 268 37.91 31.02 -31.87
CA TYR E 268 36.62 31.46 -32.37
C TYR E 268 36.11 30.56 -33.49
N ASP E 269 37.02 30.02 -34.30
CA ASP E 269 36.63 29.18 -35.44
C ASP E 269 36.56 27.71 -35.03
N ALA E 270 35.81 27.45 -33.97
CA ALA E 270 35.57 26.11 -33.44
C ALA E 270 34.11 25.94 -33.09
N SER E 271 33.24 26.27 -34.06
CA SER E 271 31.81 26.20 -33.83
C SER E 271 31.39 24.83 -33.33
N ALA E 272 31.91 23.77 -33.94
CA ALA E 272 31.54 22.42 -33.51
C ALA E 272 31.92 22.16 -32.06
N ALA E 273 33.00 22.77 -31.58
CA ALA E 273 33.46 22.53 -30.22
C ALA E 273 32.73 23.39 -29.20
N ARG E 274 32.81 24.72 -29.37
CA ARG E 274 32.23 25.62 -28.38
C ARG E 274 30.71 25.45 -28.29
N VAL E 275 30.04 25.29 -29.43
CA VAL E 275 28.60 25.05 -29.41
C VAL E 275 28.30 23.75 -28.69
N ALA E 276 29.07 22.69 -28.97
CA ALA E 276 28.89 21.44 -28.26
C ALA E 276 29.11 21.62 -26.76
N LEU E 277 30.12 22.41 -26.39
CA LEU E 277 30.36 22.71 -24.99
C LEU E 277 29.22 23.53 -24.39
N GLY E 278 28.86 24.63 -25.07
CA GLY E 278 27.82 25.49 -24.54
C GLY E 278 26.47 24.80 -24.46
N ILE E 279 26.10 24.07 -25.52
CA ILE E 279 24.86 23.31 -25.50
C ILE E 279 24.90 22.27 -24.39
N THR E 280 26.03 21.58 -24.25
CA THR E 280 26.14 20.55 -23.22
C THR E 280 25.95 21.14 -21.83
N THR E 281 26.52 22.31 -21.59
CA THR E 281 26.46 22.91 -20.26
C THR E 281 25.06 23.43 -19.95
N VAL E 282 24.44 24.14 -20.88
CA VAL E 282 23.11 24.72 -20.62
C VAL E 282 22.08 23.62 -20.41
N LEU E 283 22.14 22.56 -21.22
CA LEU E 283 21.21 21.45 -21.01
C LEU E 283 21.43 20.80 -19.66
N THR E 284 22.68 20.68 -19.21
CA THR E 284 22.95 20.06 -17.93
C THR E 284 22.32 20.86 -16.79
N MET E 285 22.36 22.19 -16.87
CA MET E 285 21.74 23.00 -15.84
C MET E 285 20.24 22.73 -15.75
N THR E 286 19.57 22.59 -16.89
CA THR E 286 18.14 22.27 -16.86
C THR E 286 17.90 20.93 -16.20
N THR E 287 18.72 19.91 -16.53
CA THR E 287 18.53 18.60 -15.93
C THR E 287 18.76 18.66 -14.42
N ILE E 288 19.80 19.37 -13.98
CA ILE E 288 20.05 19.50 -12.55
C ILE E 288 18.88 20.20 -11.87
N ASN E 289 18.42 21.30 -12.46
CA ASN E 289 17.30 22.04 -11.88
C ASN E 289 16.04 21.18 -11.86
N THR E 290 15.75 20.50 -12.97
CA THR E 290 14.58 19.63 -13.01
C THR E 290 14.74 18.47 -12.02
N HIS E 291 15.92 17.85 -12.02
CA HIS E 291 16.15 16.73 -11.11
C HIS E 291 16.03 17.15 -9.65
N LEU E 292 16.59 18.32 -9.32
CA LEU E 292 16.52 18.81 -7.94
C LEU E 292 15.07 19.05 -7.53
N ARG E 293 14.30 19.73 -8.37
CA ARG E 293 12.94 20.10 -8.02
C ARG E 293 12.01 18.91 -7.88
N GLU E 294 12.34 17.76 -8.47
CA GLU E 294 11.50 16.58 -8.34
C GLU E 294 11.44 16.10 -6.89
N THR E 295 12.56 16.16 -6.17
CA THR E 295 12.60 15.65 -4.81
C THR E 295 11.70 16.45 -3.88
N LEU E 296 11.43 17.70 -4.20
CA LEU E 296 10.63 18.59 -3.36
C LEU E 296 9.16 18.48 -3.72
N PRO E 297 8.27 19.02 -2.89
CA PRO E 297 6.84 19.05 -3.25
C PRO E 297 6.60 19.98 -4.43
N LYS E 298 5.36 19.94 -4.92
CA LYS E 298 4.95 20.74 -6.07
C LYS E 298 4.66 22.18 -5.61
N ILE E 299 5.71 22.81 -5.11
CA ILE E 299 5.55 24.10 -4.42
C ILE E 299 5.56 25.22 -5.47
N PRO E 300 4.57 26.15 -5.47
CA PRO E 300 4.45 27.13 -6.55
C PRO E 300 5.15 28.46 -6.27
N TYR E 301 6.44 28.39 -5.95
CA TYR E 301 7.23 29.62 -5.85
C TYR E 301 8.71 29.26 -5.86
N VAL E 302 9.52 30.25 -6.21
CA VAL E 302 10.95 30.05 -6.33
C VAL E 302 11.59 30.06 -4.95
N LYS E 303 12.37 29.02 -4.66
CA LYS E 303 13.08 28.91 -3.40
C LYS E 303 14.49 29.48 -3.56
N ALA E 304 15.27 29.47 -2.48
CA ALA E 304 16.63 29.99 -2.57
C ALA E 304 17.47 29.17 -3.54
N ILE E 305 17.29 27.85 -3.52
CA ILE E 305 18.00 27.00 -4.47
C ILE E 305 17.57 27.34 -5.90
N ASP E 306 16.27 27.55 -6.11
CA ASP E 306 15.79 27.85 -7.45
C ASP E 306 16.37 29.16 -7.97
N MET E 307 16.42 30.18 -7.12
CA MET E 307 16.96 31.47 -7.55
C MET E 307 18.46 31.41 -7.80
N TYR E 308 19.13 30.33 -7.40
CA TYR E 308 20.54 30.12 -7.71
C TYR E 308 20.72 29.34 -9.01
N LEU E 309 19.97 28.23 -9.16
CA LEU E 309 20.02 27.48 -10.40
C LEU E 309 19.58 28.33 -11.58
N MET E 310 18.51 29.12 -11.41
CA MET E 310 18.11 30.05 -12.46
C MET E 310 19.19 31.09 -12.69
N GLY E 311 19.83 31.56 -11.62
CA GLY E 311 20.91 32.51 -11.79
C GLY E 311 22.09 31.93 -12.55
N CYS E 312 22.45 30.69 -12.23
CA CYS E 312 23.54 30.04 -12.96
C CYS E 312 23.14 29.75 -14.41
N PHE E 313 21.87 29.43 -14.64
CA PHE E 313 21.40 29.18 -16.00
C PHE E 313 21.65 30.40 -16.88
N VAL E 314 21.44 31.60 -16.33
CA VAL E 314 21.60 32.81 -17.12
C VAL E 314 23.05 32.96 -17.58
N PHE E 315 24.00 32.68 -16.69
CA PHE E 315 25.41 32.81 -17.05
C PHE E 315 25.80 31.84 -18.15
N VAL E 316 25.47 30.55 -17.97
CA VAL E 316 25.83 29.55 -18.96
C VAL E 316 25.13 29.85 -20.29
N PHE E 317 23.87 30.25 -20.25
CA PHE E 317 23.17 30.60 -21.48
C PHE E 317 23.79 31.81 -22.14
N MET E 318 24.21 32.79 -21.33
CA MET E 318 24.90 33.95 -21.89
C MET E 318 26.22 33.55 -22.53
N ALA E 319 26.93 32.59 -21.93
CA ALA E 319 28.15 32.09 -22.52
C ALA E 319 27.88 31.46 -23.88
N LEU E 320 26.77 30.73 -24.01
CA LEU E 320 26.38 30.21 -25.31
C LEU E 320 26.06 31.34 -26.29
N LEU E 321 25.36 32.37 -25.81
CA LEU E 321 25.10 33.53 -26.65
C LEU E 321 26.35 34.37 -26.88
N GLU E 322 27.35 34.25 -26.01
CA GLU E 322 28.61 34.95 -26.25
C GLU E 322 29.25 34.47 -27.54
N TYR E 323 29.27 33.16 -27.76
CA TYR E 323 29.84 32.64 -29.00
C TYR E 323 28.97 32.99 -30.20
N ALA E 324 27.65 32.81 -30.06
CA ALA E 324 26.74 33.14 -31.14
C ALA E 324 26.89 34.60 -31.56
N LEU E 325 27.13 35.48 -30.57
CA LEU E 325 27.46 36.86 -30.88
C LEU E 325 28.80 36.95 -31.60
N VAL E 326 29.80 36.16 -31.16
CA VAL E 326 31.10 36.18 -31.81
C VAL E 326 30.99 35.67 -33.24
N ASN E 327 30.26 34.56 -33.43
CA ASN E 327 30.14 33.97 -34.76
C ASN E 327 29.46 34.92 -35.73
N TYR E 328 28.39 35.60 -35.28
CA TYR E 328 27.66 36.48 -36.17
C TYR E 328 28.50 37.69 -36.57
N ILE E 329 29.24 38.26 -35.64
CA ILE E 329 30.04 39.45 -35.95
C ILE E 329 31.12 39.10 -36.98
N PHE E 330 31.68 37.89 -36.89
CA PHE E 330 32.76 37.51 -37.80
C PHE E 330 32.22 37.19 -39.18
N PHE E 331 31.36 36.17 -39.28
CA PHE E 331 30.85 35.75 -40.59
C PHE E 331 29.77 36.69 -41.10
N GLY E 332 28.77 36.98 -40.26
CA GLY E 332 27.68 37.85 -40.66
C GLY E 332 28.10 39.30 -40.81
N ASP E 483 38.71 42.45 -33.27
CA ASP E 483 37.38 42.79 -32.77
C ASP E 483 36.78 41.59 -32.03
N VAL E 484 36.61 40.48 -32.74
CA VAL E 484 36.03 39.28 -32.14
C VAL E 484 36.91 38.78 -31.00
N ASN E 485 38.22 38.87 -31.16
CA ASN E 485 39.11 38.42 -30.10
C ASN E 485 38.96 39.26 -28.84
N ALA E 486 38.63 40.55 -29.00
CA ALA E 486 38.42 41.41 -27.84
C ALA E 486 37.21 40.93 -27.04
N ILE E 487 36.14 40.53 -27.73
CA ILE E 487 34.94 40.06 -27.04
C ILE E 487 35.25 38.83 -26.22
N ASP E 488 36.12 37.95 -26.73
CA ASP E 488 36.55 36.79 -25.94
C ASP E 488 37.33 37.22 -24.71
N ARG E 489 38.22 38.22 -24.86
CA ARG E 489 39.02 38.65 -23.73
C ARG E 489 38.16 39.30 -22.65
N TRP E 490 37.30 40.24 -23.03
CA TRP E 490 36.46 40.89 -22.04
C TRP E 490 35.50 39.90 -21.39
N SER E 491 34.92 39.00 -22.18
CA SER E 491 34.10 37.95 -21.62
C SER E 491 34.91 36.99 -20.75
N ARG E 492 36.23 36.91 -20.96
CA ARG E 492 37.07 36.09 -20.10
C ARG E 492 37.32 36.72 -18.74
N ILE E 493 37.06 38.01 -18.59
CA ILE E 493 37.24 38.72 -17.32
C ILE E 493 35.90 39.05 -16.69
N PHE E 494 34.95 39.55 -17.47
CA PHE E 494 33.64 39.93 -16.94
C PHE E 494 32.93 38.72 -16.32
N PHE E 495 32.86 37.61 -17.05
CA PHE E 495 32.07 36.47 -16.59
C PHE E 495 32.53 35.93 -15.25
N PRO E 496 33.83 35.70 -15.00
CA PRO E 496 34.24 35.30 -13.64
C PRO E 496 33.91 36.32 -12.57
N VAL E 497 33.99 37.61 -12.90
CA VAL E 497 33.77 38.64 -11.89
C VAL E 497 32.28 38.76 -11.55
N VAL E 498 31.46 39.03 -12.57
CA VAL E 498 30.04 39.24 -12.33
C VAL E 498 29.37 38.01 -11.73
N PHE E 499 29.92 36.82 -11.95
CA PHE E 499 29.45 35.64 -11.26
C PHE E 499 29.89 35.64 -9.80
N SER E 500 31.09 36.12 -9.52
CA SER E 500 31.54 36.21 -8.13
C SER E 500 30.65 37.15 -7.33
N PHE E 501 30.32 38.31 -7.90
CA PHE E 501 29.41 39.23 -7.21
C PHE E 501 28.04 38.58 -7.01
N PHE E 502 27.57 37.84 -8.00
CA PHE E 502 26.30 37.13 -7.84
C PHE E 502 26.35 36.20 -6.64
N ASN E 503 27.49 35.54 -6.41
CA ASN E 503 27.63 34.72 -5.22
C ASN E 503 27.64 35.58 -3.96
N ILE E 504 28.41 36.67 -3.97
CA ILE E 504 28.54 37.51 -2.79
C ILE E 504 27.18 38.10 -2.42
N VAL E 505 26.47 38.67 -3.40
CA VAL E 505 25.15 39.23 -3.12
C VAL E 505 24.18 38.14 -2.72
N TYR E 506 24.28 36.96 -3.35
CA TYR E 506 23.38 35.87 -3.02
C TYR E 506 23.62 35.36 -1.61
N TRP E 507 24.89 35.05 -1.28
CA TRP E 507 25.16 34.42 -0.01
C TRP E 507 24.94 35.38 1.16
N LEU E 508 25.32 36.65 0.98
CA LEU E 508 25.08 37.63 2.04
C LEU E 508 23.58 37.80 2.30
N TYR E 509 22.78 37.86 1.24
CA TYR E 509 21.33 37.99 1.42
C TYR E 509 20.76 36.79 2.15
N TYR E 510 21.20 35.59 1.81
CA TYR E 510 20.61 34.37 2.33
C TYR E 510 21.34 33.84 3.57
N VAL E 511 22.67 33.72 3.50
CA VAL E 511 23.41 33.16 4.63
C VAL E 511 23.33 34.10 5.83
N ASN E 512 23.30 35.41 5.59
CA ASN E 512 23.15 36.40 6.65
C ASN E 512 21.79 37.07 6.56
N GLU F 1 -53.59 21.19 14.68
CA GLU F 1 -52.98 22.06 13.64
C GLU F 1 -52.15 23.17 14.28
N ILE F 2 -51.10 23.58 13.57
CA ILE F 2 -50.23 24.65 14.06
C ILE F 2 -50.91 25.99 13.81
N GLN F 3 -50.61 26.96 14.67
CA GLN F 3 -51.17 28.31 14.52
C GLN F 3 -50.29 29.29 15.27
N LEU F 4 -49.82 30.32 14.56
CA LEU F 4 -48.99 31.37 15.14
C LEU F 4 -49.85 32.64 15.24
N GLN F 5 -50.43 32.87 16.40
CA GLN F 5 -51.25 34.04 16.65
C GLN F 5 -50.40 35.18 17.18
N GLN F 6 -50.67 36.39 16.73
CA GLN F 6 -49.88 37.58 17.03
C GLN F 6 -50.72 38.59 17.80
N SER F 7 -50.08 39.71 18.16
CA SER F 7 -50.68 40.72 19.02
C SER F 7 -51.96 41.31 18.42
N GLY F 8 -51.85 41.98 17.28
CA GLY F 8 -52.98 42.64 16.66
C GLY F 8 -52.66 44.06 16.26
N PRO F 9 -53.64 44.77 15.69
CA PRO F 9 -53.37 46.13 15.20
C PRO F 9 -52.89 47.05 16.31
N GLU F 10 -51.97 47.95 15.95
CA GLU F 10 -51.39 48.90 16.89
C GLU F 10 -51.32 50.28 16.25
N LEU F 11 -51.37 51.31 17.10
CA LEU F 11 -51.13 52.68 16.70
C LEU F 11 -50.27 53.36 17.75
N VAL F 12 -49.30 54.16 17.29
CA VAL F 12 -48.27 54.69 18.17
C VAL F 12 -47.68 55.94 17.54
N LYS F 13 -47.17 56.84 18.38
CA LYS F 13 -46.53 58.06 17.92
C LYS F 13 -45.03 57.86 17.77
N PRO F 14 -44.35 58.67 16.94
CA PRO F 14 -42.91 58.49 16.78
C PRO F 14 -42.15 58.73 18.08
N GLY F 15 -41.03 58.02 18.22
CA GLY F 15 -40.14 58.22 19.36
C GLY F 15 -40.28 57.14 20.41
N THR F 16 -41.52 56.71 20.67
CA THR F 16 -41.78 55.72 21.70
C THR F 16 -41.64 54.30 21.12
N SER F 17 -41.58 53.33 22.03
CA SER F 17 -41.32 51.94 21.69
C SER F 17 -42.64 51.17 21.57
N VAL F 18 -42.53 49.90 21.19
CA VAL F 18 -43.69 49.02 21.08
C VAL F 18 -43.20 47.58 21.11
N LYS F 19 -44.06 46.67 21.58
CA LYS F 19 -43.76 45.25 21.64
C LYS F 19 -44.88 44.48 20.96
N VAL F 20 -44.50 43.46 20.18
CA VAL F 20 -45.42 42.59 19.46
C VAL F 20 -45.09 41.15 19.81
N SER F 21 -46.13 40.35 20.01
CA SER F 21 -46.00 38.97 20.46
C SER F 21 -46.39 38.00 19.35
N CYS F 22 -45.88 36.78 19.43
CA CYS F 22 -46.19 35.72 18.49
C CYS F 22 -46.36 34.42 19.28
N LYS F 23 -47.60 33.96 19.40
CA LYS F 23 -47.95 32.84 20.26
C LYS F 23 -47.95 31.56 19.44
N ALA F 24 -47.08 30.62 19.80
CA ALA F 24 -47.00 29.35 19.12
C ALA F 24 -48.03 28.38 19.69
N SER F 25 -48.42 27.40 18.86
CA SER F 25 -49.40 26.40 19.25
C SER F 25 -49.30 25.22 18.31
N GLY F 26 -49.34 24.00 18.88
CA GLY F 26 -49.44 22.78 18.11
C GLY F 26 -48.14 22.01 17.97
N TYR F 27 -47.00 22.64 18.17
CA TYR F 27 -45.70 21.99 18.03
C TYR F 27 -44.81 22.36 19.21
N SER F 28 -43.76 21.56 19.40
CA SER F 28 -42.78 21.83 20.43
C SER F 28 -42.11 23.17 20.16
N PHE F 29 -42.37 24.16 21.02
CA PHE F 29 -41.99 25.53 20.73
C PHE F 29 -40.47 25.71 20.68
N THR F 30 -39.73 24.90 21.41
CA THR F 30 -38.28 25.05 21.47
C THR F 30 -37.54 24.31 20.38
N ASP F 31 -38.23 23.55 19.54
CA ASP F 31 -37.55 22.76 18.52
C ASP F 31 -37.08 23.60 17.34
N TYR F 32 -37.83 24.63 16.97
CA TYR F 32 -37.59 25.37 15.73
C TYR F 32 -37.38 26.84 16.01
N ASN F 33 -36.46 27.45 15.26
CA ASN F 33 -36.23 28.88 15.38
C ASN F 33 -37.44 29.67 14.93
N MET F 34 -37.61 30.85 15.51
CA MET F 34 -38.69 31.77 15.17
C MET F 34 -38.10 32.97 14.45
N TYR F 35 -38.61 33.24 13.25
CA TYR F 35 -38.15 34.34 12.42
C TYR F 35 -39.18 35.45 12.40
N TRP F 36 -38.70 36.69 12.30
CA TRP F 36 -39.55 37.87 12.23
C TRP F 36 -39.34 38.57 10.91
N VAL F 37 -40.45 38.91 10.25
CA VAL F 37 -40.43 39.48 8.90
C VAL F 37 -41.20 40.78 8.90
N LYS F 38 -40.71 41.76 8.14
CA LYS F 38 -41.37 43.04 7.94
C LYS F 38 -41.83 43.16 6.50
N GLN F 39 -43.02 43.73 6.30
CA GLN F 39 -43.55 43.94 4.95
C GLN F 39 -44.23 45.31 4.92
N SER F 40 -43.53 46.29 4.37
CA SER F 40 -44.15 47.58 4.10
C SER F 40 -45.17 47.43 2.99
N HIS F 41 -46.09 48.39 2.93
CA HIS F 41 -47.16 48.36 1.94
C HIS F 41 -46.61 48.23 0.53
N GLY F 42 -46.98 47.13 -0.13
CA GLY F 42 -46.55 46.88 -1.49
C GLY F 42 -45.04 46.83 -1.65
N LYS F 43 -44.36 46.11 -0.76
CA LYS F 43 -42.91 46.01 -0.78
C LYS F 43 -42.49 44.59 -0.44
N SER F 44 -41.25 44.26 -0.78
CA SER F 44 -40.73 42.93 -0.55
C SER F 44 -40.61 42.64 0.94
N LEU F 45 -40.82 41.37 1.30
CA LEU F 45 -40.64 40.94 2.68
C LEU F 45 -39.19 41.13 3.10
N GLU F 46 -39.01 41.69 4.30
CA GLU F 46 -37.69 41.95 4.86
C GLU F 46 -37.53 41.16 6.16
N TRP F 47 -36.38 40.51 6.30
CA TRP F 47 -36.09 39.72 7.50
C TRP F 47 -35.47 40.61 8.56
N ILE F 48 -36.02 40.55 9.77
CA ILE F 48 -35.55 41.36 10.88
C ILE F 48 -34.51 40.56 11.65
N GLY F 49 -34.91 39.41 12.17
CA GLY F 49 -34.02 38.57 12.96
C GLY F 49 -34.75 37.31 13.36
N TYR F 50 -33.98 36.38 13.93
CA TYR F 50 -34.54 35.16 14.47
C TYR F 50 -33.93 34.87 15.83
N ILE F 51 -34.68 34.14 16.65
CA ILE F 51 -34.25 33.75 17.99
C ILE F 51 -34.42 32.25 18.14
N ASP F 52 -33.39 31.59 18.65
CA ASP F 52 -33.48 30.19 19.03
C ASP F 52 -34.22 30.11 20.37
N PRO F 53 -35.46 29.61 20.42
CA PRO F 53 -36.20 29.66 21.69
C PRO F 53 -35.53 28.90 22.83
N TYR F 54 -34.78 27.84 22.53
CA TYR F 54 -34.25 27.00 23.60
C TYR F 54 -33.27 27.77 24.47
N ASN F 55 -32.29 28.43 23.86
CA ASN F 55 -31.28 29.20 24.58
C ASN F 55 -31.36 30.69 24.31
N ALA F 56 -32.38 31.14 23.57
CA ALA F 56 -32.60 32.56 23.32
C ALA F 56 -31.40 33.23 22.65
N ASP F 57 -30.73 32.51 21.76
CA ASP F 57 -29.70 33.10 20.93
C ASP F 57 -30.35 33.82 19.76
N THR F 58 -29.98 35.08 19.57
CA THR F 58 -30.60 35.95 18.57
C THR F 58 -29.59 36.34 17.51
N THR F 59 -30.08 36.45 16.28
CA THR F 59 -29.33 37.01 15.16
C THR F 59 -30.21 38.03 14.47
N TYR F 60 -29.66 39.21 14.20
CA TYR F 60 -30.41 40.33 13.67
C TYR F 60 -29.90 40.74 12.29
N ASN F 61 -30.82 41.17 11.45
CA ASN F 61 -30.45 41.83 10.21
C ASN F 61 -29.68 43.10 10.56
N ARG F 62 -28.61 43.36 9.79
CA ARG F 62 -27.75 44.50 10.08
C ARG F 62 -28.54 45.80 10.10
N GLU F 63 -29.53 45.91 9.21
CA GLU F 63 -30.36 47.12 9.17
C GLU F 63 -31.13 47.30 10.47
N PHE F 64 -31.66 46.21 11.02
CA PHE F 64 -32.44 46.25 12.24
C PHE F 64 -31.60 45.99 13.49
N LYS F 65 -30.29 45.90 13.35
CA LYS F 65 -29.41 45.71 14.51
C LYS F 65 -29.57 46.89 15.46
N GLY F 66 -30.14 46.64 16.64
CA GLY F 66 -30.39 47.69 17.61
C GLY F 66 -31.81 48.20 17.57
N LYS F 67 -32.39 48.28 16.36
CA LYS F 67 -33.78 48.72 16.25
C LYS F 67 -34.73 47.74 16.92
N ALA F 68 -34.49 46.44 16.75
CA ALA F 68 -35.35 45.39 17.27
C ALA F 68 -34.56 44.49 18.20
N THR F 69 -35.21 44.05 19.27
CA THR F 69 -34.63 43.09 20.21
C THR F 69 -35.62 41.94 20.38
N LEU F 70 -35.13 40.72 20.18
CA LEU F 70 -35.96 39.53 20.21
C LEU F 70 -35.83 38.84 21.56
N THR F 71 -36.98 38.55 22.19
CA THR F 71 -37.03 37.85 23.45
C THR F 71 -38.09 36.77 23.38
N VAL F 72 -37.91 35.72 24.19
CA VAL F 72 -38.76 34.54 24.16
C VAL F 72 -39.02 34.09 25.58
N ASP F 73 -40.16 33.43 25.78
CA ASP F 73 -40.55 32.85 27.06
C ASP F 73 -40.80 31.36 26.84
N LYS F 74 -40.02 30.51 27.51
CA LYS F 74 -40.24 29.08 27.40
C LYS F 74 -41.58 28.68 27.99
N SER F 75 -41.96 29.27 29.12
CA SER F 75 -43.17 28.91 29.84
C SER F 75 -44.41 29.07 28.96
N SER F 76 -44.69 30.30 28.54
CA SER F 76 -45.76 30.56 27.60
C SER F 76 -45.15 30.56 26.20
N SER F 77 -45.69 29.72 25.32
CA SER F 77 -45.06 29.50 24.03
C SER F 77 -45.24 30.73 23.14
N THR F 78 -44.54 31.81 23.49
CA THR F 78 -44.67 33.09 22.82
C THR F 78 -43.29 33.65 22.48
N ALA F 79 -43.23 34.38 21.38
CA ALA F 79 -42.05 35.10 20.95
C ALA F 79 -42.39 36.58 20.84
N PHE F 80 -41.47 37.42 21.32
CA PHE F 80 -41.70 38.86 21.39
C PHE F 80 -40.62 39.60 20.62
N MET F 81 -41.04 40.63 19.89
CA MET F 81 -40.15 41.58 19.23
C MET F 81 -40.44 42.97 19.78
N HIS F 82 -39.40 43.66 20.24
CA HIS F 82 -39.52 44.98 20.83
C HIS F 82 -38.82 45.99 19.92
N LEU F 83 -39.58 47.01 19.49
CA LEU F 83 -39.07 48.06 18.62
C LEU F 83 -39.01 49.37 19.40
N ASN F 84 -37.91 50.11 19.22
CA ASN F 84 -37.68 51.36 19.91
C ASN F 84 -37.32 52.44 18.90
N SER F 85 -37.56 53.70 19.29
CA SER F 85 -37.28 54.85 18.43
C SER F 85 -38.05 54.75 17.12
N LEU F 86 -39.37 54.57 17.23
CA LEU F 86 -40.20 54.37 16.06
C LEU F 86 -40.28 55.65 15.23
N THR F 87 -40.33 55.49 13.91
CA THR F 87 -40.44 56.58 12.96
C THR F 87 -41.52 56.24 11.94
N SER F 88 -41.71 57.13 10.97
CA SER F 88 -42.70 56.89 9.94
C SER F 88 -42.35 55.66 9.11
N GLU F 89 -41.07 55.47 8.80
CA GLU F 89 -40.65 54.36 7.97
C GLU F 89 -40.92 53.00 8.64
N ASP F 90 -41.12 52.98 9.95
CA ASP F 90 -41.37 51.73 10.67
C ASP F 90 -42.83 51.30 10.61
N SER F 91 -43.69 52.07 9.94
CA SER F 91 -45.10 51.70 9.80
C SER F 91 -45.21 50.60 8.74
N ALA F 92 -45.64 49.42 9.16
CA ALA F 92 -45.76 48.28 8.26
C ALA F 92 -46.50 47.17 9.01
N VAL F 93 -46.62 46.02 8.35
CA VAL F 93 -47.21 44.82 8.94
C VAL F 93 -46.09 43.82 9.17
N TYR F 94 -46.00 43.31 10.40
CA TYR F 94 -44.92 42.44 10.83
C TYR F 94 -45.43 41.02 11.01
N TYR F 95 -44.71 40.06 10.42
CA TYR F 95 -45.06 38.65 10.48
C TYR F 95 -44.03 37.90 11.30
N CYS F 96 -44.45 36.77 11.87
CA CYS F 96 -43.57 35.82 12.52
C CYS F 96 -43.74 34.46 11.86
N ALA F 97 -42.62 33.78 11.63
CA ALA F 97 -42.63 32.49 10.95
C ALA F 97 -41.62 31.57 11.62
N ARG F 98 -41.90 30.27 11.54
CA ARG F 98 -41.02 29.23 12.09
C ARG F 98 -40.30 28.55 10.95
N LYS F 99 -38.99 28.38 11.10
CA LYS F 99 -38.18 27.70 10.09
C LYS F 99 -38.20 26.21 10.40
N ARG F 100 -39.09 25.47 9.71
CA ARG F 100 -39.18 24.04 9.94
C ARG F 100 -37.90 23.34 9.54
N ASN F 101 -37.32 23.71 8.41
CA ASN F 101 -36.04 23.19 7.96
C ASN F 101 -35.14 24.35 7.59
N ASN F 102 -34.02 24.06 6.94
CA ASN F 102 -33.25 25.08 6.25
C ASN F 102 -33.73 25.27 4.81
N PHE F 103 -34.96 24.86 4.52
CA PHE F 103 -35.55 24.95 3.18
C PHE F 103 -36.70 25.94 3.07
N TYR F 104 -37.55 26.04 4.08
CA TYR F 104 -38.75 26.86 3.96
C TYR F 104 -39.23 27.31 5.32
N PHE F 105 -40.09 28.33 5.31
CA PHE F 105 -40.82 28.75 6.50
C PHE F 105 -42.19 28.09 6.48
N ASP F 106 -42.45 27.23 7.46
CA ASP F 106 -43.61 26.36 7.41
C ASP F 106 -44.90 27.12 7.70
N TYR F 107 -45.02 27.69 8.89
CA TYR F 107 -46.22 28.41 9.32
C TYR F 107 -45.86 29.86 9.61
N TRP F 108 -46.66 30.76 9.05
CA TRP F 108 -46.50 32.20 9.24
C TRP F 108 -47.54 32.74 10.19
N GLY F 109 -47.28 33.93 10.72
CA GLY F 109 -48.20 34.57 11.61
C GLY F 109 -49.36 35.23 10.88
N GLN F 110 -50.37 35.62 11.66
CA GLN F 110 -51.52 36.30 11.08
C GLN F 110 -51.14 37.63 10.46
N GLY F 111 -50.10 38.27 10.96
CA GLY F 111 -49.70 39.60 10.53
C GLY F 111 -50.19 40.66 11.49
N THR F 112 -49.26 41.45 12.03
CA THR F 112 -49.58 42.50 12.99
C THR F 112 -49.39 43.86 12.32
N PRO F 113 -50.47 44.54 11.92
CA PRO F 113 -50.30 45.89 11.37
C PRO F 113 -49.72 46.84 12.41
N LEU F 114 -48.86 47.74 11.94
CA LEU F 114 -48.29 48.79 12.77
C LEU F 114 -48.42 50.12 12.04
N THR F 115 -48.68 51.19 12.79
CA THR F 115 -48.83 52.52 12.24
C THR F 115 -48.09 53.51 13.13
N VAL F 116 -47.28 54.36 12.53
CA VAL F 116 -46.54 55.40 13.23
C VAL F 116 -46.92 56.74 12.61
N SER F 117 -47.53 57.59 13.41
CA SER F 117 -47.98 58.90 12.93
C SER F 117 -48.51 59.75 14.08
N GLU G 1 -1.54 -57.32 21.84
CA GLU G 1 -0.96 -56.40 20.82
C GLU G 1 -1.75 -56.45 19.53
N ILE G 2 -1.27 -55.75 18.51
CA ILE G 2 -1.95 -55.74 17.22
C ILE G 2 -1.68 -57.06 16.50
N GLN G 3 -2.70 -57.58 15.85
CA GLN G 3 -2.58 -58.81 15.07
C GLN G 3 -3.52 -58.72 13.89
N LEU G 4 -3.09 -59.25 12.74
CA LEU G 4 -3.89 -59.30 11.52
C LEU G 4 -3.97 -60.74 11.06
N GLN G 5 -5.16 -61.33 11.14
CA GLN G 5 -5.40 -62.70 10.73
C GLN G 5 -6.10 -62.70 9.37
N GLN G 6 -5.60 -63.51 8.45
CA GLN G 6 -6.14 -63.61 7.10
C GLN G 6 -6.76 -64.98 6.88
N SER G 7 -7.42 -65.12 5.73
CA SER G 7 -8.02 -66.40 5.36
C SER G 7 -6.93 -67.42 5.06
N GLY G 8 -7.26 -68.70 5.29
CA GLY G 8 -6.34 -69.77 5.02
C GLY G 8 -6.21 -70.05 3.54
N PRO G 9 -5.22 -70.85 3.16
CA PRO G 9 -5.01 -71.12 1.73
C PRO G 9 -6.19 -71.86 1.12
N GLU G 10 -6.40 -71.63 -0.18
CA GLU G 10 -7.45 -72.33 -0.92
C GLU G 10 -7.02 -72.45 -2.37
N LEU G 11 -7.63 -73.41 -3.07
CA LEU G 11 -7.39 -73.67 -4.48
C LEU G 11 -8.68 -73.44 -5.25
N VAL G 12 -8.55 -72.86 -6.44
CA VAL G 12 -9.71 -72.52 -7.27
C VAL G 12 -9.33 -72.66 -8.73
N LYS G 13 -10.29 -73.10 -9.54
CA LYS G 13 -10.06 -73.22 -10.97
C LYS G 13 -9.97 -71.82 -11.59
N PRO G 14 -9.32 -71.68 -12.75
CA PRO G 14 -9.29 -70.38 -13.42
C PRO G 14 -10.70 -69.90 -13.77
N GLY G 15 -10.89 -68.59 -13.70
CA GLY G 15 -12.17 -67.98 -14.01
C GLY G 15 -13.16 -67.99 -12.87
N THR G 16 -12.79 -68.52 -11.71
CA THR G 16 -13.67 -68.58 -10.54
C THR G 16 -13.16 -67.59 -9.50
N SER G 17 -14.03 -66.67 -9.10
CA SER G 17 -13.62 -65.61 -8.19
C SER G 17 -13.32 -66.18 -6.80
N VAL G 18 -12.83 -65.31 -5.92
CA VAL G 18 -12.47 -65.69 -4.57
C VAL G 18 -12.36 -64.43 -3.72
N LYS G 19 -12.65 -64.56 -2.44
CA LYS G 19 -12.52 -63.48 -1.47
C LYS G 19 -11.57 -63.90 -0.36
N VAL G 20 -10.67 -62.99 0.02
CA VAL G 20 -9.71 -63.21 1.10
C VAL G 20 -9.95 -62.14 2.15
N SER G 21 -10.07 -62.56 3.40
CA SER G 21 -10.40 -61.67 4.50
C SER G 21 -9.15 -61.28 5.28
N CYS G 22 -9.28 -60.20 6.06
CA CYS G 22 -8.20 -59.72 6.92
C CYS G 22 -8.84 -59.12 8.16
N LYS G 23 -8.60 -59.73 9.32
CA LYS G 23 -9.24 -59.35 10.57
C LYS G 23 -8.23 -58.65 11.47
N ALA G 24 -8.58 -57.46 11.94
CA ALA G 24 -7.73 -56.66 12.83
C ALA G 24 -8.39 -56.56 14.20
N SER G 25 -7.58 -56.65 15.25
CA SER G 25 -8.09 -56.72 16.63
C SER G 25 -7.51 -55.68 17.56
N GLY G 26 -6.20 -55.43 17.50
CA GLY G 26 -5.56 -54.66 18.56
C GLY G 26 -5.97 -53.21 18.60
N TYR G 27 -6.11 -52.58 17.44
CA TYR G 27 -6.22 -51.12 17.33
C TYR G 27 -7.61 -50.73 16.86
N SER G 28 -7.86 -49.42 16.83
CA SER G 28 -9.11 -48.89 16.32
C SER G 28 -9.14 -49.03 14.81
N PHE G 29 -10.12 -49.78 14.31
CA PHE G 29 -10.06 -50.27 12.93
C PHE G 29 -10.10 -49.14 11.92
N THR G 30 -10.91 -48.11 12.17
CA THR G 30 -11.15 -47.06 11.20
C THR G 30 -10.12 -45.94 11.22
N ASP G 31 -9.13 -46.00 12.11
CA ASP G 31 -8.15 -44.92 12.18
C ASP G 31 -7.12 -44.97 11.06
N TYR G 32 -6.81 -46.16 10.54
CA TYR G 32 -5.69 -46.35 9.63
C TYR G 32 -6.14 -47.08 8.38
N ASN G 33 -5.57 -46.69 7.24
CA ASN G 33 -5.87 -47.36 5.98
C ASN G 33 -5.32 -48.78 5.99
N MET G 34 -5.97 -49.65 5.23
CA MET G 34 -5.57 -51.04 5.09
C MET G 34 -5.09 -51.26 3.66
N TYR G 35 -3.87 -51.74 3.51
CA TYR G 35 -3.25 -51.97 2.22
C TYR G 35 -3.19 -53.47 1.92
N TRP G 36 -3.22 -53.79 0.63
CA TRP G 36 -3.14 -55.16 0.15
C TRP G 36 -1.94 -55.27 -0.79
N VAL G 37 -1.13 -56.30 -0.57
CA VAL G 37 0.12 -56.50 -1.30
C VAL G 37 0.18 -57.94 -1.79
N LYS G 38 0.66 -58.11 -3.03
CA LYS G 38 0.83 -59.41 -3.65
C LYS G 38 2.30 -59.74 -3.76
N GLN G 39 2.66 -60.99 -3.50
CA GLN G 39 4.04 -61.47 -3.62
C GLN G 39 4.01 -62.86 -4.26
N SER G 40 4.11 -62.90 -5.58
CA SER G 40 4.31 -64.16 -6.25
C SER G 40 5.65 -64.76 -5.84
N HIS G 41 5.72 -66.09 -5.82
CA HIS G 41 6.87 -66.78 -5.25
C HIS G 41 8.15 -66.36 -5.95
N GLY G 42 9.11 -65.89 -5.15
CA GLY G 42 10.38 -65.41 -5.69
C GLY G 42 10.26 -64.16 -6.52
N LYS G 43 9.36 -63.23 -6.14
CA LYS G 43 9.19 -61.98 -6.85
C LYS G 43 9.18 -60.82 -5.85
N SER G 44 8.90 -59.61 -6.33
CA SER G 44 8.87 -58.42 -5.49
C SER G 44 7.46 -58.15 -5.00
N LEU G 45 7.37 -57.59 -3.79
CA LEU G 45 6.08 -57.18 -3.25
C LEU G 45 5.43 -56.16 -4.18
N GLU G 46 4.16 -56.38 -4.49
CA GLU G 46 3.43 -55.55 -5.43
C GLU G 46 2.16 -55.03 -4.78
N TRP G 47 1.93 -53.72 -4.88
CA TRP G 47 0.77 -53.09 -4.24
C TRP G 47 -0.46 -53.25 -5.11
N ILE G 48 -1.56 -53.69 -4.49
CA ILE G 48 -2.83 -53.87 -5.19
C ILE G 48 -3.68 -52.63 -4.99
N GLY G 49 -4.02 -52.32 -3.74
CA GLY G 49 -4.83 -51.17 -3.44
C GLY G 49 -4.97 -51.03 -1.94
N TYR G 50 -5.63 -49.94 -1.54
CA TYR G 50 -5.93 -49.72 -0.13
C TYR G 50 -7.35 -49.19 0.02
N ILE G 51 -7.92 -49.45 1.19
CA ILE G 51 -9.29 -49.07 1.52
C ILE G 51 -9.26 -48.24 2.79
N ASP G 52 -9.90 -47.07 2.74
CA ASP G 52 -10.10 -46.27 3.94
C ASP G 52 -11.27 -46.87 4.71
N PRO G 53 -11.05 -47.56 5.84
CA PRO G 53 -12.16 -48.30 6.45
C PRO G 53 -13.32 -47.41 6.90
N TYR G 54 -13.07 -46.13 7.18
CA TYR G 54 -14.14 -45.28 7.70
C TYR G 54 -15.21 -45.04 6.64
N ASN G 55 -14.85 -44.38 5.54
CA ASN G 55 -15.78 -44.06 4.47
C ASN G 55 -15.71 -45.04 3.31
N ALA G 56 -14.86 -46.06 3.39
CA ALA G 56 -14.71 -47.08 2.35
C ALA G 56 -14.16 -46.52 1.05
N ASP G 57 -13.50 -45.36 1.09
CA ASP G 57 -12.81 -44.87 -0.10
C ASP G 57 -11.70 -45.85 -0.48
N THR G 58 -11.55 -46.09 -1.78
CA THR G 58 -10.64 -47.10 -2.29
C THR G 58 -9.77 -46.50 -3.39
N THR G 59 -8.53 -46.97 -3.45
CA THR G 59 -7.61 -46.65 -4.53
C THR G 59 -6.92 -47.94 -4.95
N TYR G 60 -6.73 -48.10 -6.26
CA TYR G 60 -6.24 -49.34 -6.84
C TYR G 60 -4.99 -49.09 -7.67
N ASN G 61 -4.14 -50.11 -7.71
CA ASN G 61 -3.02 -50.12 -8.64
C ASN G 61 -3.55 -50.23 -10.06
N ARG G 62 -2.91 -49.50 -10.98
CA ARG G 62 -3.33 -49.54 -12.38
C ARG G 62 -3.37 -50.96 -12.92
N GLU G 63 -2.38 -51.78 -12.53
CA GLU G 63 -2.36 -53.16 -12.99
C GLU G 63 -3.58 -53.94 -12.53
N PHE G 64 -3.98 -53.75 -11.28
CA PHE G 64 -5.08 -54.50 -10.69
C PHE G 64 -6.40 -53.76 -10.72
N LYS G 65 -6.47 -52.63 -11.42
CA LYS G 65 -7.72 -51.88 -11.51
C LYS G 65 -8.75 -52.68 -12.29
N GLY G 66 -9.76 -53.20 -11.59
CA GLY G 66 -10.76 -54.06 -12.16
C GLY G 66 -10.53 -55.53 -11.87
N LYS G 67 -9.28 -55.93 -11.61
CA LYS G 67 -8.99 -57.31 -11.24
C LYS G 67 -9.37 -57.58 -9.79
N ALA G 68 -9.29 -56.58 -8.91
CA ALA G 68 -9.53 -56.75 -7.49
C ALA G 68 -10.51 -55.69 -7.01
N THR G 69 -11.33 -56.07 -6.03
CA THR G 69 -12.28 -55.18 -5.39
C THR G 69 -12.03 -55.21 -3.89
N LEU G 70 -11.94 -54.03 -3.29
CA LEU G 70 -11.69 -53.88 -1.87
C LEU G 70 -12.97 -53.46 -1.17
N THR G 71 -13.36 -54.22 -0.15
CA THR G 71 -14.54 -53.93 0.65
C THR G 71 -14.18 -54.11 2.13
N VAL G 72 -14.94 -53.42 2.97
CA VAL G 72 -14.67 -53.37 4.40
C VAL G 72 -15.97 -53.59 5.17
N ASP G 73 -15.84 -54.15 6.36
CA ASP G 73 -16.97 -54.38 7.27
C ASP G 73 -16.57 -53.79 8.63
N LYS G 74 -17.03 -52.58 8.91
CA LYS G 74 -16.63 -51.90 10.14
C LYS G 74 -17.09 -52.67 11.37
N SER G 75 -18.32 -53.19 11.35
CA SER G 75 -18.82 -53.94 12.49
C SER G 75 -17.96 -55.18 12.75
N SER G 76 -17.59 -55.89 11.70
CA SER G 76 -16.72 -57.06 11.83
C SER G 76 -15.24 -56.68 11.96
N SER G 77 -14.88 -55.43 11.69
CA SER G 77 -13.50 -54.98 11.76
C SER G 77 -12.61 -55.83 10.86
N THR G 78 -13.10 -56.13 9.67
CA THR G 78 -12.38 -56.95 8.71
C THR G 78 -12.35 -56.27 7.35
N ALA G 79 -11.27 -56.51 6.62
CA ALA G 79 -11.11 -56.02 5.25
C ALA G 79 -11.11 -57.21 4.30
N PHE G 80 -11.83 -57.06 3.19
CA PHE G 80 -11.99 -58.12 2.21
C PHE G 80 -11.49 -57.66 0.84
N MET G 81 -10.75 -58.55 0.18
CA MET G 81 -10.31 -58.35 -1.20
C MET G 81 -10.94 -59.44 -2.06
N HIS G 82 -11.62 -59.02 -3.13
CA HIS G 82 -12.33 -59.92 -4.03
C HIS G 82 -11.64 -59.91 -5.38
N LEU G 83 -11.20 -61.08 -5.83
CA LEU G 83 -10.50 -61.25 -7.10
C LEU G 83 -11.41 -61.98 -8.09
N ASN G 84 -11.48 -61.48 -9.31
CA ASN G 84 -12.35 -62.01 -10.35
C ASN G 84 -11.55 -62.30 -11.60
N SER G 85 -12.06 -63.23 -12.41
CA SER G 85 -11.42 -63.65 -13.65
C SER G 85 -9.99 -64.14 -13.38
N LEU G 86 -9.88 -65.11 -12.48
CA LEU G 86 -8.58 -65.60 -12.05
C LEU G 86 -7.87 -66.31 -13.20
N THR G 87 -6.58 -66.02 -13.34
CA THR G 87 -5.72 -66.62 -14.35
C THR G 87 -4.53 -67.28 -13.65
N SER G 88 -3.66 -67.89 -14.47
CA SER G 88 -2.51 -68.61 -13.91
C SER G 88 -1.59 -67.68 -13.13
N GLU G 89 -1.35 -66.48 -13.66
CA GLU G 89 -0.43 -65.55 -13.02
C GLU G 89 -0.93 -65.05 -11.67
N ASP G 90 -2.24 -65.15 -11.40
CA ASP G 90 -2.79 -64.64 -10.15
C ASP G 90 -2.37 -65.46 -8.93
N SER G 91 -1.79 -66.64 -9.12
CA SER G 91 -1.35 -67.44 -7.99
C SER G 91 -0.16 -66.78 -7.31
N ALA G 92 -0.32 -66.44 -6.04
CA ALA G 92 0.72 -65.73 -5.29
C ALA G 92 0.34 -65.77 -3.82
N VAL G 93 1.13 -65.10 -2.98
CA VAL G 93 0.87 -64.96 -1.56
C VAL G 93 0.45 -63.51 -1.30
N TYR G 94 -0.71 -63.35 -0.66
CA TYR G 94 -1.31 -62.03 -0.46
C TYR G 94 -1.30 -61.67 1.02
N TYR G 95 -0.82 -60.47 1.32
CA TYR G 95 -0.79 -59.94 2.67
C TYR G 95 -1.66 -58.70 2.75
N CYS G 96 -2.22 -58.46 3.93
CA CYS G 96 -2.87 -57.20 4.26
C CYS G 96 -2.00 -56.45 5.25
N ALA G 97 -1.70 -55.20 4.93
CA ALA G 97 -0.81 -54.38 5.75
C ALA G 97 -1.58 -53.18 6.30
N ARG G 98 -1.13 -52.72 7.46
CA ARG G 98 -1.71 -51.58 8.15
C ARG G 98 -0.72 -50.42 8.09
N LYS G 99 -1.17 -49.28 7.57
CA LYS G 99 -0.30 -48.11 7.42
C LYS G 99 -0.48 -47.20 8.62
N ARG G 100 0.55 -47.12 9.47
CA ARG G 100 0.48 -46.24 10.64
C ARG G 100 0.48 -44.79 10.21
N ASN G 101 1.37 -44.40 9.31
CA ASN G 101 1.50 -43.03 8.86
C ASN G 101 2.19 -43.06 7.50
N ASN G 102 2.65 -41.90 7.02
CA ASN G 102 3.25 -41.82 5.70
C ASN G 102 4.52 -42.65 5.57
N PHE G 103 5.12 -43.08 6.68
CA PHE G 103 6.48 -43.60 6.63
C PHE G 103 6.56 -45.12 6.47
N TYR G 104 5.67 -45.89 7.09
CA TYR G 104 5.86 -47.33 7.13
C TYR G 104 4.53 -48.05 7.30
N PHE G 105 4.57 -49.35 7.03
CA PHE G 105 3.46 -50.27 7.29
C PHE G 105 3.75 -50.97 8.62
N ASP G 106 2.90 -50.72 9.61
CA ASP G 106 3.21 -51.13 10.98
C ASP G 106 3.09 -52.63 11.15
N TYR G 107 1.90 -53.19 10.92
CA TYR G 107 1.62 -54.60 11.16
C TYR G 107 1.09 -55.23 9.87
N TRP G 108 1.66 -56.37 9.50
CA TRP G 108 1.28 -57.10 8.30
C TRP G 108 0.47 -58.33 8.67
N GLY G 109 -0.27 -58.84 7.69
CA GLY G 109 -0.99 -60.07 7.87
C GLY G 109 -0.08 -61.28 7.77
N GLN G 110 -0.63 -62.43 8.19
CA GLN G 110 0.15 -63.66 8.17
C GLN G 110 0.36 -64.21 6.77
N GLY G 111 -0.41 -63.76 5.79
CA GLY G 111 -0.24 -64.17 4.42
C GLY G 111 -1.21 -65.25 3.99
N THR G 112 -1.87 -65.04 2.86
CA THR G 112 -2.88 -65.97 2.33
C THR G 112 -2.35 -66.56 1.03
N PRO G 113 -1.80 -67.78 1.02
CA PRO G 113 -1.40 -68.39 -0.24
C PRO G 113 -2.59 -68.58 -1.17
N LEU G 114 -2.37 -68.35 -2.45
CA LEU G 114 -3.37 -68.55 -3.49
C LEU G 114 -2.76 -69.38 -4.60
N THR G 115 -3.48 -70.41 -5.02
CA THR G 115 -3.06 -71.27 -6.12
C THR G 115 -4.24 -71.51 -7.05
N VAL G 116 -3.93 -71.64 -8.33
CA VAL G 116 -4.93 -71.87 -9.37
C VAL G 116 -4.44 -72.99 -10.27
N SER G 117 -5.33 -73.91 -10.62
CA SER G 117 -4.97 -75.03 -11.48
C SER G 117 -6.22 -75.67 -12.07
N TYR H 1 4.74 -45.32 -11.55
CA TYR H 1 5.04 -45.40 -10.10
C TYR H 1 6.54 -45.42 -9.88
N ILE H 2 6.97 -45.03 -8.67
CA ILE H 2 8.39 -45.02 -8.36
C ILE H 2 8.90 -46.46 -8.37
N VAL H 3 10.01 -46.69 -9.05
CA VAL H 3 10.64 -48.01 -9.11
C VAL H 3 11.85 -48.00 -8.18
N MET H 4 11.88 -48.96 -7.27
CA MET H 4 12.99 -49.12 -6.33
C MET H 4 13.87 -50.26 -6.80
N THR H 5 15.17 -50.00 -6.92
CA THR H 5 16.14 -50.97 -7.42
C THR H 5 17.09 -51.36 -6.29
N GLN H 6 17.24 -52.65 -6.07
CA GLN H 6 18.15 -53.19 -5.05
C GLN H 6 19.39 -53.72 -5.76
N SER H 7 20.50 -53.00 -5.58
CA SER H 7 21.72 -53.34 -6.33
C SER H 7 22.24 -54.74 -6.03
N PRO H 8 22.47 -55.13 -4.77
CA PRO H 8 22.92 -56.51 -4.51
C PRO H 8 21.77 -57.49 -4.58
N LYS H 9 21.69 -58.27 -5.66
CA LYS H 9 20.63 -59.26 -5.79
C LYS H 9 20.76 -60.33 -4.71
N SER H 10 21.98 -60.75 -4.42
CA SER H 10 22.21 -61.73 -3.35
C SER H 10 23.66 -61.55 -2.88
N MET H 11 23.82 -61.05 -1.66
CA MET H 11 25.14 -60.78 -1.10
C MET H 11 25.53 -61.90 -0.15
N SER H 12 26.69 -62.50 -0.40
CA SER H 12 27.22 -63.57 0.43
C SER H 12 28.22 -62.98 1.41
N MET H 13 27.97 -63.15 2.70
CA MET H 13 28.83 -62.61 3.74
C MET H 13 28.86 -63.55 4.92
N SER H 14 30.02 -63.66 5.56
CA SER H 14 30.17 -64.50 6.73
C SER H 14 29.47 -63.86 7.94
N LEU H 15 29.64 -64.46 9.10
CA LEU H 15 29.04 -63.97 10.33
C LEU H 15 29.99 -63.00 11.03
N GLY H 16 29.50 -61.81 11.32
CA GLY H 16 30.25 -60.84 12.09
C GLY H 16 31.10 -59.89 11.29
N GLU H 17 30.52 -59.29 10.25
CA GLU H 17 31.21 -58.23 9.52
C GLU H 17 30.18 -57.26 8.95
N ARG H 18 30.66 -56.06 8.62
CA ARG H 18 29.80 -55.06 8.01
C ARG H 18 29.28 -55.52 6.66
N VAL H 19 27.98 -55.37 6.44
CA VAL H 19 27.35 -55.60 5.15
C VAL H 19 26.37 -54.46 4.89
N THR H 20 26.42 -53.89 3.70
CA THR H 20 25.58 -52.76 3.32
C THR H 20 24.74 -53.13 2.10
N LEU H 21 23.43 -52.97 2.22
CA LEU H 21 22.50 -53.22 1.13
C LEU H 21 22.02 -51.89 0.57
N SER H 22 22.17 -51.71 -0.75
CA SER H 22 21.82 -50.47 -1.42
C SER H 22 20.42 -50.55 -2.01
N CYS H 23 19.82 -49.37 -2.21
CA CYS H 23 18.46 -49.27 -2.71
C CYS H 23 18.33 -47.96 -3.47
N ARG H 24 18.31 -48.03 -4.80
CA ARG H 24 18.16 -46.85 -5.63
C ARG H 24 16.68 -46.57 -5.90
N ALA H 25 16.35 -45.29 -6.02
CA ALA H 25 15.01 -44.84 -6.33
C ALA H 25 15.01 -44.09 -7.66
N SER H 26 14.03 -44.40 -8.50
CA SER H 26 13.96 -43.77 -9.81
C SER H 26 13.75 -42.27 -9.69
N GLU H 27 12.87 -41.85 -8.79
CA GLU H 27 12.52 -40.45 -8.58
C GLU H 27 12.78 -40.06 -7.14
N TYR H 28 12.53 -38.79 -6.83
CA TYR H 28 12.61 -38.32 -5.46
C TYR H 28 11.60 -39.05 -4.59
N VAL H 29 12.06 -39.53 -3.43
CA VAL H 29 11.18 -40.15 -2.43
C VAL H 29 11.39 -39.48 -1.07
N GLY H 30 12.21 -38.44 -1.02
CA GLY H 30 12.49 -37.79 0.25
C GLY H 30 13.06 -38.78 1.24
N SER H 31 12.50 -38.77 2.44
CA SER H 31 12.89 -39.69 3.51
C SER H 31 11.79 -40.69 3.82
N TYR H 32 10.97 -41.03 2.83
CA TYR H 32 9.90 -42.02 2.99
C TYR H 32 10.31 -43.35 2.39
N VAL H 33 11.37 -43.95 2.97
CA VAL H 33 11.92 -45.22 2.49
C VAL H 33 12.10 -46.13 3.68
N SER H 34 11.22 -47.13 3.81
CA SER H 34 11.30 -48.10 4.88
C SER H 34 12.06 -49.34 4.41
N TRP H 35 12.62 -50.07 5.37
CA TRP H 35 13.31 -51.32 5.12
C TRP H 35 12.60 -52.45 5.86
N TYR H 36 12.36 -53.54 5.16
CA TYR H 36 11.63 -54.68 5.69
C TYR H 36 12.45 -55.95 5.55
N GLN H 37 12.31 -56.84 6.53
CA GLN H 37 13.01 -58.12 6.55
C GLN H 37 11.98 -59.24 6.47
N GLN H 38 12.23 -60.21 5.59
CA GLN H 38 11.30 -61.32 5.37
C GLN H 38 12.07 -62.63 5.38
N LYS H 39 11.93 -63.38 6.47
CA LYS H 39 12.45 -64.73 6.54
C LYS H 39 11.60 -65.65 5.66
N PRO H 40 12.11 -66.83 5.31
CA PRO H 40 11.32 -67.72 4.43
C PRO H 40 9.97 -68.07 5.04
N GLU H 41 8.96 -68.06 4.18
CA GLU H 41 7.59 -68.42 4.57
C GLU H 41 7.12 -67.62 5.78
N GLN H 42 7.36 -66.31 5.73
CA GLN H 42 7.00 -65.43 6.83
C GLN H 42 6.69 -64.05 6.28
N SER H 43 5.99 -63.26 7.08
CA SER H 43 5.58 -61.92 6.68
C SER H 43 6.74 -60.93 6.82
N PRO H 44 6.73 -59.84 6.06
CA PRO H 44 7.77 -58.82 6.24
C PRO H 44 7.70 -58.20 7.63
N LYS H 45 8.88 -57.85 8.15
CA LYS H 45 9.01 -57.16 9.43
C LYS H 45 9.74 -55.84 9.20
N LEU H 46 9.13 -54.75 9.64
CA LEU H 46 9.75 -53.43 9.50
C LEU H 46 10.98 -53.35 10.39
N LEU H 47 12.08 -52.84 9.83
CA LEU H 47 13.31 -52.60 10.57
C LEU H 47 13.64 -51.12 10.67
N ILE H 48 13.76 -50.45 9.54
CA ILE H 48 14.11 -49.03 9.48
C ILE H 48 12.99 -48.31 8.73
N TYR H 49 12.43 -47.28 9.35
CA TYR H 49 11.46 -46.41 8.71
C TYR H 49 12.10 -45.03 8.51
N GLY H 50 11.32 -44.10 8.00
CA GLY H 50 11.91 -42.83 7.59
C GLY H 50 12.95 -43.12 6.54
N ALA H 51 14.19 -42.75 6.83
CA ALA H 51 15.36 -43.23 6.11
C ALA H 51 16.41 -43.81 7.03
N SER H 52 16.44 -43.40 8.29
CA SER H 52 17.38 -43.90 9.27
C SER H 52 16.76 -44.24 10.62
N ASN H 53 15.53 -43.81 10.89
CA ASN H 53 14.91 -44.11 12.17
C ASN H 53 14.71 -45.60 12.34
N ARG H 54 15.06 -46.11 13.52
CA ARG H 54 14.98 -47.53 13.83
C ARG H 54 13.65 -47.83 14.52
N TYR H 55 12.94 -48.82 14.01
CA TYR H 55 11.66 -49.20 14.59
C TYR H 55 11.88 -49.85 15.95
N THR H 56 10.85 -49.74 16.81
CA THR H 56 10.96 -50.27 18.16
C THR H 56 11.17 -51.78 18.13
N GLY H 57 12.07 -52.26 18.99
CA GLY H 57 12.36 -53.67 19.10
C GLY H 57 13.42 -54.19 18.15
N VAL H 58 13.89 -53.37 17.22
CA VAL H 58 14.93 -53.77 16.27
C VAL H 58 16.27 -53.79 17.00
N PRO H 59 17.15 -54.78 16.77
CA PRO H 59 18.48 -54.70 17.36
C PRO H 59 19.24 -53.47 16.89
N ASP H 60 20.10 -52.95 17.77
CA ASP H 60 20.81 -51.71 17.48
C ASP H 60 21.76 -51.84 16.30
N ARG H 61 22.12 -53.07 15.90
CA ARG H 61 23.09 -53.23 14.82
C ARG H 61 22.54 -52.71 13.48
N PHE H 62 21.22 -52.78 13.29
CA PHE H 62 20.63 -52.26 12.06
C PHE H 62 20.65 -50.74 12.07
N ALA H 63 21.10 -50.15 10.96
CA ALA H 63 21.15 -48.70 10.83
C ALA H 63 21.08 -48.33 9.36
N GLY H 64 20.14 -47.46 9.02
CA GLY H 64 19.94 -47.02 7.65
C GLY H 64 20.40 -45.59 7.43
N SER H 65 20.40 -45.19 6.16
CA SER H 65 20.82 -43.85 5.76
C SER H 65 20.52 -43.65 4.29
N GLY H 66 20.35 -42.38 3.90
CA GLY H 66 20.08 -42.03 2.52
C GLY H 66 19.32 -40.72 2.40
N SER H 67 19.72 -39.87 1.45
CA SER H 67 19.18 -38.52 1.37
C SER H 67 18.00 -38.40 0.42
N ALA H 68 18.21 -38.71 -0.86
CA ALA H 68 17.23 -38.46 -1.90
C ALA H 68 16.88 -39.69 -2.71
N THR H 69 17.88 -40.35 -3.29
CA THR H 69 17.66 -41.55 -4.11
C THR H 69 18.58 -42.70 -3.77
N ASP H 70 19.64 -42.49 -2.99
CA ASP H 70 20.56 -43.55 -2.57
C ASP H 70 20.30 -43.84 -1.11
N PHE H 71 19.79 -45.04 -0.84
CA PHE H 71 19.47 -45.47 0.52
C PHE H 71 20.18 -46.79 0.81
N THR H 72 20.75 -46.89 2.00
CA THR H 72 21.56 -48.03 2.39
C THR H 72 21.12 -48.56 3.76
N LEU H 73 21.11 -49.88 3.89
CA LEU H 73 20.90 -50.56 5.17
C LEU H 73 22.18 -51.28 5.53
N THR H 74 22.71 -51.01 6.72
CA THR H 74 24.00 -51.52 7.16
C THR H 74 23.81 -52.36 8.41
N ILE H 75 24.38 -53.56 8.41
CA ILE H 75 24.39 -54.45 9.57
C ILE H 75 25.81 -54.47 10.12
N THR H 76 25.98 -53.97 11.36
CA THR H 76 27.31 -53.88 11.93
C THR H 76 27.93 -55.26 12.13
N SER H 77 27.14 -56.22 12.61
CA SER H 77 27.62 -57.57 12.89
C SER H 77 26.52 -58.55 12.53
N VAL H 78 26.70 -59.25 11.41
CA VAL H 78 25.68 -60.18 10.95
C VAL H 78 25.57 -61.35 11.91
N GLN H 79 24.35 -61.59 12.40
CA GLN H 79 24.06 -62.70 13.29
C GLN H 79 23.36 -63.82 12.51
N ALA H 80 23.12 -64.94 13.19
CA ALA H 80 22.41 -66.04 12.55
C ALA H 80 20.97 -65.66 12.20
N GLU H 81 20.40 -64.69 12.92
CA GLU H 81 19.03 -64.25 12.64
C GLU H 81 18.94 -63.32 11.44
N ASP H 82 20.05 -62.69 11.05
CA ASP H 82 20.04 -61.71 9.98
C ASP H 82 20.10 -62.32 8.58
N LEU H 83 19.86 -63.64 8.45
CA LEU H 83 19.88 -64.31 7.16
C LEU H 83 18.44 -64.39 6.65
N ALA H 84 18.09 -63.48 5.76
CA ALA H 84 16.73 -63.41 5.22
C ALA H 84 16.72 -62.43 4.06
N ASP H 85 15.57 -62.36 3.38
CA ASP H 85 15.38 -61.40 2.31
C ASP H 85 15.01 -60.04 2.87
N TYR H 86 15.60 -58.99 2.29
CA TYR H 86 15.39 -57.62 2.73
C TYR H 86 14.78 -56.79 1.60
N HIS H 87 13.71 -56.07 1.93
CA HIS H 87 12.98 -55.27 0.97
C HIS H 87 13.03 -53.80 1.38
N CYS H 88 13.22 -52.92 0.40
CA CYS H 88 13.12 -51.48 0.60
C CYS H 88 11.91 -50.97 -0.18
N GLY H 89 11.00 -50.30 0.52
CA GLY H 89 9.82 -49.75 -0.10
C GLY H 89 9.74 -48.25 0.08
N GLN H 90 9.08 -47.57 -0.84
CA GLN H 90 8.88 -46.12 -0.77
C GLN H 90 7.40 -45.84 -0.57
N THR H 91 7.11 -44.91 0.34
CA THR H 91 5.75 -44.45 0.58
C THR H 91 5.58 -42.97 0.26
N TYR H 92 6.50 -42.39 -0.51
CA TYR H 92 6.33 -41.02 -0.95
C TYR H 92 5.14 -40.89 -1.89
N ASN H 93 5.11 -41.72 -2.92
CA ASN H 93 3.96 -41.91 -3.79
C ASN H 93 3.30 -43.23 -3.40
N TYR H 94 2.38 -43.70 -4.25
CA TYR H 94 1.77 -45.00 -4.04
C TYR H 94 2.85 -46.05 -3.78
N PRO H 95 2.63 -47.02 -2.89
CA PRO H 95 3.73 -47.90 -2.47
C PRO H 95 4.33 -48.69 -3.63
N THR H 96 5.66 -48.82 -3.59
CA THR H 96 6.40 -49.68 -4.51
C THR H 96 7.61 -50.21 -3.76
N PHE H 97 7.93 -51.48 -3.97
CA PHE H 97 8.98 -52.16 -3.25
C PHE H 97 10.09 -52.56 -4.21
N GLY H 98 11.28 -52.79 -3.65
CA GLY H 98 12.42 -53.20 -4.42
C GLY H 98 12.39 -54.67 -4.76
N GLY H 99 13.39 -55.09 -5.54
CA GLY H 99 13.47 -56.49 -5.94
C GLY H 99 13.65 -57.43 -4.75
N GLY H 100 14.52 -57.05 -3.81
CA GLY H 100 14.71 -57.81 -2.60
C GLY H 100 16.06 -58.49 -2.52
N THR H 101 16.97 -57.91 -1.74
CA THR H 101 18.28 -58.51 -1.51
C THR H 101 18.15 -59.67 -0.54
N LYS H 102 18.95 -60.70 -0.76
CA LYS H 102 19.01 -61.90 0.06
C LYS H 102 20.42 -62.07 0.59
N LEU H 103 20.55 -62.37 1.89
CA LEU H 103 21.84 -62.54 2.53
C LEU H 103 22.19 -64.02 2.61
N GLU H 104 23.43 -64.35 2.26
CA GLU H 104 23.93 -65.71 2.29
C GLU H 104 25.31 -65.72 2.93
N ILE H 105 25.85 -66.93 3.09
CA ILE H 105 27.15 -67.12 3.72
C ILE H 105 28.12 -67.82 2.75
N TYR I 1 -26.07 40.90 1.52
CA TYR I 1 -26.91 39.68 1.46
C TYR I 1 -27.24 39.34 0.01
N ILE I 2 -27.92 38.21 -0.18
CA ILE I 2 -28.34 37.76 -1.50
C ILE I 2 -29.67 38.42 -1.82
N VAL I 3 -29.74 39.10 -2.96
CA VAL I 3 -30.95 39.80 -3.39
C VAL I 3 -31.65 38.92 -4.43
N MET I 4 -32.95 38.73 -4.25
CA MET I 4 -33.78 37.96 -5.17
C MET I 4 -34.57 38.94 -6.03
N THR I 5 -34.47 38.78 -7.35
CA THR I 5 -35.10 39.66 -8.32
C THR I 5 -36.06 38.83 -9.17
N GLN I 6 -37.32 39.24 -9.20
CA GLN I 6 -38.35 38.59 -10.01
C GLN I 6 -38.60 39.44 -11.24
N SER I 7 -38.23 38.90 -12.41
CA SER I 7 -38.21 39.72 -13.62
C SER I 7 -39.58 40.29 -13.99
N PRO I 8 -40.66 39.50 -14.04
CA PRO I 8 -41.96 40.11 -14.35
C PRO I 8 -42.55 40.81 -13.13
N LYS I 9 -42.52 42.14 -13.13
CA LYS I 9 -43.09 42.88 -12.02
C LYS I 9 -44.58 42.67 -11.91
N SER I 10 -45.24 42.47 -13.05
CA SER I 10 -46.67 42.15 -13.09
C SER I 10 -46.92 41.25 -14.28
N MET I 11 -48.02 40.50 -14.21
CA MET I 11 -48.39 39.58 -15.26
C MET I 11 -49.89 39.71 -15.53
N SER I 12 -50.25 39.78 -16.81
CA SER I 12 -51.64 39.96 -17.24
C SER I 12 -52.14 38.74 -18.02
N MET I 13 -51.55 37.58 -17.81
CA MET I 13 -51.96 36.39 -18.54
C MET I 13 -53.42 36.04 -18.24
N SER I 14 -54.15 35.71 -19.29
CA SER I 14 -55.57 35.41 -19.15
C SER I 14 -55.76 34.08 -18.42
N LEU I 15 -56.96 33.90 -17.87
CA LEU I 15 -57.26 32.72 -17.08
C LEU I 15 -57.20 31.47 -17.96
N GLY I 16 -56.59 30.41 -17.43
CA GLY I 16 -56.49 29.15 -18.13
C GLY I 16 -55.30 29.01 -19.06
N GLU I 17 -54.40 29.98 -19.09
CA GLU I 17 -53.23 29.95 -19.94
C GLU I 17 -51.97 29.77 -19.09
N ARG I 18 -51.01 29.02 -19.62
CA ARG I 18 -49.75 28.83 -18.91
C ARG I 18 -49.07 30.17 -18.65
N VAL I 19 -48.63 30.38 -17.41
CA VAL I 19 -47.94 31.60 -17.02
C VAL I 19 -46.69 31.19 -16.23
N THR I 20 -45.57 31.82 -16.56
CA THR I 20 -44.29 31.54 -15.92
C THR I 20 -43.82 32.78 -15.17
N LEU I 21 -43.41 32.57 -13.92
CA LEU I 21 -42.82 33.61 -13.09
C LEU I 21 -41.35 33.27 -12.86
N SER I 22 -40.48 34.26 -13.00
CA SER I 22 -39.04 34.06 -12.87
C SER I 22 -38.53 34.67 -11.56
N CYS I 23 -37.44 34.10 -11.06
CA CYS I 23 -36.81 34.56 -9.83
C CYS I 23 -35.30 34.38 -9.97
N ARG I 24 -34.57 35.49 -9.89
CA ARG I 24 -33.13 35.50 -10.10
C ARG I 24 -32.42 35.81 -8.79
N ALA I 25 -31.40 35.02 -8.47
CA ALA I 25 -30.57 35.24 -7.30
C ALA I 25 -29.21 35.79 -7.75
N SER I 26 -28.71 36.79 -7.03
CA SER I 26 -27.47 37.44 -7.43
C SER I 26 -26.31 36.46 -7.40
N GLU I 27 -26.24 35.59 -6.40
CA GLU I 27 -25.19 34.60 -6.26
C GLU I 27 -25.81 33.25 -5.96
N TYR I 28 -24.95 32.24 -5.80
CA TYR I 28 -25.39 30.87 -5.60
C TYR I 28 -26.29 30.75 -4.39
N VAL I 29 -27.41 30.03 -4.56
CA VAL I 29 -28.33 29.74 -3.47
C VAL I 29 -28.67 28.26 -3.45
N GLY I 30 -27.96 27.45 -4.24
CA GLY I 30 -28.26 26.02 -4.29
C GLY I 30 -29.70 25.78 -4.71
N SER I 31 -30.37 24.90 -3.97
CA SER I 31 -31.77 24.56 -4.21
C SER I 31 -32.65 25.00 -3.05
N TYR I 32 -32.23 26.03 -2.31
CA TYR I 32 -32.95 26.50 -1.14
C TYR I 32 -33.90 27.64 -1.45
N VAL I 33 -34.46 27.66 -2.66
CA VAL I 33 -35.41 28.69 -3.07
C VAL I 33 -36.82 28.17 -2.81
N SER I 34 -37.65 29.02 -2.19
CA SER I 34 -39.02 28.68 -1.87
C SER I 34 -39.94 29.76 -2.43
N TRP I 35 -41.16 29.35 -2.80
CA TRP I 35 -42.16 30.24 -3.38
C TRP I 35 -43.34 30.36 -2.44
N TYR I 36 -43.77 31.59 -2.19
CA TYR I 36 -44.90 31.88 -1.32
C TYR I 36 -45.93 32.71 -2.07
N GLN I 37 -47.20 32.37 -1.88
CA GLN I 37 -48.33 33.10 -2.45
C GLN I 37 -48.99 33.90 -1.34
N GLN I 38 -49.20 35.19 -1.59
CA GLN I 38 -49.78 36.10 -0.60
C GLN I 38 -50.99 36.78 -1.22
N LYS I 39 -52.18 36.23 -0.96
CA LYS I 39 -53.41 36.89 -1.36
C LYS I 39 -53.57 38.18 -0.56
N PRO I 40 -54.35 39.14 -1.07
CA PRO I 40 -54.48 40.43 -0.37
C PRO I 40 -55.01 40.25 1.05
N GLU I 41 -54.40 40.99 1.98
CA GLU I 41 -54.75 40.90 3.40
C GLU I 41 -54.59 39.47 3.93
N GLN I 42 -53.52 38.80 3.51
CA GLN I 42 -53.22 37.46 3.96
C GLN I 42 -51.72 37.31 4.17
N SER I 43 -51.34 36.37 5.03
CA SER I 43 -49.95 36.03 5.23
C SER I 43 -49.45 35.18 4.07
N PRO I 44 -48.13 35.06 3.88
CA PRO I 44 -47.62 34.19 2.83
C PRO I 44 -48.01 32.74 3.05
N LYS I 45 -48.20 32.03 1.93
CA LYS I 45 -48.57 30.62 1.93
C LYS I 45 -47.51 29.85 1.15
N LEU I 46 -46.87 28.88 1.81
CA LEU I 46 -45.83 28.11 1.15
C LEU I 46 -46.42 27.25 0.04
N LEU I 47 -45.83 27.35 -1.16
CA LEU I 47 -46.25 26.54 -2.30
C LEU I 47 -45.16 25.59 -2.76
N ILE I 48 -43.97 26.09 -3.06
CA ILE I 48 -42.85 25.31 -3.55
C ILE I 48 -41.68 25.52 -2.62
N TYR I 49 -41.04 24.43 -2.20
CA TYR I 49 -39.79 24.47 -1.45
C TYR I 49 -38.78 23.61 -2.17
N GLY I 50 -37.50 23.86 -1.89
CA GLY I 50 -36.46 23.13 -2.56
C GLY I 50 -36.26 23.49 -4.02
N ALA I 51 -36.99 24.49 -4.51
CA ALA I 51 -36.92 24.95 -5.90
C ALA I 51 -37.57 23.96 -6.86
N SER I 52 -38.05 22.82 -6.36
CA SER I 52 -38.75 21.84 -7.18
C SER I 52 -39.82 21.06 -6.43
N ASN I 53 -39.72 20.93 -5.11
CA ASN I 53 -40.66 20.12 -4.35
C ASN I 53 -41.90 20.94 -4.02
N ARG I 54 -43.06 20.29 -4.05
CA ARG I 54 -44.34 20.93 -3.83
C ARG I 54 -44.81 20.65 -2.42
N TYR I 55 -45.13 21.71 -1.68
CA TYR I 55 -45.57 21.56 -0.30
C TYR I 55 -46.89 20.78 -0.26
N THR I 56 -47.06 20.00 0.79
CA THR I 56 -48.24 19.15 0.90
C THR I 56 -49.50 20.00 0.96
N GLY I 57 -50.54 19.53 0.27
CA GLY I 57 -51.79 20.24 0.21
C GLY I 57 -51.87 21.33 -0.83
N VAL I 58 -50.89 21.42 -1.72
CA VAL I 58 -50.87 22.42 -2.78
C VAL I 58 -51.40 21.78 -4.06
N PRO I 59 -52.17 22.48 -4.89
CA PRO I 59 -52.59 21.87 -6.16
C PRO I 59 -51.41 21.51 -7.04
N ASP I 60 -51.57 20.43 -7.81
CA ASP I 60 -50.49 19.91 -8.64
C ASP I 60 -50.16 20.81 -9.82
N ARG I 61 -50.97 21.84 -10.09
CA ARG I 61 -50.67 22.72 -11.22
C ARG I 61 -49.35 23.45 -11.00
N PHE I 62 -49.07 23.87 -9.78
CA PHE I 62 -47.82 24.56 -9.49
C PHE I 62 -46.64 23.62 -9.66
N ALA I 63 -45.59 24.10 -10.32
CA ALA I 63 -44.40 23.28 -10.57
C ALA I 63 -43.21 24.20 -10.70
N GLY I 64 -42.42 24.32 -9.64
CA GLY I 64 -41.20 25.08 -9.69
C GLY I 64 -40.03 24.25 -10.20
N SER I 65 -38.97 24.96 -10.57
CA SER I 65 -37.76 24.33 -11.07
C SER I 65 -36.71 25.42 -11.26
N GLY I 66 -35.46 24.98 -11.46
CA GLY I 66 -34.39 25.92 -11.75
C GLY I 66 -33.07 25.56 -11.10
N SER I 67 -31.98 25.80 -11.82
CA SER I 67 -30.65 25.66 -11.26
C SER I 67 -30.31 26.91 -10.44
N ALA I 68 -29.08 26.96 -9.93
CA ALA I 68 -28.65 28.09 -9.13
C ALA I 68 -28.71 29.38 -9.96
N THR I 69 -29.23 30.43 -9.34
CA THR I 69 -29.38 31.79 -9.87
C THR I 69 -30.49 31.91 -10.91
N ASP I 70 -31.16 30.82 -11.30
CA ASP I 70 -32.24 30.87 -12.28
C ASP I 70 -33.35 29.96 -11.79
N PHE I 71 -34.42 30.54 -11.25
CA PHE I 71 -35.54 29.79 -10.69
C PHE I 71 -36.84 30.33 -11.27
N THR I 72 -37.74 29.42 -11.63
CA THR I 72 -39.01 29.76 -12.25
C THR I 72 -40.14 29.00 -11.59
N LEU I 73 -41.30 29.65 -11.47
CA LEU I 73 -42.53 29.02 -11.03
C LEU I 73 -43.51 29.10 -12.19
N THR I 74 -43.90 27.95 -12.73
CA THR I 74 -44.80 27.86 -13.86
C THR I 74 -46.15 27.34 -13.38
N ILE I 75 -47.21 28.05 -13.73
CA ILE I 75 -48.59 27.62 -13.49
C ILE I 75 -49.14 27.19 -14.85
N THR I 76 -49.42 25.90 -15.00
CA THR I 76 -49.83 25.39 -16.30
C THR I 76 -51.15 26.00 -16.75
N SER I 77 -52.12 26.11 -15.84
CA SER I 77 -53.42 26.71 -16.14
C SER I 77 -53.86 27.50 -14.92
N VAL I 78 -53.57 28.81 -14.93
CA VAL I 78 -53.98 29.66 -13.82
C VAL I 78 -55.50 29.65 -13.71
N GLN I 79 -55.99 29.53 -12.49
CA GLN I 79 -57.42 29.48 -12.20
C GLN I 79 -57.83 30.73 -11.45
N ALA I 80 -59.13 30.80 -11.12
CA ALA I 80 -59.69 32.00 -10.51
C ALA I 80 -59.21 32.24 -9.08
N GLU I 81 -58.54 31.27 -8.46
CA GLU I 81 -58.05 31.40 -7.10
C GLU I 81 -56.54 31.59 -7.01
N ASP I 82 -55.83 31.60 -8.14
CA ASP I 82 -54.40 31.78 -8.18
C ASP I 82 -53.98 33.24 -8.41
N LEU I 83 -54.92 34.18 -8.40
CA LEU I 83 -54.61 35.59 -8.63
C LEU I 83 -54.16 36.20 -7.31
N ALA I 84 -52.87 36.50 -7.20
CA ALA I 84 -52.31 37.07 -5.99
C ALA I 84 -50.85 37.41 -6.25
N ASP I 85 -50.22 38.07 -5.28
CA ASP I 85 -48.80 38.34 -5.34
C ASP I 85 -48.01 37.10 -4.95
N TYR I 86 -46.92 36.85 -5.68
CA TYR I 86 -46.08 35.69 -5.47
C TYR I 86 -44.70 36.15 -5.02
N HIS I 87 -44.18 35.52 -3.98
CA HIS I 87 -42.88 35.86 -3.40
C HIS I 87 -41.95 34.66 -3.51
N CYS I 88 -40.73 34.90 -3.99
CA CYS I 88 -39.66 33.91 -3.98
C CYS I 88 -38.61 34.34 -2.98
N GLY I 89 -38.18 33.41 -2.14
CA GLY I 89 -37.14 33.68 -1.17
C GLY I 89 -36.08 32.60 -1.20
N GLN I 90 -34.93 32.93 -0.63
CA GLN I 90 -33.81 32.01 -0.50
C GLN I 90 -33.46 31.86 0.97
N THR I 91 -33.14 30.63 1.37
CA THR I 91 -32.67 30.34 2.72
C THR I 91 -31.28 29.71 2.72
N TYR I 92 -30.55 29.81 1.60
CA TYR I 92 -29.17 29.35 1.58
C TYR I 92 -28.30 30.17 2.52
N ASN I 93 -28.69 31.40 2.80
CA ASN I 93 -27.99 32.28 3.73
C ASN I 93 -29.09 32.97 4.53
N TYR I 94 -28.76 34.07 5.19
CA TYR I 94 -29.77 34.83 5.91
C TYR I 94 -30.93 35.16 4.97
N PRO I 95 -32.18 34.90 5.36
CA PRO I 95 -33.26 34.86 4.38
C PRO I 95 -33.56 36.24 3.79
N THR I 96 -33.57 36.31 2.47
CA THR I 96 -33.93 37.52 1.74
C THR I 96 -34.95 37.15 0.67
N PHE I 97 -36.08 37.85 0.67
CA PHE I 97 -37.14 37.60 -0.29
C PHE I 97 -36.98 38.53 -1.49
N GLY I 98 -37.74 38.21 -2.54
CA GLY I 98 -37.76 39.01 -3.75
C GLY I 98 -39.00 39.88 -3.84
N GLY I 99 -38.93 40.86 -4.72
CA GLY I 99 -40.08 41.71 -4.98
C GLY I 99 -41.26 40.91 -5.47
N GLY I 100 -42.43 41.13 -4.87
CA GLY I 100 -43.59 40.33 -5.23
C GLY I 100 -43.99 40.53 -6.68
N THR I 101 -44.48 39.46 -7.29
CA THR I 101 -44.99 39.46 -8.64
C THR I 101 -46.49 39.23 -8.60
N LYS I 102 -47.25 40.17 -9.16
CA LYS I 102 -48.70 40.14 -9.12
C LYS I 102 -49.25 39.65 -10.45
N LEU I 103 -50.37 38.93 -10.39
CA LEU I 103 -51.04 38.38 -11.56
C LEU I 103 -52.38 39.08 -11.78
N GLU I 104 -52.74 39.20 -13.05
CA GLU I 104 -53.97 39.88 -13.45
C GLU I 104 -54.48 39.23 -14.72
N ILE I 105 -55.75 39.49 -15.03
CA ILE I 105 -56.39 38.94 -16.22
C ILE I 105 -56.90 40.08 -17.11
#